data_8XFD
#
_entry.id   8XFD
#
_cell.length_a   84.930
_cell.length_b   86.962
_cell.length_c   91.554
_cell.angle_alpha   76.780
_cell.angle_beta   66.880
_cell.angle_gamma   80.220
#
_symmetry.space_group_name_H-M   'P 1'
#
loop_
_entity.id
_entity.type
_entity.pdbx_description
1 polymer 'Isoform L-type of Pyruvate kinase PKLR'
2 non-polymer 'MAGNESIUM ION'
3 non-polymer 1,6-di-O-phosphono-beta-D-fructofuranose
4 non-polymer mitapivat
5 water water
#
_entity_poly.entity_id   1
_entity_poly.type   'polypeptide(L)'
_entity_poly.pdbx_seq_one_letter_code
;MEGPAGYLRRASVAQLTQELGTAFFQQQQLPAAMADTFLEHLCLLDIDSEPVAARSTSIIATIGPASRSVERLKEMIKAG
MNIARLNFSHGSHEYHAESIANVREAVESFAGSPLSYRPVAIALDTKGPEIRTGILQGGPESEVELVKGSQVLVTVDPAF
RTRGNANTVWVDYPNIVRVVPVGGRIYIDDGLISLVVQKIGPEGLVTQVENGGVLGSRKGVNLPGAQVDLPGLSEQDVRD
LRFGVEHGVDIVFASFVRKASDVAAVRAALGPEGHGIKIISKIENHEGVKRFDEILEVSDGIMVARGDLGIEIPAEKVFL
AQKMMIGRCNLAGKPVVCATQMLESMITKPRPTRAETSDVANAVLDGADCIMLSGETAKGNFPVEAVKMQHAIAREAEAA
VYHRQLFEELRRAAPLSRDPTEVTAIGAVEAAFKCCAAAIIVLTTTGRSAQLLSRYRPRAAVIAVTRSAQAARQVHLCRG
VFPLLYREPPEAIWADDVDRRVQFGIESGKLRGFLRVGDLVIVVTGWRPGSGYTNIMRVLSIS
;
_entity_poly.pdbx_strand_id   A,B,C,D
#
# COMPACT_ATOMS: atom_id res chain seq x y z
N GLN A 26 -0.13 18.43 -17.18
CA GLN A 26 0.46 19.46 -16.39
C GLN A 26 -0.63 19.86 -15.40
N GLN A 27 -1.89 19.87 -15.85
CA GLN A 27 -2.94 20.41 -14.98
C GLN A 27 -3.92 19.37 -14.44
N GLN A 28 -4.96 19.86 -13.78
CA GLN A 28 -5.83 19.05 -12.92
C GLN A 28 -5.02 18.35 -11.84
N GLN A 29 -3.86 18.92 -11.49
CA GLN A 29 -2.93 18.32 -10.52
C GLN A 29 -2.55 16.88 -10.91
N LEU A 30 -2.50 16.61 -12.22
CA LEU A 30 -2.15 15.26 -12.69
C LEU A 30 -0.76 14.77 -12.28
N PRO A 31 0.29 15.62 -12.24
CA PRO A 31 1.59 15.15 -11.72
C PRO A 31 1.48 14.57 -10.32
N ALA A 32 0.66 15.17 -9.45
CA ALA A 32 0.42 14.60 -8.13
C ALA A 32 -0.55 13.42 -8.17
N ALA A 33 -1.33 13.28 -9.24
CA ALA A 33 -2.26 12.16 -9.35
C ALA A 33 -1.51 10.85 -9.49
N MET A 34 -0.36 10.87 -10.17
CA MET A 34 0.37 9.62 -10.32
C MET A 34 1.40 9.37 -9.21
N ALA A 35 1.14 9.81 -7.97
CA ALA A 35 2.12 9.65 -6.91
C ALA A 35 2.02 8.27 -6.27
N ASP A 36 3.15 7.81 -5.70
CA ASP A 36 3.18 6.49 -5.10
C ASP A 36 2.76 6.48 -3.63
N THR A 37 2.83 7.63 -2.95
CA THR A 37 2.40 7.77 -1.56
C THR A 37 1.60 9.06 -1.40
N PHE A 38 0.81 9.12 -0.31
CA PHE A 38 0.08 10.35 -0.02
C PHE A 38 1.03 11.51 0.25
N LEU A 39 2.14 11.25 0.95
CA LEU A 39 3.12 12.30 1.22
C LEU A 39 3.69 12.85 -0.08
N GLU A 40 4.08 11.96 -1.00
CA GLU A 40 4.56 12.40 -2.31
C GLU A 40 3.45 13.13 -3.08
N HIS A 41 2.21 12.64 -2.99
CA HIS A 41 1.09 13.34 -3.62
C HIS A 41 1.02 14.79 -3.18
N LEU A 42 1.05 15.00 -1.85
CA LEU A 42 1.07 16.36 -1.29
C LEU A 42 2.27 17.16 -1.78
N CYS A 43 3.44 16.52 -1.83
CA CYS A 43 4.66 17.20 -2.29
C CYS A 43 4.57 17.64 -3.75
N LEU A 44 3.73 16.98 -4.55
CA LEU A 44 3.67 17.22 -5.98
C LEU A 44 2.59 18.22 -6.37
N LEU A 45 1.85 18.76 -5.40
CA LEU A 45 0.83 19.76 -5.68
C LEU A 45 1.45 21.03 -6.24
N ASP A 46 0.78 21.64 -7.21
CA ASP A 46 1.34 22.74 -7.98
C ASP A 46 0.29 23.84 -8.10
N ILE A 47 0.60 25.03 -7.57
CA ILE A 47 -0.30 26.15 -7.71
C ILE A 47 -0.39 26.66 -9.15
N ASP A 48 0.50 26.20 -10.03
CA ASP A 48 0.41 26.53 -11.45
C ASP A 48 -0.36 25.48 -12.23
N SER A 49 -0.68 24.35 -11.61
CA SER A 49 -1.52 23.36 -12.27
C SER A 49 -2.96 23.84 -12.22
N GLU A 50 -3.51 24.23 -13.36
CA GLU A 50 -4.81 24.87 -13.28
C GLU A 50 -5.94 23.84 -13.35
N PRO A 51 -6.99 24.01 -12.56
CA PRO A 51 -8.14 23.11 -12.69
C PRO A 51 -8.82 23.30 -14.04
N VAL A 52 -9.19 22.19 -14.65
CA VAL A 52 -9.77 22.18 -15.98
C VAL A 52 -11.17 21.62 -15.96
N ALA A 53 -11.40 20.62 -15.12
CA ALA A 53 -12.72 20.03 -14.99
C ALA A 53 -13.67 21.07 -14.39
N ALA A 54 -14.97 20.81 -14.57
CA ALA A 54 -16.01 21.62 -13.94
C ALA A 54 -16.02 21.34 -12.44
N ARG A 55 -16.59 22.29 -11.69
CA ARG A 55 -16.66 22.16 -10.23
C ARG A 55 -17.67 21.08 -9.82
N SER A 56 -17.21 20.11 -9.02
CA SER A 56 -17.99 18.93 -8.71
C SER A 56 -18.70 18.99 -7.36
N THR A 57 -18.20 19.76 -6.40
CA THR A 57 -18.84 19.88 -5.09
C THR A 57 -20.01 20.87 -5.20
N SER A 58 -21.21 20.42 -4.88
CA SER A 58 -22.35 21.32 -4.99
C SER A 58 -22.33 22.38 -3.88
N ILE A 59 -22.87 23.55 -4.21
CA ILE A 59 -22.88 24.70 -3.31
C ILE A 59 -24.31 24.97 -2.88
N ILE A 60 -24.56 24.94 -1.57
CA ILE A 60 -25.86 25.29 -0.99
C ILE A 60 -25.79 26.72 -0.48
N ALA A 61 -26.73 27.56 -0.94
CA ALA A 61 -26.81 28.95 -0.51
C ALA A 61 -28.08 29.16 0.30
N THR A 62 -27.94 29.79 1.47
CA THR A 62 -29.09 30.08 2.32
C THR A 62 -29.79 31.35 1.84
N ILE A 63 -31.10 31.27 1.65
CA ILE A 63 -31.88 32.39 1.13
C ILE A 63 -32.24 33.34 2.27
N GLY A 64 -32.04 34.64 2.04
CA GLY A 64 -32.42 35.67 3.00
C GLY A 64 -32.56 37.03 2.34
N PRO A 65 -32.62 38.09 3.14
CA PRO A 65 -32.77 39.43 2.57
C PRO A 65 -31.69 39.77 1.54
N ALA A 66 -30.47 39.25 1.73
CA ALA A 66 -29.38 39.53 0.80
C ALA A 66 -29.47 38.72 -0.49
N SER A 67 -30.40 37.76 -0.59
CA SER A 67 -30.39 36.82 -1.71
C SER A 67 -31.81 36.38 -2.07
N ARG A 68 -32.76 37.32 -2.08
CA ARG A 68 -34.15 36.99 -2.36
C ARG A 68 -34.66 37.59 -3.66
N SER A 69 -34.05 38.66 -4.16
CA SER A 69 -34.52 39.25 -5.40
C SER A 69 -34.15 38.36 -6.58
N VAL A 70 -35.01 38.38 -7.60
CA VAL A 70 -34.82 37.54 -8.78
C VAL A 70 -33.48 37.86 -9.44
N GLU A 71 -33.14 39.15 -9.53
CA GLU A 71 -31.88 39.55 -10.17
C GLU A 71 -30.68 39.03 -9.38
N ARG A 72 -30.73 39.17 -8.07
CA ARG A 72 -29.66 38.63 -7.23
C ARG A 72 -29.55 37.12 -7.40
N LEU A 73 -30.68 36.42 -7.50
CA LEU A 73 -30.64 34.98 -7.63
C LEU A 73 -30.08 34.55 -8.98
N LYS A 74 -30.36 35.32 -10.03
CA LYS A 74 -29.71 35.08 -11.31
C LYS A 74 -28.20 35.19 -11.17
N GLU A 75 -27.73 36.24 -10.47
CA GLU A 75 -26.29 36.38 -10.22
C GLU A 75 -25.73 35.15 -9.50
N MET A 76 -26.49 34.65 -8.52
CA MET A 76 -26.00 33.54 -7.69
C MET A 76 -26.02 32.23 -8.44
N ILE A 77 -27.02 32.02 -9.30
CA ILE A 77 -27.02 30.85 -10.17
C ILE A 77 -25.80 30.86 -11.07
N LYS A 78 -25.55 32.01 -11.73
CA LYS A 78 -24.39 32.12 -12.61
C LYS A 78 -23.09 31.95 -11.84
N ALA A 79 -23.09 32.31 -10.55
CA ALA A 79 -21.90 32.16 -9.71
C ALA A 79 -21.66 30.71 -9.33
N GLY A 80 -22.70 29.88 -9.32
CA GLY A 80 -22.48 28.47 -9.05
C GLY A 80 -23.41 27.83 -8.03
N MET A 81 -24.43 28.55 -7.56
CA MET A 81 -25.37 27.97 -6.59
C MET A 81 -26.14 26.80 -7.20
N ASN A 82 -26.16 25.66 -6.50
CA ASN A 82 -26.88 24.50 -6.98
C ASN A 82 -28.14 24.17 -6.18
N ILE A 83 -28.18 24.56 -4.90
CA ILE A 83 -29.26 24.22 -3.98
C ILE A 83 -29.63 25.47 -3.18
N ALA A 84 -30.90 25.84 -3.21
CA ALA A 84 -31.38 26.95 -2.39
C ALA A 84 -31.94 26.39 -1.09
N ARG A 85 -31.41 26.86 0.03
CA ARG A 85 -31.83 26.42 1.35
C ARG A 85 -32.70 27.50 1.99
N LEU A 86 -33.89 27.10 2.44
CA LEU A 86 -34.80 27.97 3.18
C LEU A 86 -34.78 27.57 4.65
N ASN A 87 -34.34 28.52 5.50
CA ASN A 87 -34.23 28.31 6.94
C ASN A 87 -35.56 28.68 7.60
N PHE A 88 -36.32 27.66 7.94
CA PHE A 88 -37.61 27.86 8.58
C PHE A 88 -37.49 28.12 10.08
N SER A 89 -36.28 28.36 10.62
CA SER A 89 -36.19 28.79 12.01
C SER A 89 -36.93 30.11 12.26
N HIS A 90 -37.00 30.97 11.24
CA HIS A 90 -37.77 32.21 11.33
C HIS A 90 -38.42 32.45 9.98
N GLY A 91 -39.40 33.36 9.95
CA GLY A 91 -40.06 33.71 8.71
C GLY A 91 -41.36 32.97 8.48
N SER A 92 -42.38 33.69 8.02
CA SER A 92 -43.70 33.12 7.82
C SER A 92 -43.75 32.27 6.54
N HIS A 93 -44.85 31.53 6.42
CA HIS A 93 -45.07 30.69 5.25
C HIS A 93 -45.09 31.52 3.96
N GLU A 94 -45.69 32.71 4.01
CA GLU A 94 -45.78 33.57 2.83
C GLU A 94 -44.40 34.10 2.42
N TYR A 95 -43.54 34.38 3.39
CA TYR A 95 -42.17 34.80 3.10
C TYR A 95 -41.41 33.71 2.34
N HIS A 96 -41.49 32.47 2.82
CA HIS A 96 -40.76 31.40 2.15
C HIS A 96 -41.38 31.05 0.81
N ALA A 97 -42.70 31.24 0.68
CA ALA A 97 -43.33 31.09 -0.61
C ALA A 97 -42.78 32.13 -1.59
N GLU A 98 -42.56 33.35 -1.11
CA GLU A 98 -41.96 34.36 -1.99
C GLU A 98 -40.53 33.99 -2.37
N SER A 99 -39.77 33.43 -1.42
CA SER A 99 -38.43 32.96 -1.73
C SER A 99 -38.47 31.90 -2.82
N ILE A 100 -39.38 30.93 -2.69
CA ILE A 100 -39.51 29.86 -3.66
C ILE A 100 -39.85 30.42 -5.04
N ALA A 101 -40.82 31.34 -5.08
CA ALA A 101 -41.23 31.92 -6.36
C ALA A 101 -40.06 32.66 -7.03
N ASN A 102 -39.30 33.42 -6.25
CA ASN A 102 -38.19 34.18 -6.82
C ASN A 102 -37.08 33.26 -7.33
N VAL A 103 -36.72 32.24 -6.55
CA VAL A 103 -35.72 31.27 -7.00
C VAL A 103 -36.18 30.59 -8.28
N ARG A 104 -37.45 30.19 -8.34
CA ARG A 104 -37.92 29.47 -9.52
C ARG A 104 -37.96 30.40 -10.73
N GLU A 105 -38.33 31.67 -10.54
CA GLU A 105 -38.30 32.63 -11.65
C GLU A 105 -36.88 32.80 -12.18
N ALA A 106 -35.91 32.94 -11.27
CA ALA A 106 -34.51 33.06 -11.68
C ALA A 106 -34.03 31.81 -12.42
N VAL A 107 -34.41 30.63 -11.92
CA VAL A 107 -33.97 29.39 -12.53
C VAL A 107 -34.57 29.23 -13.92
N GLU A 108 -35.89 29.43 -14.05
CA GLU A 108 -36.53 29.21 -15.34
C GLU A 108 -36.23 30.30 -16.34
N SER A 109 -35.70 31.46 -15.92
CA SER A 109 -35.26 32.46 -16.90
C SER A 109 -34.17 31.94 -17.83
N PHE A 110 -33.44 30.88 -17.46
CA PHE A 110 -32.41 30.31 -18.30
C PHE A 110 -32.90 29.14 -19.13
N ALA A 111 -34.20 28.82 -19.05
CA ALA A 111 -34.71 27.64 -19.74
C ALA A 111 -34.75 27.84 -21.24
N GLY A 112 -34.69 29.08 -21.73
CA GLY A 112 -34.69 29.37 -23.15
C GLY A 112 -33.45 28.87 -23.88
N SER A 113 -32.40 28.47 -23.17
CA SER A 113 -31.21 27.86 -23.76
C SER A 113 -31.03 26.49 -23.12
N PRO A 114 -31.69 25.46 -23.66
CA PRO A 114 -31.70 24.15 -22.98
C PRO A 114 -30.32 23.54 -22.80
N LEU A 115 -29.37 23.80 -23.71
CA LEU A 115 -28.04 23.21 -23.61
C LEU A 115 -27.22 23.80 -22.47
N SER A 116 -27.66 24.94 -21.92
CA SER A 116 -26.95 25.63 -20.84
C SER A 116 -27.76 25.74 -19.55
N TYR A 117 -29.06 25.39 -19.57
CA TYR A 117 -29.91 25.46 -18.39
C TYR A 117 -29.32 24.69 -17.23
N ARG A 118 -29.26 25.31 -16.06
CA ARG A 118 -28.77 24.66 -14.84
C ARG A 118 -29.93 24.40 -13.90
N PRO A 119 -30.28 23.13 -13.62
CA PRO A 119 -31.26 22.86 -12.56
C PRO A 119 -30.75 23.36 -11.21
N VAL A 120 -31.68 23.78 -10.36
CA VAL A 120 -31.38 24.21 -8.99
C VAL A 120 -32.42 23.60 -8.04
N ALA A 121 -31.93 22.91 -7.01
CA ALA A 121 -32.82 22.30 -6.03
C ALA A 121 -33.22 23.31 -4.96
N ILE A 122 -34.33 23.04 -4.29
CA ILE A 122 -34.80 23.84 -3.17
C ILE A 122 -34.91 22.92 -1.97
N ALA A 123 -34.24 23.27 -0.88
CA ALA A 123 -34.23 22.46 0.32
C ALA A 123 -34.87 23.24 1.47
N LEU A 124 -35.76 22.57 2.19
CA LEU A 124 -36.42 23.12 3.36
C LEU A 124 -35.66 22.66 4.61
N ASP A 125 -35.14 23.61 5.39
CA ASP A 125 -34.44 23.35 6.64
C ASP A 125 -35.39 23.58 7.82
N THR A 126 -35.75 22.52 8.52
CA THR A 126 -36.79 22.64 9.54
C THR A 126 -36.28 23.41 10.77
N LYS A 127 -37.21 24.05 11.48
CA LYS A 127 -36.85 24.75 12.71
C LYS A 127 -36.32 23.78 13.75
N GLY A 128 -37.01 22.67 13.97
CA GLY A 128 -36.54 21.67 14.89
C GLY A 128 -36.93 22.02 16.32
N PRO A 129 -36.77 21.05 17.22
CA PRO A 129 -37.02 21.33 18.65
C PRO A 129 -36.02 22.34 19.17
N GLU A 130 -36.49 23.22 20.03
CA GLU A 130 -35.65 24.29 20.56
C GLU A 130 -35.93 24.48 22.04
N ILE A 131 -34.94 25.04 22.71
CA ILE A 131 -35.10 25.62 24.03
C ILE A 131 -34.82 27.10 23.87
N ARG A 132 -35.74 27.93 24.36
CA ARG A 132 -35.67 29.38 24.17
C ARG A 132 -35.84 30.11 25.49
N THR A 133 -35.22 31.29 25.58
CA THR A 133 -35.40 32.20 26.70
C THR A 133 -36.76 32.89 26.60
N GLY A 134 -37.07 33.73 27.60
CA GLY A 134 -38.36 34.37 27.67
C GLY A 134 -38.42 35.65 26.87
N ILE A 135 -39.60 36.24 26.85
CA ILE A 135 -39.80 37.54 26.22
C ILE A 135 -39.40 38.62 27.21
N LEU A 136 -38.52 39.51 26.78
CA LEU A 136 -38.07 40.61 27.63
C LEU A 136 -39.16 41.70 27.72
N PRO A 140 -40.85 44.56 21.97
CA PRO A 140 -40.48 43.82 20.75
C PRO A 140 -38.99 43.59 20.65
N GLU A 141 -38.25 44.63 20.23
CA GLU A 141 -36.79 44.57 20.16
C GLU A 141 -36.14 45.16 21.41
N SER A 142 -36.74 44.95 22.58
CA SER A 142 -36.05 45.29 23.82
C SER A 142 -34.84 44.37 23.97
N GLU A 143 -33.81 44.89 24.64
CA GLU A 143 -32.56 44.16 24.78
C GLU A 143 -31.96 44.45 26.15
N VAL A 144 -31.19 43.48 26.65
CA VAL A 144 -30.51 43.61 27.94
C VAL A 144 -29.08 43.09 27.80
N GLU A 145 -28.16 43.71 28.54
CA GLU A 145 -26.76 43.30 28.49
C GLU A 145 -26.47 42.36 29.65
N LEU A 146 -25.92 41.18 29.35
CA LEU A 146 -25.43 40.27 30.37
C LEU A 146 -23.92 40.48 30.48
N VAL A 147 -23.47 41.03 31.61
CA VAL A 147 -22.10 41.49 31.77
C VAL A 147 -21.24 40.36 32.30
N LYS A 148 -20.08 40.18 31.69
CA LYS A 148 -19.14 39.16 32.14
C LYS A 148 -18.78 39.35 33.61
N GLY A 149 -18.77 38.26 34.37
CA GLY A 149 -18.41 38.29 35.76
C GLY A 149 -19.54 38.58 36.73
N SER A 150 -20.75 38.78 36.24
CA SER A 150 -21.89 39.10 37.08
C SER A 150 -22.72 37.84 37.35
N GLN A 151 -23.65 37.99 38.29
CA GLN A 151 -24.53 36.90 38.70
C GLN A 151 -25.84 36.97 37.91
N VAL A 152 -26.27 35.82 37.40
CA VAL A 152 -27.48 35.72 36.59
C VAL A 152 -28.28 34.53 37.07
N LEU A 153 -29.57 34.74 37.31
CA LEU A 153 -30.46 33.67 37.77
C LEU A 153 -31.17 33.04 36.58
N VAL A 154 -30.99 31.74 36.40
CA VAL A 154 -31.75 31.00 35.40
C VAL A 154 -32.93 30.34 36.11
N THR A 155 -34.14 30.72 35.71
CA THR A 155 -35.35 30.28 36.39
C THR A 155 -36.35 29.67 35.41
N VAL A 156 -37.14 28.73 35.93
CA VAL A 156 -38.26 28.16 35.21
C VAL A 156 -39.57 28.39 35.95
N ASP A 157 -39.57 29.30 36.92
CA ASP A 157 -40.79 29.73 37.58
C ASP A 157 -41.72 30.38 36.56
N PRO A 158 -42.93 29.85 36.35
CA PRO A 158 -43.85 30.48 35.37
C PRO A 158 -44.21 31.91 35.72
N ALA A 159 -44.00 32.34 36.96
CA ALA A 159 -44.24 33.72 37.32
C ALA A 159 -43.15 34.64 36.77
N PHE A 160 -41.98 34.10 36.46
CA PHE A 160 -40.87 34.88 35.93
C PHE A 160 -40.79 34.82 34.40
N ARG A 161 -41.82 34.27 33.74
CA ARG A 161 -41.80 34.08 32.29
C ARG A 161 -41.48 35.37 31.53
N THR A 162 -42.10 36.48 31.93
CA THR A 162 -41.90 37.73 31.22
C THR A 162 -41.00 38.70 31.97
N ARG A 163 -40.28 38.24 32.99
CA ARG A 163 -39.49 39.13 33.84
C ARG A 163 -37.99 38.97 33.62
N GLY A 164 -37.58 38.79 32.36
CA GLY A 164 -36.15 38.68 32.06
C GLY A 164 -35.47 40.03 32.17
N ASN A 165 -34.26 40.02 32.71
CA ASN A 165 -33.49 41.23 32.89
C ASN A 165 -32.02 40.86 32.87
N ALA A 166 -31.16 41.80 33.28
CA ALA A 166 -29.72 41.59 33.24
C ALA A 166 -29.24 40.51 34.18
N ASN A 167 -30.01 40.18 35.21
CA ASN A 167 -29.61 39.18 36.20
C ASN A 167 -30.57 38.00 36.24
N THR A 168 -31.56 37.96 35.35
CA THR A 168 -32.55 36.89 35.37
C THR A 168 -32.90 36.45 33.96
N VAL A 169 -32.84 35.14 33.72
CA VAL A 169 -33.24 34.54 32.46
C VAL A 169 -34.22 33.41 32.72
N TRP A 170 -35.37 33.48 32.09
CA TRP A 170 -36.36 32.42 32.16
C TRP A 170 -36.26 31.58 30.90
N VAL A 171 -36.51 30.29 31.06
CA VAL A 171 -36.36 29.34 29.96
C VAL A 171 -37.60 28.47 29.89
N ASP A 172 -38.01 28.11 28.66
CA ASP A 172 -39.22 27.34 28.41
C ASP A 172 -38.99 25.83 28.50
N TYR A 173 -37.95 25.39 29.22
CA TYR A 173 -37.61 23.98 29.37
C TYR A 173 -37.46 23.74 30.86
N PRO A 174 -38.54 23.37 31.56
CA PRO A 174 -38.47 23.29 33.03
C PRO A 174 -37.31 22.44 33.55
N ASN A 175 -37.03 21.32 32.91
CA ASN A 175 -35.99 20.43 33.40
C ASN A 175 -34.58 20.98 33.27
N ILE A 176 -34.37 22.18 32.72
CA ILE A 176 -33.01 22.72 32.70
C ILE A 176 -32.43 22.75 34.11
N VAL A 177 -33.25 23.14 35.10
CA VAL A 177 -32.79 23.28 36.48
C VAL A 177 -32.34 21.97 37.09
N ARG A 178 -32.52 20.86 36.38
CA ARG A 178 -32.22 19.54 36.91
C ARG A 178 -31.14 18.83 36.11
N VAL A 179 -30.68 19.39 34.99
CA VAL A 179 -29.72 18.71 34.14
C VAL A 179 -28.39 19.43 34.04
N VAL A 180 -28.27 20.61 34.64
CA VAL A 180 -27.02 21.37 34.59
C VAL A 180 -26.46 21.48 36.01
N PRO A 181 -25.41 20.75 36.33
CA PRO A 181 -24.83 20.80 37.67
C PRO A 181 -23.95 22.04 37.84
N VAL A 182 -23.44 22.19 39.07
CA VAL A 182 -22.45 23.22 39.32
C VAL A 182 -21.24 22.93 38.44
N GLY A 183 -20.75 23.95 37.75
CA GLY A 183 -19.68 23.78 36.76
C GLY A 183 -20.17 23.54 35.35
N GLY A 184 -21.46 23.22 35.16
CA GLY A 184 -22.00 23.02 33.84
C GLY A 184 -22.22 24.35 33.14
N ARG A 185 -22.24 24.29 31.81
CA ARG A 185 -22.29 25.48 30.98
C ARG A 185 -23.63 25.59 30.26
N ILE A 186 -24.09 26.82 30.09
CA ILE A 186 -25.32 27.11 29.37
C ILE A 186 -25.03 28.16 28.32
N TYR A 187 -25.34 27.84 27.07
CA TYR A 187 -25.11 28.74 25.96
C TYR A 187 -26.44 29.39 25.53
N ILE A 188 -26.40 30.69 25.28
CA ILE A 188 -27.58 31.44 24.88
C ILE A 188 -27.27 32.21 23.59
N ASP A 189 -28.24 32.21 22.67
CA ASP A 189 -28.22 32.90 21.38
C ASP A 189 -27.08 32.43 20.49
N ASP A 190 -27.25 31.26 19.85
CA ASP A 190 -26.23 30.70 18.97
C ASP A 190 -24.86 30.69 19.63
N GLY A 191 -24.84 30.42 20.94
CA GLY A 191 -23.58 30.35 21.65
C GLY A 191 -22.91 31.69 21.94
N LEU A 192 -23.59 32.81 21.70
CA LEU A 192 -22.93 34.10 21.90
C LEU A 192 -22.73 34.42 23.37
N ILE A 193 -23.65 33.99 24.23
CA ILE A 193 -23.57 34.23 25.67
C ILE A 193 -23.31 32.90 26.34
N SER A 194 -22.42 32.88 27.34
CA SER A 194 -22.11 31.68 28.10
C SER A 194 -22.24 31.95 29.60
N LEU A 195 -22.94 31.04 30.31
CA LEU A 195 -23.11 31.08 31.75
C LEU A 195 -22.64 29.77 32.35
N VAL A 196 -22.02 29.85 33.54
CA VAL A 196 -21.58 28.66 34.28
C VAL A 196 -22.30 28.63 35.63
N VAL A 197 -22.94 27.51 35.93
CA VAL A 197 -23.73 27.36 37.15
C VAL A 197 -22.82 27.40 38.37
N GLN A 198 -23.05 28.36 39.27
CA GLN A 198 -22.33 28.49 40.53
C GLN A 198 -23.07 27.83 41.71
N LYS A 199 -24.39 27.96 41.79
CA LYS A 199 -25.14 27.36 42.89
C LYS A 199 -26.52 26.95 42.40
N ILE A 200 -27.07 25.91 43.02
CA ILE A 200 -28.37 25.37 42.62
C ILE A 200 -29.32 25.44 43.79
N GLY A 201 -30.55 25.89 43.55
CA GLY A 201 -31.49 25.99 44.63
C GLY A 201 -32.93 26.02 44.16
N PRO A 202 -33.86 26.09 45.11
CA PRO A 202 -35.27 26.06 44.72
C PRO A 202 -35.66 27.15 43.72
N GLU A 203 -35.02 28.32 43.79
CA GLU A 203 -35.35 29.43 42.91
C GLU A 203 -34.80 29.21 41.50
N GLY A 204 -33.78 28.35 41.36
CA GLY A 204 -33.24 28.04 40.07
C GLY A 204 -31.73 27.93 40.13
N LEU A 205 -31.09 28.11 38.98
CA LEU A 205 -29.64 28.02 38.86
C LEU A 205 -29.03 29.41 38.97
N VAL A 206 -28.29 29.66 40.04
CA VAL A 206 -27.48 30.88 40.11
C VAL A 206 -26.19 30.63 39.34
N THR A 207 -25.95 31.44 38.31
CA THR A 207 -24.84 31.24 37.41
C THR A 207 -24.01 32.52 37.35
N GLN A 208 -22.80 32.40 36.83
CA GLN A 208 -21.96 33.54 36.54
C GLN A 208 -21.76 33.64 35.03
N VAL A 209 -21.77 34.87 34.53
CA VAL A 209 -21.61 35.07 33.09
C VAL A 209 -20.16 34.80 32.75
N GLU A 210 -19.91 33.74 31.99
CA GLU A 210 -18.55 33.46 31.54
C GLU A 210 -18.22 34.30 30.31
N ASN A 211 -19.11 34.33 29.31
CA ASN A 211 -18.95 35.19 28.14
C ASN A 211 -20.20 36.06 28.04
N GLY A 212 -20.02 37.37 28.14
CA GLY A 212 -21.14 38.29 28.15
C GLY A 212 -21.56 38.74 26.77
N GLY A 213 -22.63 39.52 26.72
CA GLY A 213 -23.12 40.02 25.46
C GLY A 213 -24.55 40.52 25.57
N VAL A 214 -25.06 40.97 24.42
CA VAL A 214 -26.39 41.56 24.35
C VAL A 214 -27.41 40.45 24.05
N LEU A 215 -28.46 40.41 24.86
CA LEU A 215 -29.50 39.38 24.80
C LEU A 215 -30.81 40.04 24.40
N GLY A 216 -31.46 39.45 23.40
CA GLY A 216 -32.81 39.83 23.00
C GLY A 216 -33.85 38.91 23.60
N SER A 217 -34.99 38.82 22.96
CA SER A 217 -36.10 38.02 23.46
C SER A 217 -36.14 36.68 22.74
N ARG A 218 -36.41 35.63 23.51
CA ARG A 218 -36.68 34.29 23.00
C ARG A 218 -35.51 33.75 22.16
N LYS A 219 -34.33 33.76 22.76
CA LYS A 219 -33.13 33.29 22.08
C LYS A 219 -32.85 31.82 22.40
N GLY A 220 -32.11 31.17 21.51
CA GLY A 220 -31.90 29.75 21.65
C GLY A 220 -30.92 29.40 22.75
N VAL A 221 -31.20 28.28 23.42
CA VAL A 221 -30.37 27.78 24.52
C VAL A 221 -29.84 26.41 24.16
N ASN A 222 -28.56 26.18 24.45
CA ASN A 222 -27.94 24.88 24.27
C ASN A 222 -27.37 24.42 25.62
N LEU A 223 -27.50 23.12 25.90
CA LEU A 223 -27.06 22.52 27.16
C LEU A 223 -26.01 21.45 26.87
N PRO A 224 -24.75 21.85 26.68
CA PRO A 224 -23.71 20.85 26.35
C PRO A 224 -23.56 19.86 27.49
N GLY A 225 -23.55 18.58 27.13
CA GLY A 225 -23.39 17.49 28.08
C GLY A 225 -24.61 17.10 28.85
N ALA A 226 -25.74 17.78 28.65
CA ALA A 226 -26.98 17.43 29.34
C ALA A 226 -27.80 16.48 28.48
N GLN A 227 -28.55 15.59 29.14
CA GLN A 227 -29.46 14.70 28.43
C GLN A 227 -30.82 15.39 28.33
N VAL A 228 -31.05 16.07 27.22
CA VAL A 228 -32.29 16.81 26.99
C VAL A 228 -33.29 15.92 26.23
N ASP A 229 -34.54 15.88 26.71
CA ASP A 229 -35.60 15.07 26.12
C ASP A 229 -36.60 16.03 25.45
N LEU A 230 -36.62 16.05 24.13
CA LEU A 230 -37.53 16.92 23.40
C LEU A 230 -38.22 16.13 22.30
N PRO A 231 -39.41 16.57 21.88
CA PRO A 231 -40.12 15.85 20.82
C PRO A 231 -39.29 15.84 19.53
N GLY A 232 -39.49 14.79 18.73
CA GLY A 232 -38.71 14.65 17.51
C GLY A 232 -39.17 15.56 16.39
N LEU A 233 -40.45 15.92 16.40
CA LEU A 233 -41.03 16.85 15.44
C LEU A 233 -42.00 17.75 16.19
N SER A 234 -41.82 19.06 16.02
CA SER A 234 -42.76 20.01 16.60
C SER A 234 -44.00 20.12 15.71
N GLU A 235 -45.03 20.79 16.23
CA GLU A 235 -46.20 21.04 15.42
C GLU A 235 -45.86 22.03 14.31
N GLN A 236 -45.14 23.09 14.63
CA GLN A 236 -44.66 23.98 13.57
C GLN A 236 -43.90 23.20 12.52
N ASP A 237 -43.14 22.17 12.95
CA ASP A 237 -42.40 21.32 12.00
C ASP A 237 -43.34 20.55 11.09
N VAL A 238 -44.41 19.97 11.64
CA VAL A 238 -45.38 19.26 10.80
C VAL A 238 -45.95 20.22 9.77
N ARG A 239 -46.33 21.41 10.19
CA ARG A 239 -46.92 22.36 9.24
C ARG A 239 -45.90 22.78 8.19
N ASP A 240 -44.65 22.99 8.61
CA ASP A 240 -43.62 23.41 7.66
C ASP A 240 -43.32 22.32 6.64
N LEU A 241 -43.35 21.06 7.08
CA LEU A 241 -43.16 19.94 6.15
C LEU A 241 -44.35 19.80 5.20
N ARG A 242 -45.57 20.05 5.70
CA ARG A 242 -46.71 20.08 4.79
C ARG A 242 -46.54 21.19 3.75
N PHE A 243 -46.13 22.38 4.20
CA PHE A 243 -45.84 23.48 3.29
C PHE A 243 -44.82 23.06 2.23
N GLY A 244 -43.76 22.38 2.66
CA GLY A 244 -42.75 21.92 1.72
C GLY A 244 -43.31 20.98 0.67
N VAL A 245 -44.10 20.00 1.11
CA VAL A 245 -44.75 19.09 0.17
C VAL A 245 -45.67 19.85 -0.79
N GLU A 246 -46.45 20.78 -0.26
CA GLU A 246 -47.41 21.51 -1.08
C GLU A 246 -46.70 22.37 -2.12
N HIS A 247 -45.49 22.85 -1.83
CA HIS A 247 -44.76 23.70 -2.75
C HIS A 247 -43.69 22.95 -3.55
N GLY A 248 -43.66 21.62 -3.46
CA GLY A 248 -42.77 20.81 -4.29
C GLY A 248 -41.29 20.96 -4.01
N VAL A 249 -40.90 21.12 -2.74
CA VAL A 249 -39.47 21.18 -2.44
C VAL A 249 -38.85 19.80 -2.67
N ASP A 250 -37.56 19.79 -2.98
CA ASP A 250 -36.85 18.56 -3.37
C ASP A 250 -36.19 17.85 -2.21
N ILE A 251 -35.74 18.62 -1.22
CA ILE A 251 -34.92 18.13 -0.12
C ILE A 251 -35.43 18.77 1.17
N VAL A 252 -35.38 18.01 2.27
CA VAL A 252 -35.59 18.53 3.62
C VAL A 252 -34.30 18.29 4.40
N PHE A 253 -33.73 19.35 4.95
CA PHE A 253 -32.66 19.23 5.94
C PHE A 253 -33.34 19.11 7.29
N ALA A 254 -33.34 17.92 7.90
CA ALA A 254 -34.08 17.72 9.14
C ALA A 254 -33.21 18.10 10.32
N SER A 255 -33.63 19.11 11.07
CA SER A 255 -32.82 19.64 12.16
C SER A 255 -32.84 18.70 13.35
N PHE A 256 -31.72 18.68 14.09
CA PHE A 256 -31.63 18.07 15.43
C PHE A 256 -31.99 16.57 15.41
N VAL A 257 -31.61 15.86 14.36
CA VAL A 257 -31.88 14.43 14.30
C VAL A 257 -30.94 13.70 15.26
N ARG A 258 -31.52 12.95 16.20
CA ARG A 258 -30.71 12.22 17.16
C ARG A 258 -30.88 10.70 17.09
N LYS A 259 -31.87 10.20 16.36
CA LYS A 259 -32.17 8.78 16.30
C LYS A 259 -33.01 8.52 15.05
N ALA A 260 -33.10 7.24 14.68
CA ALA A 260 -33.87 6.84 13.50
C ALA A 260 -35.35 7.19 13.60
N SER A 261 -35.88 7.25 14.82
CA SER A 261 -37.30 7.54 14.98
C SER A 261 -37.62 8.98 14.55
N ASP A 262 -36.65 9.89 14.72
CA ASP A 262 -36.85 11.27 14.27
C ASP A 262 -37.00 11.34 12.76
N VAL A 263 -36.12 10.65 12.02
CA VAL A 263 -36.24 10.68 10.58
C VAL A 263 -37.51 9.94 10.13
N ALA A 264 -37.93 8.90 10.86
CA ALA A 264 -39.19 8.26 10.55
C ALA A 264 -40.37 9.22 10.73
N ALA A 265 -40.29 10.06 11.76
CA ALA A 265 -41.34 11.06 11.95
C ALA A 265 -41.36 12.08 10.82
N VAL A 266 -40.18 12.53 10.39
CA VAL A 266 -40.10 13.47 9.26
C VAL A 266 -40.71 12.84 8.01
N ARG A 267 -40.36 11.58 7.74
CA ARG A 267 -40.88 10.89 6.57
C ARG A 267 -42.39 10.76 6.63
N ALA A 268 -42.92 10.46 7.84
CA ALA A 268 -44.36 10.32 7.99
C ALA A 268 -45.06 11.65 7.83
N ALA A 269 -44.46 12.72 8.34
CA ALA A 269 -45.07 14.05 8.19
C ALA A 269 -45.08 14.49 6.73
N LEU A 270 -44.04 14.11 5.96
CA LEU A 270 -44.02 14.43 4.54
C LEU A 270 -45.15 13.70 3.81
N GLY A 271 -45.55 12.56 4.33
CA GLY A 271 -46.73 11.86 3.84
C GLY A 271 -46.55 11.15 2.51
N PRO A 272 -47.61 10.45 2.08
CA PRO A 272 -47.53 9.63 0.86
C PRO A 272 -47.23 10.42 -0.40
N GLU A 273 -47.56 11.70 -0.44
CA GLU A 273 -47.27 12.58 -1.58
C GLU A 273 -45.83 13.09 -1.56
N GLY A 274 -45.15 13.00 -0.42
CA GLY A 274 -43.79 13.49 -0.36
C GLY A 274 -42.76 12.39 -0.27
N HIS A 275 -43.13 11.20 -0.76
CA HIS A 275 -42.20 10.08 -0.75
C HIS A 275 -40.94 10.39 -1.56
N GLY A 276 -41.05 11.22 -2.60
CA GLY A 276 -39.92 11.54 -3.45
C GLY A 276 -38.95 12.56 -2.89
N ILE A 277 -39.28 13.18 -1.76
CA ILE A 277 -38.43 14.19 -1.15
C ILE A 277 -37.26 13.51 -0.43
N LYS A 278 -36.04 14.01 -0.67
CA LYS A 278 -34.84 13.50 -0.02
C LYS A 278 -34.72 14.02 1.41
N ILE A 279 -34.38 13.14 2.34
CA ILE A 279 -34.22 13.52 3.75
C ILE A 279 -32.73 13.55 4.08
N ILE A 280 -32.23 14.73 4.37
CA ILE A 280 -30.85 14.91 4.83
C ILE A 280 -30.93 15.19 6.32
N SER A 281 -30.44 14.25 7.15
CA SER A 281 -30.50 14.39 8.60
C SER A 281 -29.36 15.24 9.09
N LYS A 282 -29.69 16.32 9.81
CA LYS A 282 -28.69 17.22 10.39
C LYS A 282 -28.22 16.66 11.74
N ILE A 283 -26.93 16.41 11.86
CA ILE A 283 -26.36 15.95 13.11
C ILE A 283 -25.84 17.18 13.83
N GLU A 284 -26.45 17.51 14.96
CA GLU A 284 -26.18 18.75 15.64
C GLU A 284 -25.82 18.57 17.11
N ASN A 285 -25.84 17.36 17.65
CA ASN A 285 -25.59 17.20 19.07
C ASN A 285 -24.92 15.85 19.34
N HIS A 286 -24.59 15.63 20.60
CA HIS A 286 -23.83 14.45 20.98
C HIS A 286 -24.59 13.18 20.60
N GLU A 287 -25.88 13.09 20.95
CA GLU A 287 -26.66 11.89 20.63
C GLU A 287 -26.63 11.58 19.13
N GLY A 288 -26.87 12.59 18.28
CA GLY A 288 -26.76 12.37 16.85
C GLY A 288 -25.43 11.75 16.45
N VAL A 289 -24.32 12.24 17.00
CA VAL A 289 -23.01 11.69 16.66
C VAL A 289 -22.90 10.24 17.12
N LYS A 290 -23.31 9.97 18.36
CA LYS A 290 -23.16 8.62 18.89
C LYS A 290 -24.07 7.63 18.17
N ARG A 291 -25.28 8.07 17.80
CA ARG A 291 -26.23 7.23 17.08
C ARG A 291 -26.15 7.41 15.56
N PHE A 292 -24.99 7.80 15.05
CA PHE A 292 -24.87 8.19 13.65
C PHE A 292 -25.27 7.05 12.71
N ASP A 293 -24.79 5.82 12.97
CA ASP A 293 -25.01 4.69 12.05
C ASP A 293 -26.49 4.45 11.79
N GLU A 294 -27.30 4.40 12.86
CA GLU A 294 -28.72 4.10 12.71
C GLU A 294 -29.45 5.24 11.99
N ILE A 295 -28.95 6.46 12.12
CA ILE A 295 -29.57 7.58 11.44
C ILE A 295 -29.24 7.55 9.96
N LEU A 296 -27.97 7.30 9.63
CA LEU A 296 -27.57 7.22 8.24
C LEU A 296 -28.31 6.10 7.52
N GLU A 297 -28.58 4.99 8.24
CA GLU A 297 -29.24 3.84 7.62
C GLU A 297 -30.62 4.18 7.08
N VAL A 298 -31.32 5.09 7.75
CA VAL A 298 -32.68 5.44 7.37
C VAL A 298 -32.74 6.78 6.67
N SER A 299 -31.61 7.45 6.46
CA SER A 299 -31.60 8.77 5.82
C SER A 299 -31.08 8.69 4.38
N ASP A 300 -31.42 9.70 3.58
CA ASP A 300 -30.78 9.84 2.28
C ASP A 300 -29.39 10.44 2.38
N GLY A 301 -29.14 11.22 3.42
CA GLY A 301 -27.83 11.81 3.56
C GLY A 301 -27.74 12.55 4.86
N ILE A 302 -26.64 13.28 5.03
CA ILE A 302 -26.27 13.86 6.32
C ILE A 302 -25.72 15.26 6.12
N MET A 303 -26.04 16.14 7.06
CA MET A 303 -25.37 17.43 7.17
C MET A 303 -24.59 17.48 8.48
N VAL A 304 -23.30 17.77 8.37
CA VAL A 304 -22.52 18.08 9.55
C VAL A 304 -22.83 19.53 9.90
N ALA A 305 -23.82 19.73 10.77
CA ALA A 305 -24.31 21.06 11.17
C ALA A 305 -23.40 21.59 12.27
N ARG A 306 -22.27 22.14 11.85
CA ARG A 306 -21.21 22.50 12.77
C ARG A 306 -21.58 23.65 13.70
N GLY A 307 -22.54 24.49 13.33
CA GLY A 307 -22.91 25.59 14.21
C GLY A 307 -23.39 25.09 15.56
N ASP A 308 -24.54 24.40 15.57
CA ASP A 308 -25.03 23.84 16.82
C ASP A 308 -24.11 22.76 17.37
N LEU A 309 -23.46 21.98 16.50
CA LEU A 309 -22.60 20.89 16.97
C LEU A 309 -21.45 21.39 17.82
N GLY A 310 -20.82 22.49 17.39
CA GLY A 310 -19.71 23.09 18.09
C GLY A 310 -20.08 23.76 19.39
N ILE A 311 -21.37 24.01 19.61
CA ILE A 311 -21.88 24.41 20.92
C ILE A 311 -22.18 23.20 21.77
N GLU A 312 -22.67 22.13 21.14
CA GLU A 312 -23.15 20.95 21.88
C GLU A 312 -21.99 20.06 22.37
N ILE A 313 -20.93 19.95 21.59
CA ILE A 313 -19.72 19.22 21.96
C ILE A 313 -18.59 20.24 22.02
N PRO A 314 -17.46 19.93 22.65
CA PRO A 314 -16.34 20.89 22.66
C PRO A 314 -15.94 21.30 21.24
N ALA A 315 -15.61 22.59 21.08
CA ALA A 315 -15.28 23.15 19.76
C ALA A 315 -14.12 22.40 19.10
N GLU A 316 -13.08 22.09 19.90
CA GLU A 316 -11.87 21.41 19.44
C GLU A 316 -12.13 19.97 18.98
N LYS A 317 -13.35 19.49 19.12
CA LYS A 317 -13.67 18.15 18.69
C LYS A 317 -14.49 18.10 17.40
N VAL A 318 -15.01 19.24 16.94
CA VAL A 318 -15.93 19.20 15.82
C VAL A 318 -15.28 18.54 14.59
N PHE A 319 -14.03 18.90 14.28
CA PHE A 319 -13.37 18.32 13.10
C PHE A 319 -13.35 16.79 13.18
N LEU A 320 -13.12 16.22 14.38
CA LEU A 320 -13.21 14.77 14.51
C LEU A 320 -14.56 14.28 14.01
N ALA A 321 -15.63 14.83 14.60
CA ALA A 321 -17.00 14.50 14.20
C ALA A 321 -17.18 14.65 12.69
N GLN A 322 -16.65 15.75 12.14
CA GLN A 322 -16.83 16.01 10.71
C GLN A 322 -16.18 14.92 9.89
N LYS A 323 -14.89 14.68 10.13
CA LYS A 323 -14.15 13.75 9.27
C LYS A 323 -14.72 12.34 9.38
N MET A 324 -15.17 11.99 10.59
CA MET A 324 -15.82 10.71 10.82
C MET A 324 -17.07 10.59 9.96
N MET A 325 -17.97 11.59 10.06
CA MET A 325 -19.28 11.46 9.43
C MET A 325 -19.14 11.43 7.91
N ILE A 326 -18.38 12.37 7.36
CA ILE A 326 -18.09 12.37 5.93
C ILE A 326 -17.53 11.01 5.51
N GLY A 327 -16.53 10.53 6.28
CA GLY A 327 -15.95 9.23 5.95
C GLY A 327 -17.03 8.17 5.84
N ARG A 328 -17.87 8.07 6.87
CA ARG A 328 -18.87 7.01 6.85
C ARG A 328 -19.84 7.24 5.71
N CYS A 329 -20.19 8.51 5.45
CA CYS A 329 -21.07 8.77 4.33
C CYS A 329 -20.42 8.32 3.04
N ASN A 330 -19.13 8.62 2.86
CA ASN A 330 -18.42 8.14 1.68
C ASN A 330 -18.47 6.61 1.61
N LEU A 331 -18.33 5.97 2.78
CA LEU A 331 -18.38 4.53 2.84
C LEU A 331 -19.76 4.03 2.44
N ALA A 332 -20.81 4.76 2.82
CA ALA A 332 -22.17 4.32 2.55
C ALA A 332 -22.63 4.67 1.14
N GLY A 333 -21.95 5.58 0.45
CA GLY A 333 -22.42 6.03 -0.85
C GLY A 333 -23.61 6.98 -0.75
N LYS A 334 -23.71 7.72 0.35
CA LYS A 334 -24.78 8.67 0.58
C LYS A 334 -24.18 10.07 0.69
N PRO A 335 -24.90 11.08 0.20
CA PRO A 335 -24.38 12.46 0.21
C PRO A 335 -24.17 12.98 1.62
N VAL A 336 -23.16 13.83 1.77
CA VAL A 336 -22.90 14.46 3.05
C VAL A 336 -22.61 15.94 2.85
N VAL A 337 -23.15 16.77 3.75
CA VAL A 337 -23.07 18.22 3.65
C VAL A 337 -22.23 18.79 4.78
N CYS A 338 -21.22 19.58 4.42
CA CYS A 338 -20.49 20.38 5.42
C CYS A 338 -21.07 21.79 5.50
N ALA A 339 -21.34 22.26 6.73
CA ALA A 339 -22.16 23.44 6.90
C ALA A 339 -21.58 24.36 7.97
N THR A 340 -21.84 25.67 7.77
CA THR A 340 -21.83 26.74 8.78
C THR A 340 -20.47 27.36 9.00
N GLN A 341 -20.41 28.69 8.82
CA GLN A 341 -19.25 29.52 9.08
C GLN A 341 -18.06 29.21 8.17
N MET A 342 -18.30 28.54 7.02
CA MET A 342 -17.21 28.21 6.14
C MET A 342 -16.51 29.46 5.62
N LEU A 343 -17.28 30.50 5.28
CA LEU A 343 -16.73 31.77 4.82
C LEU A 343 -17.26 32.93 5.65
N GLU A 344 -17.32 32.75 6.97
CA GLU A 344 -18.08 33.66 7.84
C GLU A 344 -17.68 35.12 7.69
N SER A 345 -16.37 35.41 7.66
CA SER A 345 -15.93 36.81 7.57
C SER A 345 -16.45 37.51 6.31
N MET A 346 -16.88 36.77 5.28
CA MET A 346 -17.45 37.39 4.09
C MET A 346 -18.85 37.94 4.32
N ILE A 347 -19.41 37.77 5.52
CA ILE A 347 -20.64 38.49 5.84
C ILE A 347 -20.41 39.99 5.75
N THR A 348 -19.19 40.44 6.08
CA THR A 348 -18.85 41.87 6.08
C THR A 348 -17.63 42.22 5.23
N LYS A 349 -16.81 41.26 4.83
CA LYS A 349 -15.60 41.58 4.07
C LYS A 349 -15.66 40.94 2.70
N PRO A 350 -15.11 41.60 1.67
CA PRO A 350 -15.19 41.06 0.30
C PRO A 350 -14.27 39.87 0.05
N ARG A 351 -13.35 39.59 0.96
CA ARG A 351 -12.42 38.48 0.87
C ARG A 351 -12.40 37.70 2.18
N PRO A 352 -12.27 36.38 2.11
CA PRO A 352 -12.28 35.56 3.32
C PRO A 352 -10.90 35.51 3.97
N THR A 353 -10.86 34.99 5.19
CA THR A 353 -9.59 34.76 5.86
C THR A 353 -8.93 33.47 5.35
N ARG A 354 -7.63 33.31 5.64
CA ARG A 354 -6.88 32.13 5.21
C ARG A 354 -7.45 30.84 5.82
N ALA A 355 -7.94 30.93 7.07
CA ALA A 355 -8.56 29.77 7.70
C ALA A 355 -9.84 29.36 6.98
N GLU A 356 -10.60 30.32 6.44
CA GLU A 356 -11.87 30.01 5.80
C GLU A 356 -11.65 29.32 4.46
N THR A 357 -10.72 29.83 3.66
CA THR A 357 -10.35 29.13 2.41
C THR A 357 -9.84 27.73 2.71
N SER A 358 -8.95 27.62 3.70
CA SER A 358 -8.47 26.32 4.14
C SER A 358 -9.64 25.42 4.51
N ASP A 359 -10.64 25.96 5.20
CA ASP A 359 -11.79 25.16 5.65
C ASP A 359 -12.60 24.63 4.47
N VAL A 360 -12.86 25.48 3.48
CA VAL A 360 -13.60 24.99 2.33
C VAL A 360 -12.81 23.87 1.62
N ALA A 361 -11.52 24.13 1.38
CA ALA A 361 -10.68 23.17 0.66
C ALA A 361 -10.59 21.84 1.39
N ASN A 362 -10.45 21.88 2.71
CA ASN A 362 -10.34 20.66 3.49
C ASN A 362 -11.69 19.96 3.64
N ALA A 363 -12.81 20.69 3.56
CA ALA A 363 -14.11 20.00 3.53
C ALA A 363 -14.24 19.18 2.27
N VAL A 364 -13.79 19.75 1.14
CA VAL A 364 -13.81 19.01 -0.12
C VAL A 364 -12.90 17.79 -0.03
N LEU A 365 -11.68 17.98 0.48
CA LEU A 365 -10.72 16.88 0.58
C LEU A 365 -11.22 15.79 1.54
N ASP A 366 -11.88 16.19 2.63
CA ASP A 366 -12.46 15.21 3.55
C ASP A 366 -13.42 14.28 2.85
N GLY A 367 -14.13 14.76 1.83
CA GLY A 367 -15.04 13.97 1.03
C GLY A 367 -16.45 14.50 0.96
N ALA A 368 -16.65 15.76 1.32
CA ALA A 368 -18.02 16.28 1.34
C ALA A 368 -18.58 16.39 -0.07
N ASP A 369 -19.82 15.97 -0.24
CA ASP A 369 -20.49 16.15 -1.52
C ASP A 369 -20.94 17.59 -1.73
N CYS A 370 -21.34 18.28 -0.65
CA CYS A 370 -21.85 19.65 -0.72
C CYS A 370 -21.21 20.51 0.36
N ILE A 371 -21.00 21.79 0.03
CA ILE A 371 -20.62 22.81 0.99
C ILE A 371 -21.75 23.84 1.06
N MET A 372 -21.75 24.62 2.14
CA MET A 372 -22.90 25.46 2.45
C MET A 372 -22.46 26.86 2.83
N LEU A 373 -23.35 27.81 2.55
CA LEU A 373 -23.25 29.19 3.01
C LEU A 373 -24.54 29.54 3.76
N SER A 374 -24.40 30.23 4.89
CA SER A 374 -25.55 30.55 5.70
C SER A 374 -25.69 32.07 5.70
N GLY A 375 -25.21 32.77 6.73
CA GLY A 375 -25.29 34.22 6.76
C GLY A 375 -24.57 34.86 5.60
N GLU A 376 -23.54 34.17 5.05
CA GLU A 376 -22.78 34.66 3.91
C GLU A 376 -23.65 34.95 2.71
N THR A 377 -24.73 34.18 2.53
CA THR A 377 -25.65 34.46 1.45
C THR A 377 -27.00 34.97 1.90
N ALA A 378 -27.42 34.65 3.13
CA ALA A 378 -28.75 35.07 3.60
C ALA A 378 -28.80 36.56 3.91
N LYS A 379 -27.80 37.09 4.64
CA LYS A 379 -27.84 38.46 5.12
C LYS A 379 -26.57 39.28 4.88
N GLY A 380 -25.47 38.66 4.50
CA GLY A 380 -24.21 39.36 4.38
C GLY A 380 -24.17 40.34 3.23
N ASN A 381 -23.07 41.08 3.15
CA ASN A 381 -22.91 42.12 2.13
C ASN A 381 -22.29 41.63 0.84
N PHE A 382 -21.86 40.36 0.76
CA PHE A 382 -21.17 39.84 -0.42
C PHE A 382 -21.62 38.42 -0.73
N PRO A 383 -22.93 38.20 -0.98
CA PRO A 383 -23.43 36.83 -1.23
C PRO A 383 -22.89 36.21 -2.51
N VAL A 384 -22.93 36.96 -3.62
CA VAL A 384 -22.45 36.44 -4.88
C VAL A 384 -20.95 36.14 -4.79
N GLU A 385 -20.20 37.04 -4.15
CA GLU A 385 -18.77 36.83 -3.99
C GLU A 385 -18.47 35.60 -3.12
N ALA A 386 -19.30 35.34 -2.12
CA ALA A 386 -19.12 34.12 -1.33
C ALA A 386 -19.35 32.87 -2.18
N VAL A 387 -20.41 32.87 -3.00
CA VAL A 387 -20.63 31.75 -3.92
C VAL A 387 -19.44 31.57 -4.86
N LYS A 388 -18.95 32.68 -5.45
CA LYS A 388 -17.83 32.60 -6.38
C LYS A 388 -16.57 32.04 -5.71
N MET A 389 -16.32 32.46 -4.45
CA MET A 389 -15.13 32.02 -3.73
C MET A 389 -15.20 30.54 -3.41
N GLN A 390 -16.36 30.06 -2.93
CA GLN A 390 -16.51 28.63 -2.71
C GLN A 390 -16.33 27.86 -4.00
N HIS A 391 -16.87 28.38 -5.11
CA HIS A 391 -16.69 27.71 -6.40
C HIS A 391 -15.21 27.56 -6.75
N ALA A 392 -14.46 28.66 -6.65
CA ALA A 392 -13.04 28.62 -7.02
C ALA A 392 -12.27 27.63 -6.14
N ILE A 393 -12.45 27.74 -4.82
CA ILE A 393 -11.77 26.83 -3.88
C ILE A 393 -12.13 25.39 -4.17
N ALA A 394 -13.42 25.11 -4.38
CA ALA A 394 -13.84 23.73 -4.58
C ALA A 394 -13.17 23.15 -5.81
N ARG A 395 -13.08 23.93 -6.90
CA ARG A 395 -12.40 23.45 -8.10
C ARG A 395 -10.94 23.07 -7.80
N GLU A 396 -10.23 23.98 -7.11
CA GLU A 396 -8.84 23.72 -6.76
C GLU A 396 -8.70 22.46 -5.91
N ALA A 397 -9.60 22.30 -4.94
CA ALA A 397 -9.52 21.18 -4.00
C ALA A 397 -9.86 19.86 -4.68
N GLU A 398 -10.83 19.88 -5.58
CA GLU A 398 -11.21 18.67 -6.32
C GLU A 398 -10.06 18.18 -7.20
N ALA A 399 -9.33 19.10 -7.85
CA ALA A 399 -8.17 18.66 -8.61
C ALA A 399 -7.11 18.00 -7.73
N ALA A 400 -6.99 18.43 -6.47
CA ALA A 400 -5.98 17.92 -5.55
C ALA A 400 -6.38 16.62 -4.85
N VAL A 401 -7.52 16.03 -5.19
CA VAL A 401 -7.90 14.75 -4.61
C VAL A 401 -6.88 13.70 -5.05
N TYR A 402 -6.50 12.81 -4.13
CA TYR A 402 -5.59 11.68 -4.41
C TYR A 402 -6.42 10.46 -4.81
N HIS A 403 -6.86 10.45 -6.08
CA HIS A 403 -7.82 9.43 -6.52
C HIS A 403 -7.24 8.01 -6.44
N ARG A 404 -5.93 7.87 -6.58
CA ARG A 404 -5.36 6.52 -6.55
C ARG A 404 -5.75 5.82 -5.24
N GLN A 405 -5.38 6.42 -4.12
CA GLN A 405 -5.69 5.77 -2.86
C GLN A 405 -7.19 5.84 -2.56
N LEU A 406 -7.83 6.95 -2.93
CA LEU A 406 -9.25 7.11 -2.63
C LEU A 406 -10.09 6.04 -3.34
N PHE A 407 -9.88 5.89 -4.66
CA PHE A 407 -10.59 4.88 -5.43
C PHE A 407 -10.30 3.49 -4.90
N GLU A 408 -9.04 3.20 -4.59
CA GLU A 408 -8.74 1.85 -4.13
C GLU A 408 -9.45 1.54 -2.82
N GLU A 409 -9.50 2.51 -1.91
CA GLU A 409 -10.13 2.26 -0.62
C GLU A 409 -11.66 2.15 -0.75
N LEU A 410 -12.26 2.95 -1.64
CA LEU A 410 -13.70 2.82 -1.86
C LEU A 410 -14.04 1.49 -2.52
N ARG A 411 -13.18 1.02 -3.42
CA ARG A 411 -13.39 -0.27 -4.08
C ARG A 411 -13.32 -1.41 -3.08
N ARG A 412 -12.33 -1.37 -2.20
CA ARG A 412 -12.19 -2.46 -1.23
C ARG A 412 -13.24 -2.36 -0.12
N ALA A 413 -13.79 -1.17 0.11
CA ALA A 413 -14.81 -1.04 1.16
C ALA A 413 -16.23 -1.31 0.65
N ALA A 414 -16.49 -1.04 -0.63
CA ALA A 414 -17.81 -1.25 -1.21
C ALA A 414 -18.08 -2.74 -1.39
N PRO A 415 -19.27 -3.21 -1.04
CA PRO A 415 -19.54 -4.64 -1.11
C PRO A 415 -19.65 -5.14 -2.55
N LEU A 416 -19.38 -6.43 -2.70
CA LEU A 416 -19.65 -7.10 -3.97
C LEU A 416 -21.13 -6.99 -4.31
N SER A 417 -21.43 -6.94 -5.60
CA SER A 417 -22.81 -6.68 -6.01
C SER A 417 -23.16 -7.44 -7.28
N ARG A 418 -24.37 -7.99 -7.31
CA ARG A 418 -24.90 -8.58 -8.52
C ARG A 418 -25.86 -7.62 -9.24
N ASP A 419 -25.99 -6.38 -8.76
CA ASP A 419 -26.83 -5.38 -9.43
C ASP A 419 -26.10 -4.82 -10.65
N PRO A 420 -26.63 -4.98 -11.87
CA PRO A 420 -25.89 -4.50 -13.06
C PRO A 420 -25.62 -2.98 -13.06
N THR A 421 -26.48 -2.16 -12.45
CA THR A 421 -26.22 -0.73 -12.38
C THR A 421 -24.90 -0.44 -11.61
N GLU A 422 -24.70 -1.09 -10.45
CA GLU A 422 -23.49 -0.84 -9.68
C GLU A 422 -22.26 -1.46 -10.33
N VAL A 423 -22.41 -2.65 -10.91
CA VAL A 423 -21.32 -3.28 -11.65
C VAL A 423 -20.86 -2.40 -12.79
N THR A 424 -21.82 -1.95 -13.61
CA THR A 424 -21.51 -1.04 -14.71
C THR A 424 -20.86 0.22 -14.20
N ALA A 425 -21.35 0.75 -13.07
CA ALA A 425 -20.83 2.02 -12.56
C ALA A 425 -19.35 1.91 -12.20
N ILE A 426 -18.97 0.85 -11.48
CA ILE A 426 -17.57 0.70 -11.11
C ILE A 426 -16.72 0.43 -12.35
N GLY A 427 -17.25 -0.32 -13.32
CA GLY A 427 -16.51 -0.52 -14.56
C GLY A 427 -16.28 0.78 -15.31
N ALA A 428 -17.30 1.64 -15.37
CA ALA A 428 -17.18 2.90 -16.08
C ALA A 428 -16.20 3.83 -15.38
N VAL A 429 -16.22 3.86 -14.04
CA VAL A 429 -15.24 4.69 -13.33
C VAL A 429 -13.82 4.18 -13.56
N GLU A 430 -13.63 2.86 -13.57
CA GLU A 430 -12.30 2.32 -13.89
C GLU A 430 -11.86 2.70 -15.30
N ALA A 431 -12.80 2.63 -16.27
CA ALA A 431 -12.51 2.97 -17.68
C ALA A 431 -12.10 4.44 -17.82
N ALA A 432 -12.88 5.34 -17.19
CA ALA A 432 -12.58 6.76 -17.20
C ALA A 432 -11.22 7.04 -16.60
N PHE A 433 -10.87 6.34 -15.52
CA PHE A 433 -9.53 6.51 -14.96
C PHE A 433 -8.48 6.02 -15.94
N LYS A 434 -8.74 4.92 -16.64
CA LYS A 434 -7.73 4.36 -17.53
C LYS A 434 -7.39 5.33 -18.67
N CYS A 435 -8.39 6.03 -19.19
CA CYS A 435 -8.15 6.90 -20.34
C CYS A 435 -8.24 8.39 -20.02
N CYS A 436 -8.36 8.77 -18.74
CA CYS A 436 -8.56 10.17 -18.33
C CYS A 436 -9.73 10.78 -19.07
N ALA A 437 -10.87 10.08 -19.03
CA ALA A 437 -12.04 10.55 -19.75
C ALA A 437 -12.48 11.92 -19.27
N ALA A 438 -12.87 12.78 -20.21
CA ALA A 438 -13.32 14.10 -19.79
C ALA A 438 -14.63 14.04 -19.03
N ALA A 439 -15.44 13.02 -19.30
CA ALA A 439 -16.75 12.91 -18.66
C ALA A 439 -17.21 11.47 -18.72
N ILE A 440 -18.14 11.13 -17.84
CA ILE A 440 -18.98 9.95 -17.92
C ILE A 440 -20.41 10.44 -18.15
N ILE A 441 -21.00 10.10 -19.29
CA ILE A 441 -22.36 10.53 -19.62
C ILE A 441 -23.32 9.40 -19.28
N VAL A 442 -24.31 9.67 -18.43
CA VAL A 442 -25.20 8.63 -17.95
C VAL A 442 -26.63 9.10 -18.14
N LEU A 443 -27.49 8.20 -18.61
CA LEU A 443 -28.93 8.42 -18.65
C LEU A 443 -29.53 7.88 -17.35
N THR A 444 -30.38 8.68 -16.72
CA THR A 444 -30.95 8.27 -15.43
C THR A 444 -32.33 8.87 -15.29
N THR A 445 -33.24 8.08 -14.71
CA THR A 445 -34.60 8.51 -14.46
C THR A 445 -34.75 9.09 -13.06
N THR A 446 -34.21 8.38 -12.07
CA THR A 446 -34.31 8.74 -10.65
C THR A 446 -33.03 9.39 -10.11
N GLY A 447 -31.94 9.36 -10.88
CA GLY A 447 -30.63 9.76 -10.40
C GLY A 447 -29.76 8.62 -9.94
N ARG A 448 -30.32 7.42 -9.74
CA ARG A 448 -29.58 6.35 -9.07
C ARG A 448 -28.30 5.95 -9.82
N SER A 449 -28.35 5.80 -11.14
CA SER A 449 -27.14 5.41 -11.89
C SER A 449 -26.05 6.46 -11.73
N ALA A 450 -26.44 7.74 -11.77
CA ALA A 450 -25.48 8.80 -11.52
C ALA A 450 -24.92 8.72 -10.10
N GLN A 451 -25.76 8.42 -9.11
CA GLN A 451 -25.27 8.34 -7.73
C GLN A 451 -24.29 7.18 -7.53
N LEU A 452 -24.56 6.06 -8.19
CA LEU A 452 -23.66 4.91 -8.08
C LEU A 452 -22.34 5.19 -8.75
N LEU A 453 -22.34 6.00 -9.82
CA LEU A 453 -21.08 6.46 -10.40
C LEU A 453 -20.34 7.40 -9.44
N SER A 454 -21.09 8.32 -8.84
CA SER A 454 -20.49 9.32 -7.95
C SER A 454 -19.87 8.68 -6.71
N ARG A 455 -20.44 7.56 -6.25
CA ARG A 455 -19.96 6.92 -5.03
C ARG A 455 -18.50 6.48 -5.14
N TYR A 456 -18.02 6.23 -6.36
CA TYR A 456 -16.64 5.84 -6.56
C TYR A 456 -15.71 7.01 -6.85
N ARG A 457 -16.23 8.25 -6.80
CA ARG A 457 -15.42 9.46 -6.86
C ARG A 457 -14.52 9.51 -8.10
N PRO A 458 -15.09 9.51 -9.30
CA PRO A 458 -14.26 9.63 -10.49
C PRO A 458 -13.67 11.03 -10.61
N ARG A 459 -12.50 11.11 -11.23
CA ARG A 459 -12.03 12.44 -11.60
C ARG A 459 -12.90 13.03 -12.70
N ALA A 460 -13.41 12.19 -13.58
CA ALA A 460 -14.24 12.65 -14.68
C ALA A 460 -15.61 13.10 -14.18
N ALA A 461 -16.12 14.18 -14.76
CA ALA A 461 -17.47 14.64 -14.48
C ALA A 461 -18.49 13.58 -14.86
N VAL A 462 -19.52 13.41 -14.03
CA VAL A 462 -20.61 12.49 -14.34
C VAL A 462 -21.76 13.33 -14.89
N ILE A 463 -21.91 13.35 -16.22
CA ILE A 463 -22.95 14.15 -16.87
C ILE A 463 -24.22 13.31 -16.95
N ALA A 464 -25.27 13.72 -16.24
CA ALA A 464 -26.46 12.90 -16.07
C ALA A 464 -27.62 13.53 -16.83
N VAL A 465 -28.07 12.87 -17.89
CA VAL A 465 -29.17 13.36 -18.70
C VAL A 465 -30.46 12.72 -18.19
N THR A 466 -31.46 13.55 -17.88
CA THR A 466 -32.69 13.00 -17.33
C THR A 466 -33.85 13.84 -17.86
N ARG A 467 -35.02 13.20 -17.94
CA ARG A 467 -36.27 13.89 -18.22
C ARG A 467 -36.97 14.32 -16.94
N SER A 468 -36.50 13.86 -15.78
CA SER A 468 -37.13 14.15 -14.49
C SER A 468 -36.60 15.47 -13.93
N ALA A 469 -37.46 16.49 -13.89
CA ALA A 469 -37.02 17.77 -13.37
C ALA A 469 -36.60 17.66 -11.90
N GLN A 470 -37.38 16.91 -11.11
CA GLN A 470 -37.09 16.77 -9.69
C GLN A 470 -35.81 15.98 -9.47
N ALA A 471 -35.58 14.94 -10.26
CA ALA A 471 -34.35 14.15 -10.15
C ALA A 471 -33.16 14.95 -10.63
N ALA A 472 -33.34 15.74 -11.69
CA ALA A 472 -32.26 16.63 -12.12
C ALA A 472 -31.88 17.59 -11.00
N ARG A 473 -32.86 18.04 -10.19
CA ARG A 473 -32.53 18.93 -9.09
C ARG A 473 -31.89 18.16 -7.94
N GLN A 474 -32.40 16.97 -7.64
CA GLN A 474 -31.98 16.27 -6.43
C GLN A 474 -30.58 15.69 -6.55
N VAL A 475 -30.15 15.35 -7.77
CA VAL A 475 -28.84 14.73 -7.94
C VAL A 475 -27.70 15.69 -7.67
N HIS A 476 -27.99 16.97 -7.45
CA HIS A 476 -26.96 17.91 -7.01
C HIS A 476 -26.36 17.49 -5.67
N LEU A 477 -27.04 16.62 -4.92
CA LEU A 477 -26.50 16.20 -3.62
C LEU A 477 -25.27 15.33 -3.77
N CYS A 478 -25.03 14.77 -4.98
CA CYS A 478 -23.98 13.80 -5.26
C CYS A 478 -22.81 14.49 -5.97
N ARG A 479 -21.62 14.41 -5.37
CA ARG A 479 -20.47 15.10 -5.94
C ARG A 479 -20.19 14.60 -7.35
N GLY A 480 -19.89 15.53 -8.24
CA GLY A 480 -19.50 15.20 -9.60
C GLY A 480 -20.62 14.93 -10.58
N VAL A 481 -21.88 15.00 -10.14
CA VAL A 481 -23.02 14.77 -11.03
C VAL A 481 -23.51 16.13 -11.53
N PHE A 482 -23.43 16.32 -12.84
CA PHE A 482 -23.86 17.54 -13.51
C PHE A 482 -25.16 17.23 -14.25
N PRO A 483 -26.29 17.67 -13.71
CA PRO A 483 -27.59 17.28 -14.26
C PRO A 483 -27.98 18.12 -15.46
N LEU A 484 -28.50 17.45 -16.49
CA LEU A 484 -29.08 18.05 -17.68
C LEU A 484 -30.54 17.63 -17.78
N LEU A 485 -31.43 18.60 -17.91
CA LEU A 485 -32.86 18.34 -18.07
C LEU A 485 -33.17 18.24 -19.55
N TYR A 486 -33.53 17.05 -20.01
CA TYR A 486 -33.93 16.87 -21.41
C TYR A 486 -35.41 17.17 -21.55
N ARG A 487 -35.78 17.93 -22.58
CA ARG A 487 -37.16 18.39 -22.71
C ARG A 487 -37.88 17.84 -23.94
N GLU A 488 -37.16 17.37 -24.94
CA GLU A 488 -37.76 16.91 -26.18
C GLU A 488 -38.61 15.65 -25.97
N PRO A 489 -39.77 15.56 -26.63
CA PRO A 489 -40.58 14.33 -26.58
C PRO A 489 -39.79 13.15 -27.11
N PRO A 490 -40.11 11.93 -26.68
CA PRO A 490 -39.38 10.74 -27.14
C PRO A 490 -39.41 10.56 -28.66
N GLU A 491 -38.28 10.11 -29.22
CA GLU A 491 -38.23 9.67 -30.60
C GLU A 491 -39.11 8.43 -30.78
N ALA A 492 -39.48 8.14 -32.02
CA ALA A 492 -40.35 7.00 -32.26
C ALA A 492 -39.69 5.69 -31.82
N ILE A 493 -38.41 5.51 -32.12
CA ILE A 493 -37.64 4.30 -31.82
C ILE A 493 -36.80 4.57 -30.58
N TRP A 494 -36.98 3.72 -29.56
CA TRP A 494 -36.34 3.95 -28.26
C TRP A 494 -34.83 4.12 -28.37
N ALA A 495 -34.17 3.32 -29.21
CA ALA A 495 -32.72 3.44 -29.38
C ALA A 495 -32.34 4.80 -29.96
N ASP A 496 -33.16 5.33 -30.89
CA ASP A 496 -32.90 6.69 -31.37
C ASP A 496 -33.02 7.71 -30.25
N ASP A 497 -34.01 7.54 -29.37
CA ASP A 497 -34.18 8.49 -28.26
C ASP A 497 -33.02 8.43 -27.29
N VAL A 498 -32.52 7.22 -27.00
CA VAL A 498 -31.32 7.09 -26.19
C VAL A 498 -30.15 7.81 -26.85
N ASP A 499 -29.91 7.54 -28.14
CA ASP A 499 -28.77 8.18 -28.81
C ASP A 499 -28.93 9.69 -28.82
N ARG A 500 -30.16 10.18 -28.99
CA ARG A 500 -30.37 11.63 -28.99
C ARG A 500 -30.07 12.21 -27.61
N ARG A 501 -30.44 11.50 -26.54
CA ARG A 501 -30.12 12.02 -25.20
C ARG A 501 -28.62 11.99 -24.95
N VAL A 502 -27.94 10.98 -25.47
CA VAL A 502 -26.48 10.93 -25.32
C VAL A 502 -25.83 12.10 -26.06
N GLN A 503 -26.30 12.37 -27.28
CA GLN A 503 -25.77 13.49 -28.03
C GLN A 503 -26.10 14.82 -27.38
N PHE A 504 -27.26 14.90 -26.71
CA PHE A 504 -27.62 16.09 -25.96
C PHE A 504 -26.65 16.33 -24.81
N GLY A 505 -26.33 15.28 -24.06
CA GLY A 505 -25.29 15.42 -23.05
C GLY A 505 -23.97 15.88 -23.63
N ILE A 506 -23.58 15.30 -24.78
CA ILE A 506 -22.33 15.70 -25.43
C ILE A 506 -22.35 17.16 -25.82
N GLU A 507 -23.44 17.61 -26.46
CA GLU A 507 -23.48 18.98 -26.95
C GLU A 507 -23.57 19.98 -25.79
N SER A 508 -24.25 19.62 -24.71
CA SER A 508 -24.25 20.47 -23.52
C SER A 508 -22.84 20.57 -22.94
N GLY A 509 -22.15 19.43 -22.83
CA GLY A 509 -20.79 19.46 -22.32
C GLY A 509 -19.85 20.27 -23.19
N LYS A 510 -20.07 20.24 -24.50
CA LYS A 510 -19.26 21.05 -25.41
C LYS A 510 -19.51 22.53 -25.18
N LEU A 511 -20.79 22.92 -25.16
CA LEU A 511 -21.15 24.32 -24.97
C LEU A 511 -20.73 24.84 -23.60
N ARG A 512 -20.89 24.04 -22.54
CA ARG A 512 -20.49 24.45 -21.21
C ARG A 512 -18.99 24.33 -20.98
N GLY A 513 -18.23 23.85 -21.96
CA GLY A 513 -16.79 23.77 -21.82
C GLY A 513 -16.26 22.53 -21.15
N PHE A 514 -17.10 21.54 -20.85
CA PHE A 514 -16.56 20.35 -20.19
C PHE A 514 -16.03 19.32 -21.18
N LEU A 515 -16.34 19.48 -22.46
CA LEU A 515 -15.98 18.51 -23.49
C LEU A 515 -15.41 19.22 -24.70
N ARG A 516 -14.38 18.63 -25.30
CA ARG A 516 -13.73 19.18 -26.48
C ARG A 516 -13.52 18.05 -27.48
N VAL A 517 -13.32 18.44 -28.75
CA VAL A 517 -13.11 17.44 -29.78
C VAL A 517 -11.83 16.69 -29.51
N GLY A 518 -11.89 15.36 -29.61
CA GLY A 518 -10.78 14.50 -29.29
C GLY A 518 -10.85 13.89 -27.91
N ASP A 519 -11.70 14.44 -27.03
CA ASP A 519 -11.87 13.83 -25.72
C ASP A 519 -12.46 12.44 -25.86
N LEU A 520 -12.18 11.60 -24.87
CA LEU A 520 -12.90 10.35 -24.71
C LEU A 520 -13.97 10.53 -23.63
N VAL A 521 -15.11 9.87 -23.82
CA VAL A 521 -16.16 9.84 -22.82
C VAL A 521 -16.60 8.40 -22.64
N ILE A 522 -17.06 8.09 -21.42
CA ILE A 522 -17.71 6.83 -21.10
C ILE A 522 -19.20 7.10 -21.04
N VAL A 523 -19.97 6.26 -21.73
CA VAL A 523 -21.41 6.44 -21.84
C VAL A 523 -22.10 5.22 -21.24
N VAL A 524 -22.99 5.46 -20.28
CA VAL A 524 -23.62 4.40 -19.51
C VAL A 524 -25.12 4.46 -19.76
N THR A 525 -25.68 3.36 -20.26
CA THR A 525 -27.08 3.26 -20.64
C THR A 525 -27.61 1.89 -20.21
N GLY A 526 -28.86 1.62 -20.58
CA GLY A 526 -29.52 0.39 -20.19
C GLY A 526 -30.17 -0.30 -21.36
N TRP A 527 -30.59 -1.55 -21.14
CA TRP A 527 -31.06 -2.40 -22.22
C TRP A 527 -32.54 -2.26 -22.53
N ARG A 528 -33.31 -1.54 -21.70
CA ARG A 528 -34.75 -1.34 -21.89
C ARG A 528 -35.16 -0.06 -21.15
N PRO A 529 -36.33 0.51 -21.47
CA PRO A 529 -36.78 1.72 -20.75
C PRO A 529 -37.20 1.43 -19.32
N GLY A 530 -37.29 2.50 -18.54
CA GLY A 530 -37.65 2.38 -17.15
C GLY A 530 -36.42 2.38 -16.24
N SER A 531 -36.62 2.84 -15.02
CA SER A 531 -35.49 2.88 -14.08
C SER A 531 -35.10 1.46 -13.67
N GLY A 532 -33.79 1.27 -13.46
CA GLY A 532 -33.27 0.05 -12.87
C GLY A 532 -32.59 -0.93 -13.81
N TYR A 533 -32.43 -0.59 -15.09
CA TYR A 533 -31.90 -1.55 -16.06
C TYR A 533 -30.60 -1.06 -16.68
N THR A 534 -29.87 -0.18 -16.00
CA THR A 534 -28.56 0.27 -16.48
C THR A 534 -27.60 -0.93 -16.52
N ASN A 535 -26.95 -1.14 -17.67
CA ASN A 535 -26.10 -2.32 -17.81
C ASN A 535 -25.10 -2.25 -18.97
N ILE A 536 -24.89 -1.05 -19.53
CA ILE A 536 -24.07 -0.89 -20.71
C ILE A 536 -23.06 0.23 -20.49
N MET A 537 -21.79 -0.05 -20.80
CA MET A 537 -20.75 0.97 -20.78
C MET A 537 -20.08 0.99 -22.14
N ARG A 538 -19.93 2.17 -22.72
CA ARG A 538 -19.32 2.33 -24.04
C ARG A 538 -18.26 3.40 -23.98
N VAL A 539 -17.25 3.25 -24.82
CA VAL A 539 -16.17 4.21 -24.94
C VAL A 539 -16.34 4.96 -26.25
N LEU A 540 -16.48 6.30 -26.17
CA LEU A 540 -16.68 7.13 -27.36
C LEU A 540 -15.68 8.28 -27.38
N SER A 541 -15.27 8.67 -28.59
CA SER A 541 -14.46 9.85 -28.79
C SER A 541 -15.35 11.03 -29.16
N ILE A 542 -14.95 12.22 -28.71
CA ILE A 542 -15.69 13.43 -29.04
C ILE A 542 -15.16 13.96 -30.37
N GLN B 26 -11.27 3.07 24.52
CA GLN B 26 -9.83 3.34 24.44
C GLN B 26 -9.61 4.79 24.03
N GLN B 27 -8.49 5.34 24.47
CA GLN B 27 -8.23 6.75 24.35
C GLN B 27 -7.21 6.99 23.23
N GLN B 28 -6.83 8.26 23.07
CA GLN B 28 -5.82 8.67 22.10
C GLN B 28 -6.15 8.25 20.66
N GLN B 29 -7.43 8.08 20.34
CA GLN B 29 -7.87 7.64 19.01
C GLN B 29 -7.17 6.35 18.58
N LEU B 30 -6.82 5.50 19.56
CA LEU B 30 -6.19 4.23 19.22
C LEU B 30 -7.07 3.31 18.36
N PRO B 31 -8.40 3.24 18.54
CA PRO B 31 -9.19 2.44 17.58
C PRO B 31 -9.00 2.89 16.15
N ALA B 32 -8.93 4.21 15.91
CA ALA B 32 -8.65 4.69 14.57
C ALA B 32 -7.19 4.51 14.20
N ALA B 33 -6.32 4.39 15.20
CA ALA B 33 -4.91 4.17 14.93
C ALA B 33 -4.69 2.79 14.34
N MET B 34 -5.49 1.80 14.76
CA MET B 34 -5.33 0.44 14.25
C MET B 34 -6.15 0.17 12.99
N ALA B 35 -6.39 1.19 12.15
CA ALA B 35 -7.18 1.02 10.95
C ALA B 35 -6.29 0.56 9.79
N ASP B 36 -6.88 -0.22 8.88
CA ASP B 36 -6.15 -0.78 7.75
C ASP B 36 -6.13 0.12 6.52
N THR B 37 -7.03 1.09 6.45
CA THR B 37 -7.11 2.05 5.37
C THR B 37 -7.30 3.45 5.96
N PHE B 38 -6.93 4.45 5.16
CA PHE B 38 -7.12 5.84 5.57
C PHE B 38 -8.60 6.17 5.76
N LEU B 39 -9.46 5.64 4.88
CA LEU B 39 -10.89 5.84 5.02
C LEU B 39 -11.41 5.25 6.32
N GLU B 40 -11.02 4.02 6.65
CA GLU B 40 -11.42 3.41 7.92
C GLU B 40 -10.88 4.20 9.10
N HIS B 41 -9.64 4.69 9.00
CA HIS B 41 -9.11 5.55 10.03
C HIS B 41 -10.05 6.72 10.30
N LEU B 42 -10.45 7.39 9.22
CA LEU B 42 -11.40 8.51 9.34
C LEU B 42 -12.71 8.05 9.94
N CYS B 43 -13.24 6.92 9.48
CA CYS B 43 -14.52 6.43 9.97
C CYS B 43 -14.46 6.09 11.46
N LEU B 44 -13.29 5.78 11.99
CA LEU B 44 -13.20 5.33 13.38
C LEU B 44 -12.89 6.44 14.38
N LEU B 45 -12.71 7.68 13.91
CA LEU B 45 -12.43 8.77 14.84
C LEU B 45 -13.61 8.96 15.79
N ASP B 46 -13.31 9.29 17.04
CA ASP B 46 -14.28 9.25 18.14
C ASP B 46 -14.12 10.50 18.99
N ILE B 47 -15.19 11.32 19.02
CA ILE B 47 -15.14 12.51 19.86
C ILE B 47 -15.12 12.22 21.35
N ASP B 48 -15.40 10.97 21.76
CA ASP B 48 -15.30 10.60 23.17
C ASP B 48 -13.94 10.00 23.52
N SER B 49 -13.09 9.73 22.54
CA SER B 49 -11.75 9.22 22.82
C SER B 49 -10.88 10.36 23.31
N GLU B 50 -10.47 10.31 24.58
CA GLU B 50 -9.77 11.52 25.00
C GLU B 50 -8.26 11.41 24.76
N PRO B 51 -7.63 12.50 24.33
CA PRO B 51 -6.17 12.51 24.15
C PRO B 51 -5.42 12.34 25.47
N VAL B 52 -4.32 11.59 25.42
CA VAL B 52 -3.51 11.29 26.59
C VAL B 52 -2.10 11.83 26.46
N ALA B 53 -1.55 11.82 25.26
CA ALA B 53 -0.21 12.34 25.09
C ALA B 53 -0.21 13.84 25.31
N ALA B 54 0.98 14.36 25.63
CA ALA B 54 1.14 15.79 25.76
C ALA B 54 1.00 16.45 24.39
N ARG B 55 0.66 17.73 24.40
CA ARG B 55 0.47 18.45 23.14
C ARG B 55 1.82 18.67 22.46
N SER B 56 1.95 18.21 21.21
CA SER B 56 3.25 18.12 20.55
C SER B 56 3.53 19.26 19.57
N THR B 57 2.51 19.86 18.98
CA THR B 57 2.71 20.94 18.03
C THR B 57 2.96 22.24 18.79
N SER B 58 4.10 22.87 18.55
CA SER B 58 4.43 24.09 19.28
C SER B 58 3.54 25.24 18.81
N ILE B 59 3.30 26.16 19.74
CA ILE B 59 2.47 27.34 19.53
C ILE B 59 3.38 28.56 19.55
N ILE B 60 3.35 29.32 18.46
CA ILE B 60 4.07 30.58 18.36
C ILE B 60 3.10 31.72 18.63
N ALA B 61 3.40 32.59 19.59
CA ALA B 61 2.55 33.73 19.92
C ALA B 61 3.29 35.03 19.62
N THR B 62 2.60 35.93 18.91
CA THR B 62 3.17 37.23 18.57
C THR B 62 2.99 38.19 19.73
N ILE B 63 4.07 38.87 20.10
CA ILE B 63 4.07 39.79 21.23
C ILE B 63 3.57 41.15 20.78
N GLY B 64 2.66 41.73 21.56
CA GLY B 64 2.17 43.05 21.30
C GLY B 64 1.52 43.63 22.53
N PRO B 65 0.79 44.76 22.37
CA PRO B 65 0.14 45.40 23.52
C PRO B 65 -0.73 44.46 24.36
N ALA B 66 -1.38 43.48 23.73
CA ALA B 66 -2.25 42.58 24.48
C ALA B 66 -1.50 41.52 25.25
N SER B 67 -0.19 41.43 25.07
CA SER B 67 0.58 40.30 25.58
C SER B 67 2.01 40.72 25.89
N ARG B 68 2.17 41.88 26.53
CA ARG B 68 3.50 42.39 26.81
C ARG B 68 3.86 42.43 28.28
N SER B 69 2.88 42.49 29.17
CA SER B 69 3.17 42.56 30.60
C SER B 69 3.68 41.22 31.11
N VAL B 70 4.51 41.28 32.15
CA VAL B 70 5.08 40.04 32.69
C VAL B 70 3.98 39.08 33.12
N GLU B 71 2.94 39.58 33.79
CA GLU B 71 1.88 38.70 34.27
C GLU B 71 1.12 38.08 33.10
N ARG B 72 0.81 38.88 32.08
CA ARG B 72 0.15 38.33 30.90
C ARG B 72 1.01 37.25 30.27
N LEU B 73 2.32 37.46 30.20
CA LEU B 73 3.17 36.47 29.59
C LEU B 73 3.24 35.21 30.43
N LYS B 74 3.21 35.32 31.76
CA LYS B 74 3.10 34.15 32.62
C LYS B 74 1.83 33.35 32.30
N GLU B 75 0.69 34.05 32.15
CA GLU B 75 -0.54 33.38 31.77
C GLU B 75 -0.39 32.66 30.42
N MET B 76 0.31 33.29 29.47
CA MET B 76 0.41 32.68 28.15
C MET B 76 1.34 31.48 28.17
N ILE B 77 2.42 31.56 28.94
CA ILE B 77 3.26 30.40 29.16
C ILE B 77 2.45 29.26 29.73
N LYS B 78 1.70 29.55 30.81
CA LYS B 78 0.90 28.50 31.44
C LYS B 78 -0.15 27.94 30.48
N ALA B 79 -0.67 28.79 29.59
CA ALA B 79 -1.68 28.34 28.65
C ALA B 79 -1.08 27.47 27.56
N GLY B 80 0.21 27.62 27.29
CA GLY B 80 0.86 26.73 26.35
C GLY B 80 1.76 27.36 25.30
N MET B 81 2.03 28.65 25.41
CA MET B 81 2.91 29.32 24.46
C MET B 81 4.33 28.75 24.52
N ASN B 82 4.87 28.37 23.36
CA ASN B 82 6.21 27.80 23.32
C ASN B 82 7.26 28.72 22.72
N ILE B 83 6.84 29.62 21.81
CA ILE B 83 7.74 30.54 21.12
C ILE B 83 7.10 31.93 21.12
N ALA B 84 7.84 32.92 21.61
CA ALA B 84 7.42 34.32 21.57
C ALA B 84 7.98 34.95 20.30
N ARG B 85 7.10 35.50 19.47
CA ARG B 85 7.48 36.07 18.18
C ARG B 85 7.49 37.58 18.27
N LEU B 86 8.61 38.19 17.86
CA LEU B 86 8.75 39.64 17.80
C LEU B 86 8.59 40.06 16.35
N ASN B 87 7.54 40.81 16.07
CA ASN B 87 7.26 41.27 14.71
C ASN B 87 7.99 42.59 14.51
N PHE B 88 9.10 42.54 13.75
CA PHE B 88 9.86 43.74 13.48
C PHE B 88 9.32 44.54 12.31
N SER B 89 8.14 44.20 11.80
CA SER B 89 7.47 45.11 10.88
C SER B 89 7.15 46.43 11.55
N HIS B 90 6.92 46.42 12.86
CA HIS B 90 6.65 47.62 13.64
C HIS B 90 7.44 47.53 14.94
N GLY B 91 7.61 48.68 15.59
CA GLY B 91 8.29 48.72 16.87
C GLY B 91 9.77 49.07 16.82
N SER B 92 10.22 49.92 17.73
CA SER B 92 11.60 50.34 17.83
C SER B 92 12.46 49.26 18.50
N HIS B 93 13.78 49.46 18.43
CA HIS B 93 14.69 48.55 19.10
C HIS B 93 14.46 48.55 20.61
N GLU B 94 14.17 49.72 21.18
CA GLU B 94 13.94 49.76 22.62
C GLU B 94 12.65 49.03 23.00
N TYR B 95 11.63 49.14 22.16
CA TYR B 95 10.39 48.41 22.38
C TYR B 95 10.63 46.89 22.39
N HIS B 96 11.37 46.40 21.40
CA HIS B 96 11.63 44.97 21.32
C HIS B 96 12.56 44.50 22.43
N ALA B 97 13.45 45.37 22.90
CA ALA B 97 14.29 45.03 24.05
C ALA B 97 13.46 44.88 25.31
N GLU B 98 12.51 45.80 25.54
CA GLU B 98 11.65 45.63 26.71
C GLU B 98 10.75 44.40 26.56
N SER B 99 10.29 44.12 25.33
CA SER B 99 9.52 42.89 25.11
C SER B 99 10.34 41.66 25.49
N ILE B 100 11.60 41.60 25.04
CA ILE B 100 12.48 40.47 25.36
C ILE B 100 12.68 40.35 26.87
N ALA B 101 12.95 41.48 27.54
CA ALA B 101 13.15 41.45 28.99
C ALA B 101 11.91 40.92 29.71
N ASN B 102 10.71 41.34 29.28
CA ASN B 102 9.49 40.87 29.93
C ASN B 102 9.26 39.39 29.70
N VAL B 103 9.48 38.92 28.46
CA VAL B 103 9.35 37.49 28.18
C VAL B 103 10.32 36.70 29.07
N ARG B 104 11.56 37.18 29.20
CA ARG B 104 12.55 36.42 29.97
C ARG B 104 12.22 36.42 31.45
N GLU B 105 11.72 37.56 31.97
CA GLU B 105 11.25 37.62 33.35
C GLU B 105 10.12 36.62 33.60
N ALA B 106 9.14 36.60 32.71
CA ALA B 106 8.05 35.63 32.84
C ALA B 106 8.57 34.19 32.77
N VAL B 107 9.48 33.90 31.85
CA VAL B 107 9.99 32.54 31.72
C VAL B 107 10.77 32.12 32.97
N GLU B 108 11.67 32.97 33.44
CA GLU B 108 12.53 32.63 34.56
C GLU B 108 11.81 32.66 35.91
N SER B 109 10.62 33.27 35.99
CA SER B 109 9.83 33.16 37.21
C SER B 109 9.46 31.71 37.54
N PHE B 110 9.53 30.80 36.57
CA PHE B 110 9.26 29.38 36.79
C PHE B 110 10.51 28.55 37.03
N ALA B 111 11.68 29.16 37.11
CA ALA B 111 12.92 28.40 37.22
C ALA B 111 13.10 27.75 38.60
N GLY B 112 12.37 28.23 39.60
CA GLY B 112 12.50 27.71 40.95
C GLY B 112 12.02 26.28 41.11
N SER B 113 11.29 25.75 40.13
CA SER B 113 10.84 24.36 40.12
C SER B 113 11.40 23.69 38.86
N PRO B 114 12.64 23.20 38.91
CA PRO B 114 13.29 22.70 37.69
C PRO B 114 12.55 21.56 36.99
N LEU B 115 11.80 20.72 37.72
CA LEU B 115 11.11 19.60 37.05
C LEU B 115 9.92 20.05 36.22
N SER B 116 9.45 21.28 36.41
CA SER B 116 8.29 21.78 35.69
C SER B 116 8.58 22.99 34.80
N TYR B 117 9.79 23.54 34.84
CA TYR B 117 10.18 24.69 34.05
C TYR B 117 10.00 24.43 32.55
N ARG B 118 9.36 25.38 31.87
CA ARG B 118 9.15 25.32 30.43
C ARG B 118 10.06 26.31 29.74
N PRO B 119 11.02 25.86 28.93
CA PRO B 119 11.77 26.81 28.08
C PRO B 119 10.83 27.49 27.10
N VAL B 120 11.14 28.74 26.76
CA VAL B 120 10.36 29.49 25.79
C VAL B 120 11.33 30.16 24.82
N ALA B 121 11.15 29.89 23.54
CA ALA B 121 12.02 30.46 22.53
C ALA B 121 11.56 31.86 22.15
N ILE B 122 12.51 32.65 21.65
CA ILE B 122 12.24 33.99 21.13
C ILE B 122 12.65 34.01 19.66
N ALA B 123 11.70 34.39 18.81
CA ALA B 123 11.91 34.40 17.36
C ALA B 123 11.79 35.84 16.86
N LEU B 124 12.75 36.25 16.03
CA LEU B 124 12.76 37.58 15.42
C LEU B 124 12.20 37.45 14.00
N ASP B 125 11.05 38.09 13.75
CA ASP B 125 10.42 38.09 12.43
C ASP B 125 10.79 39.40 11.74
N THR B 126 11.52 39.28 10.63
CA THR B 126 12.07 40.46 9.98
C THR B 126 10.99 41.29 9.28
N LYS B 127 11.24 42.59 9.19
CA LYS B 127 10.36 43.45 8.39
C LYS B 127 10.41 43.01 6.94
N GLY B 128 11.63 42.78 6.42
CA GLY B 128 11.80 42.30 5.08
C GLY B 128 11.79 43.41 4.06
N PRO B 129 12.20 43.10 2.83
CA PRO B 129 12.16 44.11 1.76
C PRO B 129 10.71 44.45 1.45
N GLU B 130 10.46 45.74 1.18
CA GLU B 130 9.10 46.23 0.96
C GLU B 130 9.05 47.16 -0.24
N ILE B 131 7.88 47.24 -0.83
CA ILE B 131 7.54 48.25 -1.82
C ILE B 131 6.42 49.08 -1.21
N ARG B 132 6.61 50.39 -1.19
CA ARG B 132 5.67 51.28 -0.53
C ARG B 132 5.26 52.39 -1.49
N THR B 133 4.02 52.86 -1.31
CA THR B 133 3.54 54.01 -2.06
C THR B 133 4.17 55.27 -1.49
N GLY B 134 3.84 56.41 -2.10
CA GLY B 134 4.37 57.68 -1.66
C GLY B 134 3.49 58.35 -0.60
N ILE B 135 3.98 59.48 -0.10
CA ILE B 135 3.19 60.31 0.80
C ILE B 135 2.29 61.19 -0.06
N LEU B 136 1.01 61.26 0.31
CA LEU B 136 0.03 61.98 -0.49
C LEU B 136 0.29 63.47 -0.46
N GLN B 137 -0.19 64.15 -1.50
CA GLN B 137 -0.04 65.60 -1.59
C GLN B 137 -0.63 66.30 -0.39
N GLY B 138 -1.78 65.82 0.08
CA GLY B 138 -2.44 66.47 1.21
C GLY B 138 -1.59 66.47 2.47
N GLY B 139 -0.73 65.46 2.62
CA GLY B 139 0.15 65.40 3.76
C GLY B 139 0.03 64.08 4.50
N PRO B 140 0.81 63.93 5.57
CA PRO B 140 0.82 62.64 6.29
C PRO B 140 -0.56 62.15 6.71
N GLU B 141 -1.34 63.00 7.39
CA GLU B 141 -2.70 62.63 7.82
C GLU B 141 -3.69 63.09 6.75
N SER B 142 -3.69 62.36 5.64
CA SER B 142 -4.54 62.69 4.50
C SER B 142 -4.85 61.41 3.75
N GLU B 143 -5.96 61.43 3.01
CA GLU B 143 -6.42 60.25 2.29
C GLU B 143 -6.99 60.69 0.95
N VAL B 144 -6.87 59.81 -0.04
CA VAL B 144 -7.41 60.08 -1.37
C VAL B 144 -8.13 58.82 -1.86
N GLU B 145 -9.16 59.01 -2.69
CA GLU B 145 -9.96 57.90 -3.17
C GLU B 145 -9.51 57.44 -4.55
N LEU B 146 -9.24 56.15 -4.68
CA LEU B 146 -8.96 55.50 -5.97
C LEU B 146 -10.25 54.85 -6.44
N VAL B 147 -10.81 55.37 -7.53
CA VAL B 147 -12.15 55.00 -7.97
C VAL B 147 -12.07 53.81 -8.90
N LYS B 148 -12.91 52.81 -8.65
CA LYS B 148 -12.98 51.65 -9.53
C LYS B 148 -13.30 52.11 -10.94
N GLY B 149 -12.58 51.57 -11.91
CA GLY B 149 -12.82 51.90 -13.30
C GLY B 149 -12.09 53.13 -13.80
N SER B 150 -11.30 53.80 -12.97
CA SER B 150 -10.59 55.01 -13.38
C SER B 150 -9.15 54.69 -13.79
N GLN B 151 -8.49 55.69 -14.34
CA GLN B 151 -7.12 55.57 -14.79
C GLN B 151 -6.17 56.04 -13.69
N VAL B 152 -5.13 55.26 -13.42
CA VAL B 152 -4.15 55.55 -12.39
C VAL B 152 -2.76 55.32 -12.98
N LEU B 153 -1.88 56.28 -12.77
CA LEU B 153 -0.52 56.19 -13.25
C LEU B 153 0.36 55.70 -12.10
N VAL B 154 1.04 54.58 -12.30
CA VAL B 154 2.07 54.14 -11.40
C VAL B 154 3.39 54.67 -11.93
N THR B 155 4.03 55.56 -11.17
CA THR B 155 5.23 56.25 -11.60
C THR B 155 6.34 56.05 -10.59
N VAL B 156 7.57 56.05 -11.07
CA VAL B 156 8.73 55.98 -10.21
C VAL B 156 9.61 57.22 -10.33
N ASP B 157 9.08 58.27 -10.97
CA ASP B 157 9.74 59.57 -11.01
C ASP B 157 9.83 60.15 -9.60
N PRO B 158 11.04 60.48 -9.11
CA PRO B 158 11.14 61.07 -7.77
C PRO B 158 10.39 62.39 -7.59
N ALA B 159 9.98 63.05 -8.67
CA ALA B 159 9.24 64.30 -8.53
C ALA B 159 7.83 64.08 -8.00
N PHE B 160 7.28 62.88 -8.15
CA PHE B 160 5.95 62.56 -7.66
C PHE B 160 5.99 61.85 -6.32
N ARG B 161 7.15 61.84 -5.65
CA ARG B 161 7.29 61.20 -4.34
C ARG B 161 6.25 61.73 -3.37
N THR B 162 6.10 63.05 -3.32
CA THR B 162 5.14 63.72 -2.43
C THR B 162 3.93 64.25 -3.18
N ARG B 163 3.77 63.83 -4.44
CA ARG B 163 2.70 64.31 -5.31
C ARG B 163 1.62 63.24 -5.53
N GLY B 164 1.23 62.55 -4.46
CA GLY B 164 0.18 61.54 -4.56
C GLY B 164 -1.21 62.17 -4.71
N ASN B 165 -2.03 61.54 -5.56
CA ASN B 165 -3.39 62.00 -5.82
C ASN B 165 -4.24 60.80 -6.21
N ALA B 166 -5.49 61.08 -6.62
CA ALA B 166 -6.44 60.03 -6.99
C ALA B 166 -6.08 59.29 -8.27
N ASN B 167 -5.25 59.88 -9.12
CA ASN B 167 -4.92 59.25 -10.41
C ASN B 167 -3.44 58.96 -10.57
N THR B 168 -2.63 59.16 -9.52
CA THR B 168 -1.20 58.95 -9.62
C THR B 168 -0.71 58.36 -8.30
N VAL B 169 0.01 57.24 -8.38
CA VAL B 169 0.61 56.62 -7.21
C VAL B 169 2.10 56.46 -7.49
N TRP B 170 2.92 56.96 -6.57
CA TRP B 170 4.37 56.81 -6.64
C TRP B 170 4.80 55.67 -5.72
N VAL B 171 5.84 54.95 -6.15
CA VAL B 171 6.38 53.80 -5.41
C VAL B 171 7.89 53.91 -5.35
N ASP B 172 8.47 53.43 -4.25
CA ASP B 172 9.91 53.50 -4.02
C ASP B 172 10.68 52.33 -4.65
N TYR B 173 10.12 51.71 -5.69
CA TYR B 173 10.71 50.55 -6.35
C TYR B 173 10.71 50.79 -7.86
N PRO B 174 11.78 51.41 -8.40
CA PRO B 174 11.78 51.80 -9.83
C PRO B 174 11.52 50.68 -10.83
N ASN B 175 12.16 49.53 -10.62
CA ASN B 175 12.03 48.43 -11.57
C ASN B 175 10.62 47.86 -11.64
N ILE B 176 9.65 48.45 -10.91
CA ILE B 176 8.26 48.04 -11.10
C ILE B 176 7.94 48.13 -12.58
N VAL B 177 8.51 49.14 -13.26
CA VAL B 177 8.19 49.30 -14.66
C VAL B 177 8.67 48.15 -15.54
N ARG B 178 9.48 47.16 -15.02
CA ARG B 178 9.94 46.08 -15.92
C ARG B 178 9.50 44.73 -15.41
N VAL B 179 8.71 44.72 -14.36
CA VAL B 179 8.23 43.45 -13.82
C VAL B 179 6.72 43.28 -13.91
N VAL B 180 5.94 44.33 -14.20
CA VAL B 180 4.50 44.21 -14.37
C VAL B 180 4.17 44.49 -15.83
N PRO B 181 3.85 43.47 -16.63
CA PRO B 181 3.48 43.69 -18.03
C PRO B 181 2.00 44.06 -18.15
N VAL B 182 1.57 44.27 -19.39
CA VAL B 182 0.16 44.51 -19.69
C VAL B 182 -0.64 43.28 -19.31
N GLY B 183 -1.72 43.48 -18.55
CA GLY B 183 -2.49 42.42 -17.96
C GLY B 183 -2.12 42.08 -16.51
N GLY B 184 -0.98 42.58 -16.02
CA GLY B 184 -0.58 42.29 -14.66
C GLY B 184 -1.35 43.10 -13.63
N ARG B 185 -1.34 42.61 -12.39
CA ARG B 185 -2.03 43.24 -11.29
C ARG B 185 -1.02 43.87 -10.34
N ILE B 186 -1.43 44.96 -9.70
CA ILE B 186 -0.66 45.63 -8.67
C ILE B 186 -1.59 45.85 -7.47
N TYR B 187 -1.18 45.35 -6.30
CA TYR B 187 -1.95 45.42 -5.07
C TYR B 187 -1.39 46.48 -4.13
N ILE B 188 -2.29 47.25 -3.54
CA ILE B 188 -1.95 48.35 -2.64
C ILE B 188 -2.79 48.24 -1.38
N ASP B 189 -2.15 48.51 -0.22
CA ASP B 189 -2.75 48.43 1.12
C ASP B 189 -3.31 47.04 1.37
N ASP B 190 -2.42 46.08 1.71
CA ASP B 190 -2.82 44.70 2.08
C ASP B 190 -3.79 44.09 1.07
N GLY B 191 -3.62 44.39 -0.20
CA GLY B 191 -4.54 43.86 -1.19
C GLY B 191 -5.89 44.54 -1.25
N LEU B 192 -6.08 45.65 -0.54
CA LEU B 192 -7.40 46.27 -0.57
C LEU B 192 -7.68 46.92 -1.94
N ILE B 193 -6.65 47.42 -2.60
CA ILE B 193 -6.77 48.03 -3.93
C ILE B 193 -6.05 47.17 -4.96
N SER B 194 -6.69 47.01 -6.13
CA SER B 194 -6.19 46.23 -7.26
C SER B 194 -6.19 47.08 -8.53
N LEU B 195 -5.08 46.96 -9.30
CA LEU B 195 -4.88 47.63 -10.57
C LEU B 195 -4.46 46.62 -11.65
N VAL B 196 -4.95 46.78 -12.88
CA VAL B 196 -4.49 45.96 -14.03
C VAL B 196 -3.85 46.91 -15.04
N VAL B 197 -2.60 46.60 -15.43
CA VAL B 197 -1.81 47.48 -16.28
C VAL B 197 -2.46 47.58 -17.66
N GLN B 198 -2.79 48.81 -18.06
CA GLN B 198 -3.40 49.02 -19.36
C GLN B 198 -2.32 49.24 -20.44
N LYS B 199 -1.30 50.05 -20.15
CA LYS B 199 -0.20 50.20 -21.07
C LYS B 199 1.06 50.66 -20.33
N ILE B 200 2.21 50.41 -20.94
CA ILE B 200 3.52 50.70 -20.36
C ILE B 200 4.23 51.75 -21.20
N GLY B 201 4.88 52.72 -20.55
CA GLY B 201 5.57 53.77 -21.27
C GLY B 201 6.48 54.60 -20.37
N PRO B 202 7.08 55.66 -20.94
CA PRO B 202 8.11 56.40 -20.20
C PRO B 202 7.64 57.08 -18.93
N GLU B 203 6.41 57.58 -18.92
CA GLU B 203 5.82 58.17 -17.72
C GLU B 203 5.54 57.12 -16.66
N GLY B 204 5.41 55.86 -17.05
CA GLY B 204 5.13 54.80 -16.11
C GLY B 204 4.10 53.81 -16.64
N LEU B 205 3.41 53.13 -15.72
CA LEU B 205 2.38 52.15 -16.04
C LEU B 205 1.00 52.82 -15.93
N VAL B 206 0.30 52.94 -17.05
CA VAL B 206 -1.08 53.38 -17.05
C VAL B 206 -1.94 52.15 -16.72
N THR B 207 -2.70 52.23 -15.62
CA THR B 207 -3.49 51.12 -15.13
C THR B 207 -4.92 51.59 -14.90
N GLN B 208 -5.83 50.63 -14.80
CA GLN B 208 -7.21 50.90 -14.40
C GLN B 208 -7.52 50.16 -13.11
N VAL B 209 -8.30 50.80 -12.24
CA VAL B 209 -8.62 50.26 -10.92
C VAL B 209 -9.59 49.11 -11.07
N GLU B 210 -9.12 47.90 -10.71
CA GLU B 210 -10.02 46.75 -10.66
C GLU B 210 -10.75 46.73 -9.32
N ASN B 211 -10.03 46.96 -8.23
CA ASN B 211 -10.65 47.07 -6.91
C ASN B 211 -10.28 48.42 -6.32
N GLY B 212 -11.28 49.28 -6.12
CA GLY B 212 -11.04 50.62 -5.63
C GLY B 212 -11.04 50.72 -4.12
N GLY B 213 -10.77 51.91 -3.62
CA GLY B 213 -10.79 52.12 -2.20
C GLY B 213 -10.06 53.37 -1.78
N VAL B 214 -10.03 53.56 -0.47
CA VAL B 214 -9.41 54.74 0.14
C VAL B 214 -7.94 54.46 0.40
N LEU B 215 -7.06 55.36 -0.05
CA LEU B 215 -5.62 55.20 0.02
C LEU B 215 -5.02 56.25 0.93
N GLY B 216 -4.17 55.79 1.85
CA GLY B 216 -3.37 56.65 2.68
C GLY B 216 -1.96 56.82 2.16
N SER B 217 -1.05 57.15 3.07
CA SER B 217 0.35 57.40 2.72
C SER B 217 1.20 56.18 3.08
N ARG B 218 2.19 55.89 2.22
CA ARG B 218 3.21 54.88 2.49
C ARG B 218 2.61 53.51 2.76
N LYS B 219 1.78 53.03 1.83
CA LYS B 219 1.13 51.73 1.95
C LYS B 219 1.90 50.65 1.20
N GLY B 220 1.71 49.40 1.64
CA GLY B 220 2.46 48.30 1.08
C GLY B 220 1.96 47.92 -0.31
N VAL B 221 2.91 47.50 -1.17
CA VAL B 221 2.62 47.14 -2.55
C VAL B 221 3.01 45.69 -2.79
N ASN B 222 2.14 44.94 -3.47
CA ASN B 222 2.42 43.56 -3.85
C ASN B 222 2.25 43.39 -5.36
N LEU B 223 3.17 42.63 -5.96
CA LEU B 223 3.21 42.40 -7.40
C LEU B 223 3.02 40.91 -7.66
N PRO B 224 1.78 40.44 -7.76
CA PRO B 224 1.54 38.99 -7.91
C PRO B 224 2.16 38.41 -9.16
N GLY B 225 2.92 37.32 -8.99
CA GLY B 225 3.52 36.62 -10.12
C GLY B 225 4.76 37.27 -10.73
N ALA B 226 5.23 38.39 -10.18
CA ALA B 226 6.37 39.13 -10.72
C ALA B 226 7.66 38.65 -10.08
N GLN B 227 8.74 38.70 -10.86
CA GLN B 227 10.08 38.43 -10.32
C GLN B 227 10.67 39.73 -9.81
N VAL B 228 10.61 39.90 -8.48
CA VAL B 228 11.09 41.08 -7.78
C VAL B 228 12.59 40.97 -7.58
N ASP B 229 13.27 42.10 -7.71
CA ASP B 229 14.73 42.19 -7.66
C ASP B 229 15.25 42.72 -6.35
N LEU B 230 14.38 42.91 -5.35
CA LEU B 230 14.78 43.46 -4.06
C LEU B 230 15.92 42.62 -3.50
N PRO B 231 16.77 43.23 -2.67
CA PRO B 231 18.01 42.54 -2.26
C PRO B 231 17.84 41.21 -1.56
N GLY B 232 16.75 41.00 -0.82
CA GLY B 232 16.59 39.83 0.00
C GLY B 232 16.79 40.14 1.47
N LEU B 233 17.55 41.19 1.78
CA LEU B 233 17.69 41.72 3.12
C LEU B 233 17.74 43.23 3.01
N SER B 234 16.90 43.93 3.76
CA SER B 234 16.93 45.39 3.77
C SER B 234 18.04 45.88 4.69
N GLU B 235 18.31 47.20 4.64
CA GLU B 235 19.32 47.77 5.54
C GLU B 235 18.86 47.73 6.99
N GLN B 236 17.62 48.17 7.24
CA GLN B 236 17.04 48.02 8.56
C GLN B 236 17.03 46.55 8.99
N ASP B 237 16.84 45.64 8.04
CA ASP B 237 16.90 44.21 8.35
C ASP B 237 18.29 43.80 8.84
N VAL B 238 19.35 44.27 8.16
CA VAL B 238 20.70 43.98 8.61
C VAL B 238 20.86 44.43 10.06
N ARG B 239 20.38 45.64 10.34
CA ARG B 239 20.51 46.18 11.68
C ARG B 239 19.68 45.40 12.71
N ASP B 240 18.46 45.03 12.36
CA ASP B 240 17.58 44.32 13.29
C ASP B 240 18.13 42.94 13.61
N LEU B 241 18.70 42.27 12.61
CA LEU B 241 19.35 41.00 12.86
C LEU B 241 20.55 41.17 13.78
N ARG B 242 21.25 42.31 13.68
CA ARG B 242 22.37 42.47 14.61
C ARG B 242 21.83 42.72 16.04
N PHE B 243 20.70 43.46 16.18
CA PHE B 243 19.99 43.57 17.46
C PHE B 243 19.63 42.17 17.99
N GLY B 244 19.20 41.28 17.10
CA GLY B 244 18.87 39.93 17.51
C GLY B 244 20.06 39.18 18.07
N VAL B 245 21.18 39.18 17.34
CA VAL B 245 22.38 38.51 17.84
C VAL B 245 22.79 39.10 19.17
N GLU B 246 22.74 40.44 19.27
CA GLU B 246 23.13 41.14 20.48
C GLU B 246 22.22 40.81 21.66
N HIS B 247 20.95 40.49 21.41
CA HIS B 247 20.04 40.19 22.49
C HIS B 247 19.79 38.69 22.63
N GLY B 248 20.53 37.86 21.90
CA GLY B 248 20.48 36.42 22.05
C GLY B 248 19.19 35.77 21.59
N VAL B 249 18.60 36.24 20.48
CA VAL B 249 17.39 35.58 19.99
C VAL B 249 17.72 34.19 19.50
N ASP B 250 16.73 33.30 19.55
CA ASP B 250 16.95 31.90 19.21
C ASP B 250 16.66 31.59 17.75
N ILE B 251 15.70 32.28 17.16
CA ILE B 251 15.22 31.96 15.82
C ILE B 251 15.02 33.26 15.07
N VAL B 252 15.28 33.24 13.76
CA VAL B 252 14.95 34.34 12.87
C VAL B 252 13.92 33.82 11.86
N PHE B 253 12.76 34.50 11.80
CA PHE B 253 11.80 34.34 10.71
C PHE B 253 12.17 35.36 9.64
N ALA B 254 12.75 34.87 8.55
CA ALA B 254 13.26 35.73 7.48
C ALA B 254 12.14 36.05 6.50
N SER B 255 11.77 37.32 6.41
CA SER B 255 10.63 37.70 5.59
C SER B 255 10.97 37.68 4.12
N PHE B 256 9.96 37.34 3.29
CA PHE B 256 10.00 37.57 1.84
C PHE B 256 11.17 36.84 1.18
N VAL B 257 11.46 35.64 1.68
CA VAL B 257 12.54 34.87 1.10
C VAL B 257 12.10 34.35 -0.26
N ARG B 258 12.84 34.71 -1.27
CA ARG B 258 12.59 34.22 -2.60
C ARG B 258 13.74 33.37 -3.07
N LYS B 259 14.88 33.45 -2.36
CA LYS B 259 16.13 32.95 -2.90
C LYS B 259 16.95 32.21 -1.84
N ALA B 260 17.76 31.25 -2.34
CA ALA B 260 18.84 30.71 -1.50
C ALA B 260 19.81 31.84 -1.18
N SER B 261 19.92 32.80 -2.11
CA SER B 261 20.77 33.97 -1.90
C SER B 261 20.21 34.90 -0.82
N ASP B 262 18.88 35.01 -0.72
CA ASP B 262 18.28 35.82 0.35
C ASP B 262 18.61 35.24 1.72
N VAL B 263 18.40 33.93 1.89
CA VAL B 263 18.72 33.32 3.18
C VAL B 263 20.23 33.29 3.39
N ALA B 264 21.02 33.17 2.33
CA ALA B 264 22.47 33.27 2.48
C ALA B 264 22.88 34.64 2.99
N ALA B 265 22.21 35.69 2.49
CA ALA B 265 22.46 37.04 2.98
C ALA B 265 22.06 37.18 4.44
N VAL B 266 20.91 36.58 4.81
CA VAL B 266 20.52 36.56 6.22
C VAL B 266 21.59 35.86 7.06
N ARG B 267 22.10 34.73 6.56
CA ARG B 267 23.11 33.98 7.28
C ARG B 267 24.39 34.80 7.45
N ALA B 268 24.78 35.53 6.41
CA ALA B 268 25.98 36.36 6.49
C ALA B 268 25.78 37.54 7.44
N ALA B 269 24.59 38.14 7.42
CA ALA B 269 24.32 39.27 8.31
C ALA B 269 24.32 38.85 9.78
N LEU B 270 23.86 37.63 10.08
CA LEU B 270 23.94 37.15 11.46
C LEU B 270 25.39 36.99 11.91
N GLY B 271 26.30 36.78 10.96
CA GLY B 271 27.71 36.78 11.25
C GLY B 271 28.14 35.55 12.02
N PRO B 272 29.43 35.46 12.33
CA PRO B 272 29.92 34.30 13.11
C PRO B 272 29.34 34.23 14.51
N GLU B 273 28.92 35.36 15.08
CA GLU B 273 28.39 35.37 16.43
C GLU B 273 26.99 34.79 16.50
N GLY B 274 26.27 34.78 15.39
CA GLY B 274 24.91 34.27 15.37
C GLY B 274 24.78 32.98 14.59
N HIS B 275 25.89 32.24 14.51
CA HIS B 275 25.88 30.99 13.76
C HIS B 275 24.92 29.97 14.37
N GLY B 276 24.68 30.04 15.68
CA GLY B 276 23.78 29.10 16.34
C GLY B 276 22.30 29.42 16.21
N ILE B 277 21.95 30.57 15.65
CA ILE B 277 20.56 30.98 15.51
C ILE B 277 19.95 30.27 14.31
N LYS B 278 18.76 29.71 14.50
CA LYS B 278 18.06 29.01 13.43
C LYS B 278 17.38 29.99 12.50
N ILE B 279 17.45 29.71 11.20
CA ILE B 279 16.86 30.57 10.17
C ILE B 279 15.64 29.85 9.61
N ILE B 280 14.46 30.42 9.85
CA ILE B 280 13.21 29.92 9.29
C ILE B 280 12.81 30.86 8.16
N SER B 281 12.79 30.36 6.93
CA SER B 281 12.48 31.21 5.78
C SER B 281 10.98 31.32 5.57
N LYS B 282 10.47 32.55 5.53
CA LYS B 282 9.05 32.81 5.28
C LYS B 282 8.79 32.84 3.77
N ILE B 283 7.94 31.94 3.30
CA ILE B 283 7.54 31.92 1.89
C ILE B 283 6.27 32.74 1.73
N GLU B 284 6.36 33.84 0.96
CA GLU B 284 5.31 34.85 0.87
C GLU B 284 4.82 35.16 -0.55
N ASN B 285 5.42 34.59 -1.59
CA ASN B 285 5.01 34.92 -2.95
C ASN B 285 5.27 33.73 -3.89
N HIS B 286 4.90 33.92 -5.16
CA HIS B 286 4.98 32.86 -6.15
C HIS B 286 6.40 32.34 -6.33
N GLU B 287 7.37 33.26 -6.40
CA GLU B 287 8.77 32.89 -6.58
C GLU B 287 9.21 31.84 -5.55
N GLY B 288 9.00 32.16 -4.26
CA GLY B 288 9.35 31.23 -3.18
C GLY B 288 8.72 29.86 -3.33
N VAL B 289 7.44 29.82 -3.70
CA VAL B 289 6.78 28.52 -3.82
C VAL B 289 7.43 27.73 -4.97
N LYS B 290 7.70 28.41 -6.10
CA LYS B 290 8.30 27.73 -7.25
C LYS B 290 9.76 27.36 -6.99
N ARG B 291 10.47 28.25 -6.26
CA ARG B 291 11.86 28.08 -5.81
C ARG B 291 11.95 27.32 -4.49
N PHE B 292 10.92 26.55 -4.11
CA PHE B 292 10.86 26.10 -2.71
C PHE B 292 12.05 25.22 -2.32
N ASP B 293 12.33 24.19 -3.12
CA ASP B 293 13.42 23.25 -2.80
C ASP B 293 14.74 23.94 -2.52
N GLU B 294 15.06 24.95 -3.32
CA GLU B 294 16.33 25.68 -3.18
C GLU B 294 16.41 26.47 -1.87
N ILE B 295 15.28 26.99 -1.41
CA ILE B 295 15.22 27.70 -0.15
C ILE B 295 15.32 26.71 1.01
N LEU B 296 14.59 25.61 0.92
CA LEU B 296 14.55 24.61 1.96
C LEU B 296 15.92 23.98 2.17
N GLU B 297 16.69 23.82 1.07
CA GLU B 297 18.00 23.20 1.15
C GLU B 297 18.94 23.97 2.06
N VAL B 298 18.85 25.29 2.07
CA VAL B 298 19.78 26.14 2.82
C VAL B 298 19.17 26.72 4.09
N SER B 299 17.91 26.41 4.39
CA SER B 299 17.26 26.95 5.58
C SER B 299 17.13 25.88 6.67
N ASP B 300 17.01 26.35 7.90
CA ASP B 300 16.70 25.43 8.99
C ASP B 300 15.25 24.98 8.99
N GLY B 301 14.36 25.77 8.42
CA GLY B 301 12.94 25.42 8.36
C GLY B 301 12.18 26.44 7.52
N ILE B 302 10.85 26.32 7.53
CA ILE B 302 9.98 27.08 6.63
C ILE B 302 8.80 27.63 7.41
N MET B 303 8.37 28.85 7.09
CA MET B 303 7.07 29.34 7.53
C MET B 303 6.19 29.54 6.31
N VAL B 304 5.02 28.93 6.33
CA VAL B 304 4.00 29.20 5.33
C VAL B 304 3.33 30.52 5.73
N ALA B 305 3.80 31.65 5.16
CA ALA B 305 3.29 32.97 5.53
C ALA B 305 2.03 33.25 4.72
N ARG B 306 0.92 32.66 5.17
CA ARG B 306 -0.28 32.69 4.35
C ARG B 306 -0.87 34.08 4.19
N GLY B 307 -0.57 35.02 5.10
CA GLY B 307 -1.13 36.34 4.90
C GLY B 307 -0.70 36.98 3.60
N ASP B 308 0.59 37.30 3.48
CA ASP B 308 1.08 37.89 2.24
C ASP B 308 0.96 36.92 1.07
N LEU B 309 1.07 35.61 1.33
CA LEU B 309 0.92 34.65 0.24
C LEU B 309 -0.43 34.77 -0.44
N GLY B 310 -1.51 34.96 0.34
CA GLY B 310 -2.85 35.06 -0.19
C GLY B 310 -3.12 36.34 -0.95
N ILE B 311 -2.25 37.34 -0.82
CA ILE B 311 -2.24 38.51 -1.69
C ILE B 311 -1.43 38.24 -2.95
N GLU B 312 -0.30 37.52 -2.81
CA GLU B 312 0.64 37.32 -3.91
C GLU B 312 0.15 36.26 -4.91
N ILE B 313 -0.52 35.22 -4.42
CA ILE B 313 -1.15 34.21 -5.25
C ILE B 313 -2.64 34.25 -4.94
N PRO B 314 -3.48 33.69 -5.82
CA PRO B 314 -4.92 33.63 -5.53
C PRO B 314 -5.21 32.95 -4.20
N ALA B 315 -6.15 33.52 -3.44
CA ALA B 315 -6.44 32.99 -2.11
C ALA B 315 -6.84 31.52 -2.18
N GLU B 316 -7.66 31.14 -3.17
CA GLU B 316 -8.14 29.77 -3.33
C GLU B 316 -7.03 28.77 -3.64
N LYS B 317 -5.81 29.24 -3.82
CA LYS B 317 -4.68 28.34 -4.07
C LYS B 317 -3.80 28.15 -2.83
N VAL B 318 -3.97 28.97 -1.79
CA VAL B 318 -3.01 28.98 -0.68
C VAL B 318 -2.88 27.58 -0.07
N PHE B 319 -4.02 26.92 0.15
CA PHE B 319 -3.98 25.60 0.78
C PHE B 319 -3.05 24.65 0.02
N LEU B 320 -3.09 24.70 -1.33
CA LEU B 320 -2.17 23.89 -2.15
C LEU B 320 -0.72 24.13 -1.76
N ALA B 321 -0.30 25.40 -1.78
CA ALA B 321 1.05 25.75 -1.36
C ALA B 321 1.32 25.20 0.03
N GLN B 322 0.38 25.43 0.97
CA GLN B 322 0.60 25.01 2.35
C GLN B 322 0.88 23.52 2.38
N LYS B 323 -0.03 22.72 1.78
CA LYS B 323 0.10 21.28 1.88
C LYS B 323 1.35 20.80 1.18
N MET B 324 1.71 21.48 0.07
CA MET B 324 2.94 21.15 -0.61
C MET B 324 4.13 21.40 0.31
N MET B 325 4.21 22.62 0.87
CA MET B 325 5.40 23.00 1.61
C MET B 325 5.57 22.15 2.88
N ILE B 326 4.52 22.05 3.68
CA ILE B 326 4.57 21.19 4.86
C ILE B 326 5.02 19.80 4.44
N GLY B 327 4.43 19.28 3.35
CA GLY B 327 4.79 17.96 2.89
C GLY B 327 6.28 17.82 2.70
N ARG B 328 6.86 18.74 1.92
CA ARG B 328 8.28 18.65 1.60
C ARG B 328 9.11 18.82 2.87
N CYS B 329 8.65 19.70 3.77
CA CYS B 329 9.39 19.85 5.02
C CYS B 329 9.34 18.55 5.80
N ASN B 330 8.18 17.90 5.84
CA ASN B 330 8.07 16.59 6.46
C ASN B 330 9.03 15.59 5.82
N LEU B 331 9.19 15.67 4.50
CA LEU B 331 10.11 14.80 3.78
C LEU B 331 11.55 15.07 4.17
N ALA B 332 11.87 16.33 4.40
CA ALA B 332 13.26 16.72 4.66
C ALA B 332 13.65 16.60 6.13
N GLY B 333 12.69 16.46 7.05
CA GLY B 333 13.01 16.44 8.46
C GLY B 333 13.35 17.80 9.03
N LYS B 334 12.78 18.86 8.49
CA LYS B 334 13.01 20.22 8.94
C LYS B 334 11.69 20.84 9.37
N PRO B 335 11.70 21.71 10.38
CA PRO B 335 10.44 22.27 10.90
C PRO B 335 9.70 23.14 9.89
N VAL B 336 8.37 23.12 9.97
CA VAL B 336 7.55 23.98 9.13
C VAL B 336 6.45 24.61 10.00
N VAL B 337 6.20 25.89 9.80
CA VAL B 337 5.26 26.66 10.61
C VAL B 337 4.09 27.09 9.72
N CYS B 338 2.87 26.80 10.15
CA CYS B 338 1.67 27.33 9.53
C CYS B 338 1.26 28.60 10.26
N ALA B 339 0.95 29.65 9.48
CA ALA B 339 0.86 31.00 10.03
C ALA B 339 -0.33 31.75 9.48
N THR B 340 -0.90 32.63 10.34
CA THR B 340 -1.72 33.80 10.01
C THR B 340 -3.21 33.51 9.87
N GLN B 341 -4.03 34.23 10.65
CA GLN B 341 -5.50 34.17 10.61
C GLN B 341 -6.06 32.79 11.01
N MET B 342 -5.27 32.00 11.75
CA MET B 342 -5.77 30.71 12.19
C MET B 342 -6.96 30.85 13.13
N LEU B 343 -6.92 31.81 14.04
CA LEU B 343 -8.05 32.02 14.95
C LEU B 343 -8.47 33.49 14.90
N GLU B 344 -8.54 34.03 13.68
CA GLU B 344 -8.64 35.47 13.49
C GLU B 344 -9.82 36.08 14.27
N SER B 345 -10.99 35.44 14.21
CA SER B 345 -12.17 36.02 14.82
C SER B 345 -12.02 36.19 16.32
N MET B 346 -11.10 35.46 16.94
CA MET B 346 -10.88 35.61 18.37
C MET B 346 -10.14 36.88 18.71
N ILE B 347 -9.76 37.70 17.73
CA ILE B 347 -9.26 39.03 18.07
C ILE B 347 -10.32 39.82 18.83
N THR B 348 -11.58 39.56 18.55
CA THR B 348 -12.67 40.27 19.20
C THR B 348 -13.64 39.34 19.92
N LYS B 349 -13.64 38.04 19.61
CA LYS B 349 -14.62 37.14 20.21
C LYS B 349 -13.95 36.06 21.04
N PRO B 350 -14.60 35.63 22.14
CA PRO B 350 -13.95 34.66 23.03
C PRO B 350 -13.93 33.24 22.49
N ARG B 351 -14.66 32.95 21.40
CA ARG B 351 -14.78 31.65 20.76
C ARG B 351 -14.48 31.76 19.27
N PRO B 352 -13.81 30.78 18.67
CA PRO B 352 -13.47 30.84 17.25
C PRO B 352 -14.60 30.33 16.37
N THR B 353 -14.48 30.60 15.07
CA THR B 353 -15.43 30.04 14.12
C THR B 353 -15.10 28.59 13.81
N ARG B 354 -16.08 27.85 13.25
CA ARG B 354 -15.87 26.44 12.92
C ARG B 354 -14.73 26.27 11.90
N ALA B 355 -14.62 27.22 10.96
CA ALA B 355 -13.55 27.20 9.98
C ALA B 355 -12.19 27.38 10.63
N GLU B 356 -12.14 28.15 11.71
CA GLU B 356 -10.87 28.43 12.35
C GLU B 356 -10.35 27.22 13.12
N THR B 357 -11.22 26.58 13.91
CA THR B 357 -10.85 25.33 14.58
C THR B 357 -10.47 24.27 13.56
N SER B 358 -11.27 24.14 12.50
CA SER B 358 -10.92 23.23 11.42
C SER B 358 -9.56 23.56 10.83
N ASP B 359 -9.23 24.85 10.67
CA ASP B 359 -7.96 25.23 10.07
C ASP B 359 -6.78 24.81 10.96
N VAL B 360 -6.89 25.03 12.27
CA VAL B 360 -5.81 24.64 13.18
C VAL B 360 -5.63 23.13 13.17
N ALA B 361 -6.74 22.38 13.27
CA ALA B 361 -6.67 20.93 13.27
C ALA B 361 -6.05 20.40 11.98
N ASN B 362 -6.41 21.00 10.85
CA ASN B 362 -5.89 20.54 9.56
C ASN B 362 -4.45 20.97 9.35
N ALA B 363 -4.03 22.08 9.96
CA ALA B 363 -2.60 22.41 9.95
C ALA B 363 -1.81 21.36 10.68
N VAL B 364 -2.32 20.88 11.81
CA VAL B 364 -1.64 19.79 12.51
C VAL B 364 -1.62 18.53 11.65
N LEU B 365 -2.77 18.19 11.07
CA LEU B 365 -2.87 16.98 10.27
C LEU B 365 -2.00 17.07 9.02
N ASP B 366 -1.89 18.26 8.42
CA ASP B 366 -1.02 18.44 7.25
C ASP B 366 0.41 18.05 7.57
N GLY B 367 0.84 18.28 8.81
CA GLY B 367 2.15 17.87 9.25
C GLY B 367 2.95 19.02 9.78
N ALA B 368 2.30 20.13 10.09
CA ALA B 368 3.01 21.30 10.59
C ALA B 368 3.60 21.00 11.98
N ASP B 369 4.85 21.41 12.19
CA ASP B 369 5.46 21.29 13.51
C ASP B 369 4.97 22.38 14.47
N CYS B 370 4.71 23.58 13.96
CA CYS B 370 4.29 24.72 14.75
C CYS B 370 3.13 25.43 14.11
N ILE B 371 2.26 25.98 14.97
CA ILE B 371 1.19 26.88 14.57
C ILE B 371 1.44 28.24 15.22
N MET B 372 0.78 29.26 14.68
CA MET B 372 1.10 30.64 15.01
C MET B 372 -0.17 31.41 15.29
N LEU B 373 -0.03 32.42 16.13
CA LEU B 373 -1.03 33.45 16.35
C LEU B 373 -0.35 34.78 16.20
N SER B 374 -1.04 35.70 15.49
CA SER B 374 -0.52 37.02 15.22
C SER B 374 -1.39 38.03 15.94
N GLY B 375 -2.38 38.65 15.28
CA GLY B 375 -3.24 39.60 15.99
C GLY B 375 -3.95 38.99 17.17
N GLU B 376 -4.24 37.68 17.13
CA GLU B 376 -4.93 37.01 18.23
C GLU B 376 -4.21 37.18 19.57
N THR B 377 -2.88 37.30 19.55
CA THR B 377 -2.15 37.51 20.79
C THR B 377 -1.47 38.87 20.86
N ALA B 378 -1.11 39.46 19.72
CA ALA B 378 -0.40 40.73 19.77
C ALA B 378 -1.34 41.87 20.19
N LYS B 379 -2.57 41.90 19.64
CA LYS B 379 -3.46 43.04 19.85
C LYS B 379 -4.87 42.68 20.29
N GLY B 380 -5.28 41.42 20.18
CA GLY B 380 -6.66 41.03 20.40
C GLY B 380 -7.08 41.15 21.85
N ASN B 381 -8.37 40.87 22.07
CA ASN B 381 -9.00 40.95 23.38
C ASN B 381 -8.99 39.63 24.14
N PHE B 382 -8.53 38.53 23.52
CA PHE B 382 -8.53 37.21 24.15
C PHE B 382 -7.26 36.43 23.80
N PRO B 383 -6.08 36.99 24.12
CA PRO B 383 -4.84 36.32 23.73
C PRO B 383 -4.62 34.98 24.43
N VAL B 384 -4.86 34.96 25.75
CA VAL B 384 -4.66 33.73 26.52
C VAL B 384 -5.61 32.65 26.05
N GLU B 385 -6.87 33.04 25.79
CA GLU B 385 -7.87 32.09 25.30
C GLU B 385 -7.51 31.58 23.91
N ALA B 386 -6.90 32.42 23.09
CA ALA B 386 -6.45 31.97 21.78
C ALA B 386 -5.38 30.88 21.90
N VAL B 387 -4.42 31.10 22.80
CA VAL B 387 -3.40 30.08 23.07
C VAL B 387 -4.03 28.79 23.55
N LYS B 388 -4.97 28.89 24.51
CA LYS B 388 -5.64 27.71 25.05
C LYS B 388 -6.39 26.95 23.95
N MET B 389 -7.05 27.66 23.05
CA MET B 389 -7.80 26.98 22.00
C MET B 389 -6.86 26.28 21.03
N GLN B 390 -5.77 26.94 20.61
CA GLN B 390 -4.80 26.26 19.76
C GLN B 390 -4.24 25.02 20.47
N HIS B 391 -4.00 25.11 21.78
CA HIS B 391 -3.53 23.95 22.53
C HIS B 391 -4.55 22.80 22.47
N ALA B 392 -5.83 23.11 22.77
CA ALA B 392 -6.85 22.07 22.84
C ALA B 392 -7.02 21.40 21.48
N ILE B 393 -7.16 22.21 20.43
CA ILE B 393 -7.33 21.67 19.10
C ILE B 393 -6.14 20.79 18.71
N ALA B 394 -4.92 21.31 18.91
CA ALA B 394 -3.73 20.58 18.50
C ALA B 394 -3.67 19.23 19.17
N ARG B 395 -4.00 19.17 20.46
CA ARG B 395 -3.97 17.89 21.15
C ARG B 395 -4.92 16.88 20.49
N GLU B 396 -6.17 17.32 20.23
CA GLU B 396 -7.11 16.41 19.57
C GLU B 396 -6.57 15.93 18.21
N ALA B 397 -6.03 16.87 17.42
CA ALA B 397 -5.56 16.54 16.08
C ALA B 397 -4.33 15.64 16.13
N GLU B 398 -3.41 15.89 17.05
CA GLU B 398 -2.28 14.99 17.17
C GLU B 398 -2.76 13.57 17.44
N ALA B 399 -3.77 13.41 18.30
CA ALA B 399 -4.30 12.07 18.51
C ALA B 399 -4.87 11.48 17.22
N ALA B 400 -5.39 12.33 16.34
CA ALA B 400 -6.05 11.91 15.13
C ALA B 400 -5.10 11.57 13.98
N VAL B 401 -3.79 11.69 14.17
CA VAL B 401 -2.84 11.36 13.12
C VAL B 401 -2.91 9.87 12.80
N TYR B 402 -2.85 9.52 11.51
CA TYR B 402 -2.89 8.13 11.06
C TYR B 402 -1.45 7.61 11.00
N HIS B 403 -0.93 7.22 12.17
CA HIS B 403 0.50 6.97 12.28
C HIS B 403 0.96 5.82 11.39
N ARG B 404 0.11 4.82 11.16
CA ARG B 404 0.52 3.69 10.34
C ARG B 404 1.06 4.16 8.99
N GLN B 405 0.22 4.88 8.23
CA GLN B 405 0.60 5.32 6.91
C GLN B 405 1.67 6.40 6.96
N LEU B 406 1.58 7.31 7.94
CA LEU B 406 2.56 8.39 8.02
C LEU B 406 3.96 7.84 8.26
N PHE B 407 4.10 6.96 9.26
CA PHE B 407 5.39 6.36 9.54
C PHE B 407 5.89 5.55 8.36
N GLU B 408 5.01 4.77 7.73
CA GLU B 408 5.45 3.95 6.60
C GLU B 408 5.95 4.82 5.46
N GLU B 409 5.26 5.93 5.17
CA GLU B 409 5.66 6.79 4.06
C GLU B 409 6.92 7.58 4.38
N LEU B 410 7.06 8.06 5.62
CA LEU B 410 8.30 8.73 5.98
C LEU B 410 9.47 7.75 5.94
N ARG B 411 9.24 6.49 6.30
CA ARG B 411 10.28 5.48 6.18
C ARG B 411 10.64 5.22 4.73
N ARG B 412 9.65 5.16 3.86
CA ARG B 412 9.92 4.82 2.48
C ARG B 412 10.58 5.97 1.74
N ALA B 413 10.34 7.20 2.17
CA ALA B 413 10.88 8.37 1.50
C ALA B 413 12.24 8.80 2.05
N ALA B 414 12.54 8.48 3.31
CA ALA B 414 13.81 8.89 3.89
C ALA B 414 14.95 8.05 3.32
N PRO B 415 16.05 8.66 2.92
CA PRO B 415 17.14 7.88 2.33
C PRO B 415 17.87 7.07 3.39
N LEU B 416 18.55 6.02 2.92
CA LEU B 416 19.40 5.25 3.80
C LEU B 416 20.45 6.16 4.44
N SER B 417 20.90 5.78 5.62
CA SER B 417 21.80 6.65 6.37
C SER B 417 22.81 5.82 7.14
N ARG B 418 24.05 6.26 7.15
CA ARG B 418 25.10 5.67 7.98
C ARG B 418 25.38 6.50 9.21
N ASP B 419 24.60 7.55 9.45
CA ASP B 419 24.77 8.35 10.65
C ASP B 419 24.15 7.61 11.83
N PRO B 420 24.94 7.23 12.85
CA PRO B 420 24.37 6.45 13.97
C PRO B 420 23.23 7.15 14.70
N THR B 421 23.24 8.48 14.76
CA THR B 421 22.13 9.18 15.40
C THR B 421 20.81 8.86 14.70
N GLU B 422 20.81 8.88 13.36
CA GLU B 422 19.58 8.65 12.59
C GLU B 422 19.14 7.20 12.60
N VAL B 423 20.11 6.28 12.52
CA VAL B 423 19.83 4.86 12.67
C VAL B 423 19.18 4.58 14.01
N THR B 424 19.76 5.13 15.08
CA THR B 424 19.19 4.99 16.42
C THR B 424 17.80 5.60 16.50
N ALA B 425 17.61 6.75 15.84
CA ALA B 425 16.32 7.44 15.88
C ALA B 425 15.20 6.59 15.27
N ILE B 426 15.46 6.03 14.08
CA ILE B 426 14.42 5.23 13.44
C ILE B 426 14.17 3.93 14.22
N GLY B 427 15.22 3.31 14.78
CA GLY B 427 14.99 2.14 15.62
C GLY B 427 14.20 2.46 16.88
N ALA B 428 14.48 3.61 17.49
CA ALA B 428 13.78 4.01 18.71
C ALA B 428 12.32 4.31 18.41
N VAL B 429 12.04 4.98 17.29
CA VAL B 429 10.64 5.23 16.95
C VAL B 429 9.92 3.92 16.65
N GLU B 430 10.58 3.00 15.91
CA GLU B 430 9.94 1.71 15.66
C GLU B 430 9.60 0.99 16.95
N ALA B 431 10.55 0.99 17.91
CA ALA B 431 10.31 0.37 19.20
C ALA B 431 9.17 1.04 19.96
N ALA B 432 9.15 2.37 19.96
CA ALA B 432 8.10 3.11 20.65
C ALA B 432 6.72 2.72 20.12
N PHE B 433 6.62 2.60 18.78
CA PHE B 433 5.38 2.12 18.18
C PHE B 433 5.08 0.68 18.60
N LYS B 434 6.12 -0.14 18.75
CA LYS B 434 5.88 -1.54 19.08
C LYS B 434 5.27 -1.70 20.48
N CYS B 435 5.71 -0.90 21.43
CA CYS B 435 5.28 -1.09 22.80
C CYS B 435 4.31 -0.01 23.30
N CYS B 436 3.88 0.90 22.44
CA CYS B 436 3.07 2.03 22.88
C CYS B 436 3.77 2.77 24.00
N ALA B 437 5.05 3.05 23.78
CA ALA B 437 5.86 3.75 24.76
C ALA B 437 5.24 5.10 25.08
N ALA B 438 5.25 5.47 26.36
CA ALA B 438 4.70 6.77 26.74
C ALA B 438 5.60 7.91 26.29
N ALA B 439 6.91 7.64 26.16
CA ALA B 439 7.84 8.68 25.78
C ALA B 439 9.11 8.04 25.22
N ILE B 440 9.85 8.85 24.48
CA ILE B 440 11.25 8.59 24.13
C ILE B 440 12.10 9.67 24.82
N ILE B 441 12.99 9.25 25.70
CA ILE B 441 13.82 10.16 26.47
C ILE B 441 15.17 10.24 25.78
N VAL B 442 15.58 11.43 25.38
CA VAL B 442 16.82 11.56 24.63
C VAL B 442 17.67 12.63 25.29
N LEU B 443 18.96 12.36 25.38
CA LEU B 443 19.96 13.34 25.77
C LEU B 443 20.47 14.00 24.50
N THR B 444 20.54 15.33 24.50
CA THR B 444 20.95 16.06 23.31
C THR B 444 21.65 17.34 23.75
N THR B 445 22.71 17.70 23.02
CA THR B 445 23.43 18.94 23.26
C THR B 445 22.96 20.06 22.35
N THR B 446 22.77 19.76 21.07
CA THR B 446 22.37 20.72 20.06
C THR B 446 20.91 20.61 19.67
N GLY B 447 20.21 19.54 20.11
CA GLY B 447 18.86 19.24 19.68
C GLY B 447 18.78 18.24 18.54
N ARG B 448 19.90 17.95 17.88
CA ARG B 448 19.90 17.17 16.65
C ARG B 448 19.27 15.79 16.84
N SER B 449 19.65 15.09 17.93
CA SER B 449 19.11 13.75 18.19
C SER B 449 17.59 13.79 18.40
N ALA B 450 17.11 14.80 19.13
CA ALA B 450 15.67 14.95 19.28
C ALA B 450 15.00 15.25 17.94
N GLN B 451 15.63 16.07 17.10
CA GLN B 451 15.02 16.40 15.80
C GLN B 451 14.94 15.17 14.90
N LEU B 452 15.99 14.34 14.92
CA LEU B 452 15.95 13.13 14.13
C LEU B 452 14.90 12.17 14.63
N LEU B 453 14.61 12.18 15.93
CA LEU B 453 13.45 11.42 16.40
C LEU B 453 12.14 12.03 15.89
N SER B 454 12.00 13.37 16.00
CA SER B 454 10.75 14.03 15.62
C SER B 454 10.43 13.85 14.14
N ARG B 455 11.47 13.75 13.29
CA ARG B 455 11.25 13.62 11.85
C ARG B 455 10.45 12.37 11.50
N TYR B 456 10.51 11.34 12.34
CA TYR B 456 9.73 10.13 12.09
C TYR B 456 8.37 10.15 12.78
N ARG B 457 8.01 11.25 13.45
CA ARG B 457 6.67 11.44 13.97
C ARG B 457 6.18 10.30 14.85
N PRO B 458 6.86 10.03 15.96
CA PRO B 458 6.34 9.01 16.88
C PRO B 458 5.09 9.53 17.57
N ARG B 459 4.21 8.59 17.94
CA ARG B 459 3.12 8.98 18.82
C ARG B 459 3.67 9.35 20.20
N ALA B 460 4.74 8.69 20.63
CA ALA B 460 5.30 8.96 21.95
C ALA B 460 5.97 10.32 22.01
N ALA B 461 5.78 11.00 23.14
CA ALA B 461 6.48 12.26 23.38
C ALA B 461 7.99 12.04 23.35
N VAL B 462 8.69 12.98 22.74
CA VAL B 462 10.14 12.98 22.71
C VAL B 462 10.59 13.94 23.79
N ILE B 463 10.97 13.42 24.94
CA ILE B 463 11.46 14.24 26.06
C ILE B 463 12.96 14.44 25.90
N ALA B 464 13.41 15.70 25.74
CA ALA B 464 14.80 15.98 25.43
C ALA B 464 15.48 16.67 26.61
N VAL B 465 16.42 15.97 27.26
CA VAL B 465 17.15 16.51 28.40
C VAL B 465 18.43 17.15 27.89
N THR B 466 18.64 18.42 28.22
CA THR B 466 19.80 19.13 27.68
C THR B 466 20.31 20.10 28.73
N ARG B 467 21.59 20.40 28.66
CA ARG B 467 22.18 21.47 29.44
C ARG B 467 22.19 22.80 28.70
N SER B 468 21.94 22.78 27.40
CA SER B 468 22.00 23.99 26.57
C SER B 468 20.65 24.70 26.65
N ALA B 469 20.64 25.89 27.25
CA ALA B 469 19.41 26.66 27.37
C ALA B 469 18.92 27.10 25.99
N GLN B 470 19.84 27.49 25.12
CA GLN B 470 19.45 27.86 23.77
C GLN B 470 18.91 26.68 22.99
N ALA B 471 19.50 25.49 23.16
CA ALA B 471 18.96 24.32 22.46
C ALA B 471 17.61 23.92 23.04
N ALA B 472 17.44 24.04 24.35
CA ALA B 472 16.15 23.77 24.95
C ALA B 472 15.09 24.72 24.39
N ARG B 473 15.49 25.96 24.08
CA ARG B 473 14.51 26.87 23.48
C ARG B 473 14.27 26.52 22.02
N GLN B 474 15.34 26.20 21.31
CA GLN B 474 15.23 26.03 19.87
C GLN B 474 14.55 24.74 19.46
N VAL B 475 14.59 23.68 20.29
CA VAL B 475 13.96 22.43 19.88
C VAL B 475 12.43 22.48 19.86
N HIS B 476 11.83 23.55 20.36
CA HIS B 476 10.39 23.69 20.22
C HIS B 476 9.93 23.74 18.76
N LEU B 477 10.85 24.01 17.82
CA LEU B 477 10.47 24.03 16.41
C LEU B 477 10.11 22.66 15.88
N CYS B 478 10.49 21.58 16.58
CA CYS B 478 10.27 20.21 16.10
C CYS B 478 9.10 19.57 16.83
N ARG B 479 8.13 19.07 16.05
CA ARG B 479 6.94 18.53 16.67
C ARG B 479 7.26 17.38 17.61
N GLY B 480 6.64 17.40 18.78
CA GLY B 480 6.80 16.30 19.72
C GLY B 480 8.02 16.34 20.60
N VAL B 481 8.85 17.37 20.53
CA VAL B 481 10.02 17.48 21.40
C VAL B 481 9.66 18.36 22.59
N PHE B 482 9.78 17.79 23.78
CA PHE B 482 9.51 18.47 25.02
C PHE B 482 10.83 18.74 25.71
N PRO B 483 11.31 19.98 25.69
CA PRO B 483 12.65 20.26 26.22
C PRO B 483 12.67 20.39 27.73
N LEU B 484 13.67 19.78 28.36
CA LEU B 484 13.95 19.97 29.77
C LEU B 484 15.36 20.50 29.90
N LEU B 485 15.52 21.61 30.61
CA LEU B 485 16.83 22.18 30.88
C LEU B 485 17.37 21.56 32.17
N TYR B 486 18.45 20.79 32.06
CA TYR B 486 19.13 20.21 33.22
C TYR B 486 20.12 21.22 33.76
N ARG B 487 20.15 21.41 35.08
CA ARG B 487 21.00 22.46 35.61
C ARG B 487 22.13 21.97 36.51
N GLU B 488 22.04 20.79 37.09
CA GLU B 488 23.06 20.34 38.01
C GLU B 488 24.41 20.11 37.30
N PRO B 489 25.52 20.47 37.93
CA PRO B 489 26.85 20.19 37.34
C PRO B 489 27.04 18.70 37.10
N PRO B 490 27.93 18.33 36.17
CA PRO B 490 28.18 16.91 35.90
C PRO B 490 28.61 16.14 37.16
N GLU B 491 28.12 14.92 37.30
CA GLU B 491 28.65 14.00 38.30
C GLU B 491 30.09 13.66 37.94
N ALA B 492 30.83 13.15 38.93
CA ALA B 492 32.24 12.83 38.73
C ALA B 492 32.43 11.79 37.63
N ILE B 493 31.54 10.79 37.57
CA ILE B 493 31.60 9.73 36.57
C ILE B 493 30.55 10.00 35.49
N TRP B 494 31.00 10.03 34.23
CA TRP B 494 30.15 10.41 33.11
C TRP B 494 28.90 9.54 33.00
N ALA B 495 29.04 8.22 33.18
CA ALA B 495 27.88 7.33 33.10
C ALA B 495 26.87 7.64 34.20
N ASP B 496 27.34 7.98 35.39
CA ASP B 496 26.43 8.41 36.44
C ASP B 496 25.70 9.69 36.01
N ASP B 497 26.37 10.57 35.28
CA ASP B 497 25.71 11.79 34.85
C ASP B 497 24.64 11.50 33.81
N VAL B 498 24.94 10.59 32.88
CA VAL B 498 23.93 10.16 31.91
C VAL B 498 22.71 9.60 32.63
N ASP B 499 22.94 8.67 33.57
CA ASP B 499 21.82 8.08 34.31
C ASP B 499 21.05 9.13 35.09
N ARG B 500 21.75 10.13 35.67
CA ARG B 500 21.06 11.18 36.41
C ARG B 500 20.18 12.03 35.48
N ARG B 501 20.64 12.30 34.26
CA ARG B 501 19.80 13.07 33.34
C ARG B 501 18.61 12.25 32.84
N VAL B 502 18.81 10.95 32.62
CA VAL B 502 17.68 10.12 32.23
C VAL B 502 16.64 10.09 33.35
N GLN B 503 17.10 9.95 34.58
CA GLN B 503 16.18 9.97 35.71
C GLN B 503 15.48 11.32 35.86
N PHE B 504 16.18 12.41 35.56
CA PHE B 504 15.57 13.74 35.57
C PHE B 504 14.46 13.82 34.54
N GLY B 505 14.70 13.29 33.34
CA GLY B 505 13.64 13.21 32.35
C GLY B 505 12.44 12.43 32.85
N ILE B 506 12.70 11.29 33.50
CA ILE B 506 11.62 10.46 34.04
C ILE B 506 10.82 11.23 35.09
N GLU B 507 11.51 11.90 36.01
CA GLU B 507 10.80 12.56 37.10
C GLU B 507 10.04 13.79 36.60
N SER B 508 10.59 14.49 35.59
CA SER B 508 9.87 15.59 34.96
C SER B 508 8.61 15.11 34.27
N GLY B 509 8.72 14.02 33.53
CA GLY B 509 7.54 13.44 32.91
C GLY B 509 6.52 12.95 33.92
N LYS B 510 6.98 12.40 35.04
CA LYS B 510 6.04 11.94 36.06
C LYS B 510 5.29 13.12 36.66
N LEU B 511 6.02 14.17 37.05
CA LEU B 511 5.37 15.31 37.70
C LEU B 511 4.42 16.02 36.75
N ARG B 512 4.80 16.14 35.48
CA ARG B 512 3.98 16.83 34.49
C ARG B 512 2.81 15.98 34.01
N GLY B 513 2.67 14.76 34.50
CA GLY B 513 1.53 13.92 34.17
C GLY B 513 1.69 13.10 32.90
N PHE B 514 2.86 13.11 32.26
CA PHE B 514 3.04 12.39 31.02
C PHE B 514 3.61 10.98 31.21
N LEU B 515 4.06 10.62 32.40
CA LEU B 515 4.63 9.30 32.66
C LEU B 515 4.06 8.80 33.98
N ARG B 516 3.78 7.49 34.04
CA ARG B 516 3.28 6.85 35.25
C ARG B 516 4.04 5.55 35.46
N VAL B 517 3.95 5.01 36.68
CA VAL B 517 4.59 3.75 37.00
C VAL B 517 3.98 2.67 36.13
N GLY B 518 4.83 1.81 35.56
CA GLY B 518 4.38 0.77 34.66
C GLY B 518 4.49 1.13 33.20
N ASP B 519 4.64 2.42 32.87
CA ASP B 519 4.83 2.77 31.46
C ASP B 519 6.15 2.21 30.94
N LEU B 520 6.22 2.04 29.63
CA LEU B 520 7.50 1.78 28.97
C LEU B 520 8.03 3.07 28.37
N VAL B 521 9.33 3.25 28.39
CA VAL B 521 9.97 4.36 27.71
C VAL B 521 11.16 3.82 26.92
N ILE B 522 11.48 4.50 25.83
CA ILE B 522 12.70 4.26 25.05
C ILE B 522 13.71 5.33 25.43
N VAL B 523 14.94 4.95 25.71
CA VAL B 523 15.97 5.90 26.15
C VAL B 523 17.10 5.91 25.13
N VAL B 524 17.40 7.10 24.63
CA VAL B 524 18.36 7.29 23.55
C VAL B 524 19.52 8.10 24.09
N THR B 525 20.72 7.49 24.08
CA THR B 525 21.95 8.06 24.63
C THR B 525 23.10 7.84 23.64
N GLY B 526 24.31 8.21 24.06
CA GLY B 526 25.48 8.09 23.23
C GLY B 526 26.60 7.42 24.01
N TRP B 527 27.66 7.02 23.29
CA TRP B 527 28.73 6.23 23.86
C TRP B 527 29.87 7.07 24.44
N ARG B 528 29.88 8.38 24.21
CA ARG B 528 30.93 9.24 24.72
C ARG B 528 30.37 10.66 24.84
N PRO B 529 31.00 11.53 25.65
CA PRO B 529 30.50 12.92 25.77
C PRO B 529 30.71 13.72 24.49
N GLY B 530 29.98 14.83 24.39
CA GLY B 530 30.04 15.67 23.21
C GLY B 530 28.94 15.37 22.20
N SER B 531 28.59 16.38 21.43
CA SER B 531 27.53 16.20 20.44
C SER B 531 27.99 15.26 19.31
N GLY B 532 27.05 14.50 18.77
CA GLY B 532 27.28 13.74 17.55
C GLY B 532 27.53 12.26 17.70
N TYR B 533 27.48 11.72 18.92
CA TYR B 533 27.83 10.32 19.18
C TYR B 533 26.64 9.51 19.69
N THR B 534 25.41 9.96 19.43
CA THR B 534 24.23 9.20 19.82
C THR B 534 24.19 7.87 19.09
N ASN B 535 24.05 6.76 19.84
CA ASN B 535 24.05 5.45 19.19
C ASN B 535 23.44 4.34 20.03
N ILE B 536 22.71 4.68 21.10
CA ILE B 536 22.20 3.69 22.06
C ILE B 536 20.70 3.89 22.26
N MET B 537 19.94 2.81 22.13
CA MET B 537 18.52 2.80 22.45
C MET B 537 18.23 1.70 23.46
N ARG B 538 17.50 2.05 24.52
CA ARG B 538 17.18 1.13 25.60
C ARG B 538 15.69 1.15 25.89
N VAL B 539 15.16 -0.01 26.24
CA VAL B 539 13.76 -0.16 26.59
C VAL B 539 13.68 -0.33 28.10
N LEU B 540 13.03 0.62 28.76
CA LEU B 540 12.93 0.64 30.21
C LEU B 540 11.47 0.78 30.65
N SER B 541 11.14 0.15 31.76
CA SER B 541 9.84 0.33 32.39
C SER B 541 9.99 1.35 33.50
N ILE B 542 8.95 2.15 33.70
CA ILE B 542 8.99 3.19 34.72
C ILE B 542 8.63 2.57 36.07
N GLN C 26 25.09 -2.72 -8.17
CA GLN C 26 24.85 -3.05 -6.77
C GLN C 26 24.53 -4.54 -6.63
N GLN C 27 24.80 -5.08 -5.45
CA GLN C 27 24.75 -6.51 -5.18
C GLN C 27 23.51 -6.82 -4.36
N GLN C 28 23.39 -8.10 -4.00
CA GLN C 28 22.35 -8.54 -3.07
C GLN C 28 20.94 -8.17 -3.54
N GLN C 29 20.74 -8.02 -4.86
CA GLN C 29 19.46 -7.61 -5.42
C GLN C 29 18.97 -6.30 -4.80
N LEU C 30 19.92 -5.45 -4.41
CA LEU C 30 19.53 -4.15 -3.84
C LEU C 30 18.77 -3.27 -4.83
N PRO C 31 19.09 -3.23 -6.14
CA PRO C 31 18.25 -2.45 -7.07
C PRO C 31 16.78 -2.83 -7.02
N ALA C 32 16.48 -4.11 -6.85
CA ALA C 32 15.11 -4.59 -6.67
C ALA C 32 14.56 -4.38 -5.26
N ALA C 33 15.42 -4.11 -4.26
CA ALA C 33 14.93 -3.98 -2.89
C ALA C 33 14.05 -2.75 -2.69
N MET C 34 14.40 -1.63 -3.31
CA MET C 34 13.65 -0.38 -3.13
C MET C 34 12.54 -0.19 -4.17
N ALA C 35 11.88 -1.26 -4.59
CA ALA C 35 10.80 -1.17 -5.55
C ALA C 35 9.50 -0.87 -4.83
N ASP C 36 8.57 -0.23 -5.55
CA ASP C 36 7.29 0.16 -4.99
C ASP C 36 6.22 -0.91 -5.12
N THR C 37 6.41 -1.89 -5.99
CA THR C 37 5.47 -3.00 -6.12
C THR C 37 6.23 -4.32 -6.15
N PHE C 38 5.52 -5.40 -5.77
CA PHE C 38 6.08 -6.75 -5.90
C PHE C 38 6.38 -7.07 -7.36
N LEU C 39 5.48 -6.66 -8.28
CA LEU C 39 5.73 -6.86 -9.71
C LEU C 39 7.00 -6.15 -10.16
N GLU C 40 7.17 -4.89 -9.78
CA GLU C 40 8.41 -4.18 -10.10
C GLU C 40 9.60 -4.87 -9.45
N HIS C 41 9.43 -5.34 -8.21
CA HIS C 41 10.50 -6.09 -7.54
C HIS C 41 10.95 -7.24 -8.41
N LEU C 42 10.00 -8.09 -8.85
CA LEU C 42 10.34 -9.22 -9.69
C LEU C 42 11.02 -8.77 -10.98
N CYS C 43 10.50 -7.71 -11.62
CA CYS C 43 11.06 -7.20 -12.85
C CYS C 43 12.49 -6.71 -12.67
N LEU C 44 12.87 -6.32 -11.47
CA LEU C 44 14.18 -5.73 -11.24
C LEU C 44 15.21 -6.74 -10.76
N LEU C 45 14.83 -8.00 -10.56
CA LEU C 45 15.81 -9.01 -10.14
C LEU C 45 16.86 -9.19 -11.23
N ASP C 46 18.11 -9.38 -10.84
CA ASP C 46 19.23 -9.33 -11.78
C ASP C 46 20.16 -10.51 -11.51
N ILE C 47 20.34 -11.36 -12.52
CA ILE C 47 21.22 -12.51 -12.40
C ILE C 47 22.68 -12.13 -12.27
N ASP C 48 23.03 -10.86 -12.50
CA ASP C 48 24.38 -10.36 -12.27
C ASP C 48 24.54 -9.71 -10.90
N SER C 49 23.45 -9.53 -10.15
CA SER C 49 23.53 -9.03 -8.77
C SER C 49 23.97 -10.19 -7.88
N GLU C 50 25.19 -10.12 -7.36
CA GLU C 50 25.69 -11.30 -6.66
C GLU C 50 25.34 -11.25 -5.18
N PRO C 51 24.98 -12.40 -4.60
CA PRO C 51 24.73 -12.45 -3.16
C PRO C 51 26.01 -12.19 -2.38
N VAL C 52 25.91 -11.33 -1.37
CA VAL C 52 27.05 -10.89 -0.59
C VAL C 52 26.91 -11.29 0.87
N ALA C 53 25.69 -11.24 1.39
CA ALA C 53 25.41 -11.66 2.75
C ALA C 53 25.56 -13.18 2.89
N ALA C 54 25.67 -13.62 4.14
CA ALA C 54 25.77 -15.03 4.50
C ALA C 54 24.47 -15.77 4.24
N ARG C 55 24.60 -17.08 4.03
CA ARG C 55 23.44 -17.92 3.76
C ARG C 55 22.62 -18.13 5.02
N SER C 56 21.34 -17.77 4.97
CA SER C 56 20.52 -17.75 6.17
C SER C 56 19.61 -18.96 6.31
N THR C 57 19.22 -19.61 5.23
CA THR C 57 18.36 -20.79 5.35
C THR C 57 19.21 -22.00 5.74
N SER C 58 18.90 -22.60 6.89
CA SER C 58 19.67 -23.73 7.36
C SER C 58 19.39 -24.97 6.52
N ILE C 59 20.38 -25.84 6.44
CA ILE C 59 20.31 -27.08 5.65
C ILE C 59 20.29 -28.26 6.59
N ILE C 60 19.24 -29.07 6.50
CA ILE C 60 19.12 -30.34 7.22
C ILE C 60 19.52 -31.44 6.27
N ALA C 61 20.50 -32.26 6.67
CA ALA C 61 20.98 -33.40 5.89
C ALA C 61 20.66 -34.68 6.63
N THR C 62 20.05 -35.65 5.94
CA THR C 62 19.73 -36.92 6.54
C THR C 62 20.93 -37.86 6.50
N ILE C 63 21.23 -38.49 7.64
CA ILE C 63 22.39 -39.37 7.73
C ILE C 63 22.04 -40.75 7.21
N GLY C 64 22.95 -41.31 6.41
CA GLY C 64 22.80 -42.66 5.91
C GLY C 64 24.13 -43.18 5.44
N PRO C 65 24.14 -44.31 4.73
CA PRO C 65 25.42 -44.86 4.24
C PRO C 65 26.25 -43.87 3.42
N ALA C 66 25.60 -42.97 2.67
CA ALA C 66 26.34 -41.99 1.88
C ALA C 66 26.89 -40.84 2.71
N SER C 67 26.58 -40.78 4.00
CA SER C 67 26.94 -39.62 4.81
C SER C 67 27.16 -40.02 6.26
N ARG C 68 27.89 -41.11 6.48
CA ARG C 68 28.14 -41.62 7.81
C ARG C 68 29.59 -41.53 8.24
N SER C 69 30.52 -41.57 7.29
CA SER C 69 31.93 -41.58 7.65
C SER C 69 32.35 -40.21 8.15
N VAL C 70 33.32 -40.20 9.07
CA VAL C 70 33.78 -38.96 9.68
C VAL C 70 34.31 -38.01 8.62
N GLU C 71 35.10 -38.51 7.66
CA GLU C 71 35.67 -37.63 6.66
C GLU C 71 34.59 -37.03 5.78
N ARG C 72 33.62 -37.86 5.38
CA ARG C 72 32.47 -37.38 4.60
C ARG C 72 31.66 -36.34 5.37
N LEU C 73 31.45 -36.56 6.67
CA LEU C 73 30.70 -35.58 7.44
C LEU C 73 31.49 -34.29 7.60
N LYS C 74 32.82 -34.37 7.70
CA LYS C 74 33.61 -33.15 7.69
C LYS C 74 33.38 -32.36 6.40
N GLU C 75 33.42 -33.07 5.26
CA GLU C 75 33.15 -32.45 3.97
C GLU C 75 31.75 -31.81 3.95
N MET C 76 30.77 -32.47 4.58
CA MET C 76 29.40 -31.98 4.55
C MET C 76 29.23 -30.75 5.45
N ILE C 77 29.91 -30.74 6.60
CA ILE C 77 29.94 -29.56 7.45
C ILE C 77 30.53 -28.38 6.69
N LYS C 78 31.67 -28.61 6.04
CA LYS C 78 32.29 -27.55 5.24
C LYS C 78 31.37 -27.13 4.08
N ALA C 79 30.56 -28.06 3.59
CA ALA C 79 29.63 -27.75 2.50
C ALA C 79 28.48 -26.85 2.95
N GLY C 80 28.13 -26.91 4.23
CA GLY C 80 27.10 -26.02 4.76
C GLY C 80 26.04 -26.71 5.59
N MET C 81 26.20 -28.01 5.86
CA MET C 81 25.22 -28.71 6.69
C MET C 81 25.20 -28.09 8.09
N ASN C 82 24.01 -27.78 8.57
CA ASN C 82 23.78 -27.21 9.89
C ASN C 82 23.07 -28.17 10.83
N ILE C 83 22.25 -29.07 10.31
CA ILE C 83 21.47 -29.98 11.13
C ILE C 83 21.64 -31.38 10.56
N ALA C 84 22.09 -32.31 11.40
CA ALA C 84 22.20 -33.73 11.02
C ALA C 84 20.93 -34.43 11.50
N ARG C 85 20.24 -35.07 10.57
CA ARG C 85 18.96 -35.70 10.86
C ARG C 85 19.12 -37.21 10.91
N LEU C 86 18.67 -37.82 12.01
CA LEU C 86 18.64 -39.27 12.16
C LEU C 86 17.23 -39.76 11.91
N ASN C 87 17.06 -40.57 10.87
CA ASN C 87 15.75 -41.10 10.54
C ASN C 87 15.55 -42.41 11.28
N PHE C 88 14.75 -42.37 12.36
CA PHE C 88 14.55 -43.56 13.19
C PHE C 88 13.48 -44.48 12.62
N SER C 89 13.02 -44.23 11.39
CA SER C 89 12.23 -45.21 10.69
C SER C 89 13.03 -46.51 10.46
N HIS C 90 14.35 -46.43 10.37
CA HIS C 90 15.20 -47.60 10.20
C HIS C 90 16.46 -47.48 11.05
N GLY C 91 17.14 -48.60 11.27
CA GLY C 91 18.38 -48.54 11.99
C GLY C 91 18.21 -48.83 13.47
N SER C 92 19.12 -49.65 14.02
CA SER C 92 19.07 -50.01 15.42
C SER C 92 19.57 -48.83 16.28
N HIS C 93 19.35 -48.95 17.58
CA HIS C 93 19.85 -47.94 18.51
C HIS C 93 21.36 -47.82 18.42
N GLU C 94 22.06 -48.94 18.27
CA GLU C 94 23.52 -48.88 18.14
C GLU C 94 23.92 -48.19 16.84
N TYR C 95 23.18 -48.43 15.77
CA TYR C 95 23.48 -47.74 14.52
C TYR C 95 23.39 -46.23 14.71
N HIS C 96 22.31 -45.76 15.34
CA HIS C 96 22.14 -44.32 15.52
C HIS C 96 23.12 -43.75 16.54
N ALA C 97 23.53 -44.55 17.53
CA ALA C 97 24.56 -44.09 18.45
C ALA C 97 25.88 -43.90 17.72
N GLU C 98 26.28 -44.84 16.86
CA GLU C 98 27.51 -44.59 16.12
C GLU C 98 27.32 -43.45 15.11
N SER C 99 26.12 -43.27 14.56
CA SER C 99 25.87 -42.09 13.74
C SER C 99 26.16 -40.81 14.52
N ILE C 100 25.63 -40.73 15.75
CA ILE C 100 25.86 -39.56 16.58
C ILE C 100 27.34 -39.38 16.87
N ALA C 101 28.04 -40.48 17.22
CA ALA C 101 29.48 -40.41 17.49
C ALA C 101 30.24 -39.87 16.28
N ASN C 102 29.90 -40.35 15.08
CA ASN C 102 30.61 -39.88 13.90
C ASN C 102 30.34 -38.41 13.65
N VAL C 103 29.08 -38.00 13.74
CA VAL C 103 28.74 -36.60 13.57
C VAL C 103 29.50 -35.75 14.58
N ARG C 104 29.53 -36.18 15.83
CA ARG C 104 30.15 -35.34 16.84
C ARG C 104 31.67 -35.27 16.66
N GLU C 105 32.28 -36.38 16.25
CA GLU C 105 33.71 -36.33 15.95
C GLU C 105 34.00 -35.36 14.81
N ALA C 106 33.23 -35.45 13.72
CA ALA C 106 33.42 -34.53 12.60
C ALA C 106 33.26 -33.07 13.03
N VAL C 107 32.22 -32.79 13.83
CA VAL C 107 31.96 -31.41 14.25
C VAL C 107 33.09 -30.89 15.14
N GLU C 108 33.52 -31.68 16.12
CA GLU C 108 34.53 -31.23 17.07
C GLU C 108 35.94 -31.23 16.46
N SER C 109 36.15 -31.83 15.30
CA SER C 109 37.44 -31.65 14.67
C SER C 109 37.73 -30.18 14.35
N PHE C 110 36.71 -29.34 14.22
CA PHE C 110 36.89 -27.91 13.95
C PHE C 110 36.87 -27.08 15.22
N ALA C 111 36.80 -27.72 16.39
CA ALA C 111 36.69 -26.97 17.65
C ALA C 111 38.00 -26.31 18.03
N GLY C 112 39.13 -26.73 17.43
CA GLY C 112 40.44 -26.16 17.69
C GLY C 112 40.61 -24.73 17.20
N SER C 113 39.68 -24.25 16.36
CA SER C 113 39.65 -22.85 15.90
C SER C 113 38.31 -22.23 16.28
N PRO C 114 38.19 -21.68 17.48
CA PRO C 114 36.86 -21.21 17.94
C PRO C 114 36.24 -20.13 17.05
N LEU C 115 37.06 -19.31 16.40
CA LEU C 115 36.53 -18.22 15.57
C LEU C 115 35.90 -18.73 14.28
N SER C 116 36.18 -19.98 13.90
CA SER C 116 35.64 -20.59 12.70
C SER C 116 34.76 -21.80 12.98
N TYR C 117 34.71 -22.27 14.22
CA TYR C 117 33.89 -23.41 14.58
C TYR C 117 32.43 -23.18 14.23
N ARG C 118 31.83 -24.15 13.53
CA ARG C 118 30.41 -24.09 13.18
C ARG C 118 29.65 -25.11 14.00
N PRO C 119 28.74 -24.70 14.89
CA PRO C 119 27.88 -25.68 15.56
C PRO C 119 27.02 -26.42 14.54
N VAL C 120 26.75 -27.69 14.83
CA VAL C 120 25.89 -28.52 14.01
C VAL C 120 24.93 -29.24 14.94
N ALA C 121 23.64 -29.15 14.65
CA ALA C 121 22.61 -29.73 15.50
C ALA C 121 22.35 -31.19 15.11
N ILE C 122 21.83 -31.94 16.06
CA ILE C 122 21.43 -33.33 15.85
C ILE C 122 19.94 -33.43 16.11
N ALA C 123 19.21 -33.92 15.13
CA ALA C 123 17.76 -34.02 15.18
C ALA C 123 17.35 -35.48 15.07
N LEU C 124 16.48 -35.90 15.98
CA LEU C 124 15.90 -37.23 15.96
C LEU C 124 14.54 -37.16 15.28
N ASP C 125 14.41 -37.87 14.17
CA ASP C 125 13.15 -37.95 13.43
C ASP C 125 12.49 -39.27 13.79
N THR C 126 11.39 -39.21 14.53
CA THR C 126 10.77 -40.41 15.08
C THR C 126 10.15 -41.29 14.00
N LYS C 127 10.12 -42.58 14.29
CA LYS C 127 9.47 -43.52 13.37
C LYS C 127 7.99 -43.14 13.25
N GLY C 128 7.37 -42.87 14.38
CA GLY C 128 6.02 -42.37 14.43
C GLY C 128 4.98 -43.48 14.36
N PRO C 129 3.75 -43.13 14.71
CA PRO C 129 2.66 -44.11 14.62
C PRO C 129 2.49 -44.53 13.17
N GLU C 130 2.33 -45.83 12.96
CA GLU C 130 2.25 -46.37 11.61
C GLU C 130 1.18 -47.46 11.55
N ILE C 131 0.67 -47.69 10.34
CA ILE C 131 -0.17 -48.83 10.03
C ILE C 131 0.55 -49.66 8.98
N ARG C 132 0.71 -50.95 9.23
CA ARG C 132 1.45 -51.81 8.32
C ARG C 132 0.62 -53.03 7.97
N THR C 133 0.81 -53.55 6.76
CA THR C 133 0.16 -54.80 6.41
C THR C 133 0.92 -55.97 7.05
N GLY C 134 0.39 -57.19 6.85
CA GLY C 134 0.98 -58.38 7.41
C GLY C 134 1.98 -59.04 6.45
N ILE C 135 2.58 -60.12 6.93
CA ILE C 135 3.46 -60.92 6.10
C ILE C 135 2.60 -61.86 5.26
N LEU C 136 2.87 -61.90 3.95
CA LEU C 136 2.06 -62.74 3.07
C LEU C 136 2.37 -64.22 3.30
N GLU C 141 10.48 -62.42 0.56
CA GLU C 141 10.44 -61.60 -0.65
C GLU C 141 9.32 -62.05 -1.58
N SER C 142 8.18 -62.43 -0.99
CA SER C 142 7.02 -62.84 -1.75
C SER C 142 6.06 -61.68 -1.95
N GLU C 143 5.30 -61.72 -3.05
CA GLU C 143 4.42 -60.63 -3.43
C GLU C 143 3.15 -61.18 -4.08
N VAL C 144 2.06 -60.42 -3.99
CA VAL C 144 0.80 -60.81 -4.61
C VAL C 144 0.19 -59.61 -5.32
N GLU C 145 -0.56 -59.87 -6.39
CA GLU C 145 -1.14 -58.80 -7.19
C GLU C 145 -2.58 -58.54 -6.75
N LEU C 146 -2.88 -57.29 -6.43
CA LEU C 146 -4.25 -56.84 -6.16
C LEU C 146 -4.77 -56.19 -7.44
N VAL C 147 -5.76 -56.83 -8.07
CA VAL C 147 -6.22 -56.46 -9.40
C VAL C 147 -7.34 -55.43 -9.29
N LYS C 148 -7.26 -54.39 -10.11
CA LYS C 148 -8.31 -53.37 -10.17
C LYS C 148 -9.66 -54.00 -10.51
N GLY C 149 -10.69 -53.55 -9.78
CA GLY C 149 -12.05 -54.05 -9.98
C GLY C 149 -12.42 -55.27 -9.18
N SER C 150 -11.50 -55.78 -8.36
CA SER C 150 -11.74 -56.95 -7.53
C SER C 150 -12.08 -56.54 -6.10
N GLN C 151 -12.51 -57.54 -5.32
CA GLN C 151 -12.86 -57.33 -3.93
C GLN C 151 -11.68 -57.71 -3.04
N VAL C 152 -11.37 -56.86 -2.06
CA VAL C 152 -10.27 -57.08 -1.12
C VAL C 152 -10.76 -56.75 0.28
N LEU C 153 -10.55 -57.66 1.23
CA LEU C 153 -10.98 -57.47 2.61
C LEU C 153 -9.81 -57.01 3.48
N VAL C 154 -9.98 -55.87 4.14
CA VAL C 154 -9.03 -55.42 5.16
C VAL C 154 -9.49 -55.94 6.51
N THR C 155 -8.66 -56.78 7.15
CA THR C 155 -9.00 -57.46 8.40
C THR C 155 -7.96 -57.15 9.47
N VAL C 156 -8.42 -57.12 10.72
CA VAL C 156 -7.57 -56.92 11.89
C VAL C 156 -7.64 -58.11 12.84
N ASP C 157 -8.15 -59.23 12.37
CA ASP C 157 -8.13 -60.48 13.13
C ASP C 157 -6.67 -60.84 13.45
N PRO C 158 -6.29 -60.97 14.73
CA PRO C 158 -4.89 -61.30 15.05
C PRO C 158 -4.42 -62.60 14.44
N ALA C 159 -5.35 -63.43 13.97
CA ALA C 159 -4.99 -64.68 13.32
C ALA C 159 -4.42 -64.48 11.93
N PHE C 160 -4.68 -63.35 11.28
CA PHE C 160 -4.24 -63.12 9.92
C PHE C 160 -2.91 -62.40 9.82
N ARG C 161 -2.14 -62.35 10.93
CA ARG C 161 -0.86 -61.66 10.91
C ARG C 161 0.00 -62.13 9.74
N THR C 162 0.02 -63.44 9.49
CA THR C 162 0.82 -64.02 8.42
C THR C 162 0.02 -64.58 7.25
N ARG C 163 -1.30 -64.31 7.18
CA ARG C 163 -1.94 -65.09 6.14
C ARG C 163 -2.39 -64.15 5.02
N GLY C 164 -1.52 -63.28 4.52
CA GLY C 164 -1.91 -62.32 3.48
C GLY C 164 -2.24 -63.03 2.17
N ASN C 165 -3.15 -62.44 1.41
CA ASN C 165 -3.64 -63.04 0.18
C ASN C 165 -3.92 -61.93 -0.84
N ALA C 166 -4.31 -62.33 -2.05
CA ALA C 166 -4.63 -61.35 -3.09
C ALA C 166 -5.91 -60.59 -2.79
N ASN C 167 -6.79 -61.16 -1.97
CA ASN C 167 -8.07 -60.58 -1.63
C ASN C 167 -8.16 -60.29 -0.13
N THR C 168 -7.07 -60.45 0.60
CA THR C 168 -7.08 -60.27 2.05
C THR C 168 -5.82 -59.53 2.46
N VAL C 169 -5.99 -58.44 3.22
CA VAL C 169 -4.89 -57.66 3.75
C VAL C 169 -5.08 -57.50 5.26
N TRP C 170 -4.07 -57.88 6.03
CA TRP C 170 -4.11 -57.72 7.48
C TRP C 170 -3.34 -56.45 7.86
N VAL C 171 -3.82 -55.76 8.89
CA VAL C 171 -3.20 -54.54 9.36
C VAL C 171 -3.12 -54.57 10.87
N ASP C 172 -2.05 -54.00 11.42
CA ASP C 172 -1.82 -54.00 12.86
C ASP C 172 -2.57 -52.87 13.55
N TYR C 173 -3.66 -52.38 12.95
CA TYR C 173 -4.44 -51.27 13.53
C TYR C 173 -5.90 -51.69 13.62
N PRO C 174 -6.28 -52.35 14.73
CA PRO C 174 -7.67 -52.84 14.84
C PRO C 174 -8.71 -51.75 14.70
N ASN C 175 -8.49 -50.61 15.35
CA ASN C 175 -9.45 -49.52 15.27
C ASN C 175 -9.54 -48.93 13.87
N ILE C 176 -8.79 -49.49 12.88
CA ILE C 176 -9.01 -49.12 11.48
C ILE C 176 -10.43 -49.40 11.09
N VAL C 177 -11.00 -50.49 11.63
CA VAL C 177 -12.35 -50.81 11.26
C VAL C 177 -13.24 -49.66 11.68
N ARG C 178 -12.74 -48.70 12.43
CA ARG C 178 -13.80 -47.95 13.00
C ARG C 178 -13.58 -46.49 12.59
N VAL C 179 -12.49 -46.18 11.85
CA VAL C 179 -12.12 -44.80 11.51
C VAL C 179 -12.24 -44.46 10.02
N VAL C 180 -12.45 -45.45 9.16
CA VAL C 180 -12.59 -45.27 7.72
C VAL C 180 -14.00 -45.66 7.28
N PRO C 181 -14.82 -44.72 6.83
CA PRO C 181 -16.22 -45.02 6.52
C PRO C 181 -16.39 -45.71 5.16
N VAL C 182 -17.65 -46.02 4.86
CA VAL C 182 -18.02 -46.49 3.53
C VAL C 182 -17.78 -45.36 2.55
N GLY C 183 -17.09 -45.65 1.46
CA GLY C 183 -16.64 -44.61 0.56
C GLY C 183 -15.27 -44.09 0.90
N GLY C 184 -14.75 -44.45 2.10
CA GLY C 184 -13.41 -44.05 2.48
C GLY C 184 -12.35 -44.86 1.78
N ARG C 185 -11.16 -44.30 1.73
CA ARG C 185 -10.06 -44.90 1.00
C ARG C 185 -8.96 -45.37 1.95
N ILE C 186 -8.25 -46.40 1.51
CA ILE C 186 -7.08 -46.93 2.18
C ILE C 186 -5.95 -46.97 1.17
N TYR C 187 -4.84 -46.32 1.48
CA TYR C 187 -3.68 -46.28 0.60
C TYR C 187 -2.61 -47.23 1.14
N ILE C 188 -2.04 -48.05 0.26
CA ILE C 188 -1.04 -49.04 0.64
C ILE C 188 0.19 -48.89 -0.25
N ASP C 189 1.36 -49.01 0.37
CA ASP C 189 2.66 -48.98 -0.31
C ASP C 189 2.90 -47.66 -1.02
N ASP C 190 3.26 -46.64 -0.25
CA ASP C 190 3.59 -45.31 -0.77
C ASP C 190 2.53 -44.78 -1.74
N GLY C 191 1.26 -45.06 -1.42
CA GLY C 191 0.15 -44.58 -2.21
C GLY C 191 -0.06 -45.28 -3.53
N LEU C 192 0.70 -46.36 -3.79
CA LEU C 192 0.62 -47.04 -5.07
C LEU C 192 -0.69 -47.83 -5.20
N ILE C 193 -1.18 -48.37 -4.09
CA ILE C 193 -2.39 -49.18 -4.08
C ILE C 193 -3.50 -48.37 -3.39
N SER C 194 -4.70 -48.40 -3.98
CA SER C 194 -5.84 -47.70 -3.43
C SER C 194 -7.01 -48.65 -3.30
N LEU C 195 -7.67 -48.62 -2.14
CA LEU C 195 -8.87 -49.40 -1.88
C LEU C 195 -9.98 -48.46 -1.41
N VAL C 196 -11.20 -48.74 -1.84
CA VAL C 196 -12.37 -47.95 -1.44
C VAL C 196 -13.33 -48.86 -0.67
N VAL C 197 -13.69 -48.45 0.54
CA VAL C 197 -14.57 -49.28 1.35
C VAL C 197 -15.97 -49.27 0.74
N GLN C 198 -16.43 -50.44 0.33
CA GLN C 198 -17.77 -50.64 -0.22
C GLN C 198 -18.76 -51.08 0.85
N LYS C 199 -18.30 -51.91 1.78
CA LYS C 199 -19.13 -52.41 2.86
C LYS C 199 -18.26 -52.49 4.10
N ILE C 200 -18.87 -52.24 5.25
CA ILE C 200 -18.16 -52.16 6.51
C ILE C 200 -18.67 -53.26 7.43
N GLY C 201 -17.97 -53.47 8.53
CA GLY C 201 -18.34 -54.50 9.50
C GLY C 201 -17.47 -55.73 9.46
N GLY C 204 -14.49 -57.67 8.51
CA GLY C 204 -13.70 -56.45 8.45
C GLY C 204 -14.24 -55.47 7.42
N LEU C 205 -13.37 -54.59 6.90
CA LEU C 205 -13.82 -53.61 5.93
C LEU C 205 -13.65 -54.24 4.55
N VAL C 206 -14.79 -54.48 3.89
CA VAL C 206 -14.82 -54.98 2.52
C VAL C 206 -14.61 -53.83 1.56
N THR C 207 -13.59 -53.91 0.72
CA THR C 207 -13.19 -52.83 -0.16
C THR C 207 -13.10 -53.33 -1.60
N GLN C 208 -13.08 -52.37 -2.52
CA GLN C 208 -12.84 -52.62 -3.93
C GLN C 208 -11.54 -51.93 -4.34
N VAL C 209 -10.76 -52.61 -5.18
CA VAL C 209 -9.47 -52.10 -5.63
C VAL C 209 -9.73 -50.99 -6.65
N GLU C 210 -9.38 -49.75 -6.29
CA GLU C 210 -9.45 -48.63 -7.21
C GLU C 210 -8.18 -48.53 -8.06
N ASN C 211 -7.02 -48.60 -7.42
CA ASN C 211 -5.73 -48.64 -8.12
C ASN C 211 -4.99 -49.88 -7.63
N GLY C 212 -4.77 -50.83 -8.55
CA GLY C 212 -4.15 -52.09 -8.21
C GLY C 212 -2.64 -52.07 -8.30
N GLY C 213 -2.04 -53.21 -7.98
CA GLY C 213 -0.60 -53.33 -8.05
C GLY C 213 -0.09 -54.51 -7.24
N VAL C 214 1.23 -54.64 -7.23
CA VAL C 214 1.90 -55.73 -6.53
C VAL C 214 2.23 -55.30 -5.11
N LEU C 215 1.84 -56.12 -4.13
CA LEU C 215 2.02 -55.83 -2.72
C LEU C 215 2.95 -56.87 -2.11
N GLY C 216 3.94 -56.41 -1.36
CA GLY C 216 4.83 -57.24 -0.58
C GLY C 216 4.38 -57.34 0.87
N SER C 217 5.35 -57.59 1.76
CA SER C 217 5.06 -57.76 3.17
C SER C 217 5.38 -56.49 3.96
N ARG C 218 4.51 -56.17 4.93
CA ARG C 218 4.75 -55.12 5.91
C ARG C 218 4.98 -53.75 5.25
N LYS C 219 4.06 -53.39 4.37
CA LYS C 219 4.08 -52.11 3.67
C LYS C 219 3.19 -51.11 4.39
N GLY C 220 3.49 -49.83 4.18
CA GLY C 220 2.81 -48.77 4.91
C GLY C 220 1.40 -48.54 4.42
N VAL C 221 0.53 -48.17 5.36
CA VAL C 221 -0.88 -47.90 5.07
C VAL C 221 -1.19 -46.47 5.47
N ASN C 222 -1.89 -45.74 4.60
CA ASN C 222 -2.33 -44.38 4.87
C ASN C 222 -3.84 -44.30 4.71
N LEU C 223 -4.47 -43.51 5.58
CA LEU C 223 -5.94 -43.37 5.59
C LEU C 223 -6.29 -41.93 5.28
N PRO C 224 -6.41 -41.57 4.00
CA PRO C 224 -6.64 -40.16 3.62
C PRO C 224 -7.95 -39.63 4.18
N GLY C 225 -7.87 -38.48 4.84
CA GLY C 225 -9.06 -37.85 5.37
C GLY C 225 -9.59 -38.48 6.64
N ALA C 226 -8.94 -39.52 7.14
CA ALA C 226 -9.45 -40.18 8.33
C ALA C 226 -8.82 -39.61 9.59
N GLN C 227 -9.57 -39.71 10.70
CA GLN C 227 -9.04 -39.47 12.04
C GLN C 227 -8.39 -40.76 12.50
N VAL C 228 -7.10 -40.82 12.36
CA VAL C 228 -6.40 -42.01 12.82
C VAL C 228 -6.29 -41.89 14.33
N ASP C 229 -6.59 -42.98 15.01
CA ASP C 229 -6.65 -42.99 16.48
C ASP C 229 -5.42 -43.65 17.08
N LEU C 230 -4.29 -43.32 16.55
CA LEU C 230 -3.10 -43.87 17.20
C LEU C 230 -2.57 -42.87 18.20
N PRO C 231 -1.91 -43.33 19.25
CA PRO C 231 -1.35 -42.40 20.23
C PRO C 231 -0.31 -41.49 19.57
N GLY C 232 -0.11 -40.34 20.18
CA GLY C 232 0.86 -39.39 19.66
C GLY C 232 2.25 -39.98 19.51
N LEU C 233 2.56 -41.04 20.28
CA LEU C 233 3.84 -41.75 20.23
C LEU C 233 3.62 -43.25 20.35
N SER C 234 4.28 -44.01 19.48
CA SER C 234 4.28 -45.46 19.58
C SER C 234 5.26 -45.89 20.68
N GLU C 235 5.22 -47.17 21.02
CA GLU C 235 6.15 -47.67 22.03
C GLU C 235 7.59 -47.58 21.55
N GLN C 236 7.82 -47.92 20.27
CA GLN C 236 9.12 -47.70 19.67
C GLN C 236 9.52 -46.24 19.78
N ASP C 237 8.56 -45.33 19.57
CA ASP C 237 8.85 -43.90 19.69
C ASP C 237 9.32 -43.57 21.11
N VAL C 238 8.65 -44.14 22.12
CA VAL C 238 9.06 -43.89 23.51
C VAL C 238 10.49 -44.32 23.74
N ARG C 239 10.84 -45.53 23.28
CA ARG C 239 12.21 -46.02 23.49
C ARG C 239 13.21 -45.13 22.76
N ASP C 240 12.87 -44.72 21.52
CA ASP C 240 13.79 -43.92 20.73
C ASP C 240 13.97 -42.53 21.32
N LEU C 241 12.91 -41.94 21.88
CA LEU C 241 13.04 -40.64 22.51
C LEU C 241 13.86 -40.70 23.78
N ARG C 242 13.71 -41.76 24.56
CA ARG C 242 14.60 -41.93 25.71
C ARG C 242 16.05 -42.05 25.25
N PHE C 243 16.29 -42.79 24.16
CA PHE C 243 17.62 -42.83 23.54
C PHE C 243 18.10 -41.43 23.18
N GLY C 244 17.23 -40.64 22.55
CA GLY C 244 17.63 -39.30 22.16
C GLY C 244 18.03 -38.45 23.35
N VAL C 245 17.21 -38.48 24.41
CA VAL C 245 17.56 -37.75 25.63
C VAL C 245 18.88 -38.25 26.19
N GLU C 246 19.07 -39.58 26.25
CA GLU C 246 20.29 -40.11 26.83
C GLU C 246 21.51 -39.74 26.01
N HIS C 247 21.35 -39.52 24.70
CA HIS C 247 22.47 -39.18 23.84
C HIS C 247 22.55 -37.69 23.52
N GLY C 248 21.72 -36.88 24.18
CA GLY C 248 21.83 -35.44 24.11
C GLY C 248 21.48 -34.82 22.77
N VAL C 249 20.46 -35.35 22.09
CA VAL C 249 20.03 -34.73 20.83
C VAL C 249 19.42 -33.37 21.11
N ASP C 250 19.44 -32.50 20.08
CA ASP C 250 18.96 -31.13 20.22
C ASP C 250 17.51 -30.95 19.80
N ILE C 251 17.06 -31.73 18.81
CA ILE C 251 15.76 -31.55 18.19
C ILE C 251 15.10 -32.91 17.97
N VAL C 252 13.78 -32.93 18.10
CA VAL C 252 12.96 -34.06 17.71
C VAL C 252 12.00 -33.60 16.61
N PHE C 253 12.06 -34.25 15.45
CA PHE C 253 11.04 -34.11 14.41
C PHE C 253 9.98 -35.17 14.69
N ALA C 254 8.86 -34.75 15.25
CA ALA C 254 7.81 -35.65 15.72
C ALA C 254 6.88 -35.99 14.57
N SER C 255 6.82 -37.27 14.20
CA SER C 255 6.09 -37.73 13.03
C SER C 255 4.58 -37.75 13.28
N PHE C 256 3.82 -37.50 12.21
CA PHE C 256 2.39 -37.82 12.14
C PHE C 256 1.60 -37.07 13.22
N VAL C 257 2.01 -35.84 13.52
CA VAL C 257 1.32 -35.03 14.53
C VAL C 257 -0.02 -34.58 13.97
N ARG C 258 -1.11 -34.91 14.68
CA ARG C 258 -2.44 -34.56 14.22
C ARG C 258 -3.16 -33.55 15.10
N LYS C 259 -2.67 -33.31 16.31
CA LYS C 259 -3.33 -32.47 17.29
C LYS C 259 -2.32 -32.07 18.35
N ALA C 260 -2.71 -31.08 19.16
CA ALA C 260 -1.85 -30.64 20.26
C ALA C 260 -1.56 -31.77 21.25
N SER C 261 -2.48 -32.70 21.43
CA SER C 261 -2.26 -33.79 22.39
C SER C 261 -1.15 -34.72 21.93
N ASP C 262 -0.94 -34.85 20.62
CA ASP C 262 0.20 -35.63 20.15
C ASP C 262 1.50 -34.98 20.60
N VAL C 263 1.58 -33.64 20.50
CA VAL C 263 2.78 -32.95 20.95
C VAL C 263 2.93 -33.03 22.47
N ALA C 264 1.82 -33.04 23.20
CA ALA C 264 1.88 -33.20 24.65
C ALA C 264 2.44 -34.57 25.00
N ALA C 265 2.02 -35.61 24.27
CA ALA C 265 2.54 -36.96 24.49
C ALA C 265 4.03 -37.03 24.20
N VAL C 266 4.48 -36.42 23.10
CA VAL C 266 5.91 -36.40 22.82
C VAL C 266 6.67 -35.70 23.93
N ARG C 267 6.19 -34.52 24.35
CA ARG C 267 6.86 -33.75 25.39
C ARG C 267 6.90 -34.49 26.72
N ALA C 268 5.82 -35.20 27.07
CA ALA C 268 5.79 -35.95 28.32
C ALA C 268 6.72 -37.15 28.26
N ALA C 269 6.80 -37.82 27.11
CA ALA C 269 7.73 -38.93 26.98
C ALA C 269 9.16 -38.42 27.07
N LEU C 270 9.43 -37.22 26.55
CA LEU C 270 10.76 -36.65 26.73
C LEU C 270 11.04 -36.37 28.21
N GLY C 271 10.01 -36.12 29.00
CA GLY C 271 10.18 -36.03 30.44
C GLY C 271 10.91 -34.78 30.87
N PRO C 272 11.14 -34.65 32.18
CA PRO C 272 11.90 -33.49 32.69
C PRO C 272 13.32 -33.47 32.17
N GLU C 273 13.84 -34.62 31.74
CA GLU C 273 15.21 -34.71 31.27
C GLU C 273 15.40 -34.07 29.89
N GLY C 274 14.36 -34.04 29.07
CA GLY C 274 14.46 -33.49 27.73
C GLY C 274 13.67 -32.21 27.48
N HIS C 275 13.42 -31.45 28.55
CA HIS C 275 12.62 -30.24 28.42
C HIS C 275 13.27 -29.21 27.51
N GLY C 276 14.61 -29.15 27.47
CA GLY C 276 15.28 -28.16 26.64
C GLY C 276 15.37 -28.51 25.18
N ILE C 277 14.94 -29.71 24.80
CA ILE C 277 14.98 -30.17 23.41
C ILE C 277 13.81 -29.55 22.65
N LYS C 278 14.08 -29.04 21.45
CA LYS C 278 13.04 -28.43 20.62
C LYS C 278 12.21 -29.49 19.92
N ILE C 279 10.90 -29.28 19.88
CA ILE C 279 9.95 -30.21 19.26
C ILE C 279 9.41 -29.57 17.99
N ILE C 280 9.75 -30.17 16.84
CA ILE C 280 9.26 -29.77 15.54
C ILE C 280 8.21 -30.79 15.11
N SER C 281 6.97 -30.35 14.99
CA SER C 281 5.86 -31.24 14.65
C SER C 281 5.78 -31.41 13.15
N LYS C 282 5.86 -32.66 12.69
CA LYS C 282 5.73 -32.98 11.27
C LYS C 282 4.25 -33.14 10.92
N ILE C 283 3.76 -32.28 10.01
CA ILE C 283 2.40 -32.35 9.52
C ILE C 283 2.41 -33.25 8.28
N GLU C 284 1.70 -34.37 8.34
CA GLU C 284 1.80 -35.39 7.31
C GLU C 284 0.49 -35.82 6.70
N ASN C 285 -0.65 -35.37 7.22
CA ASN C 285 -1.93 -35.86 6.73
C ASN C 285 -2.97 -34.76 6.86
N HIS C 286 -4.19 -35.07 6.43
CA HIS C 286 -5.25 -34.06 6.32
C HIS C 286 -5.58 -33.43 7.67
N GLU C 287 -5.81 -34.28 8.68
CA GLU C 287 -6.14 -33.77 10.01
C GLU C 287 -5.08 -32.79 10.51
N GLY C 288 -3.81 -33.17 10.41
CA GLY C 288 -2.74 -32.27 10.81
C GLY C 288 -2.83 -30.91 10.13
N VAL C 289 -3.08 -30.89 8.82
CA VAL C 289 -3.13 -29.62 8.12
C VAL C 289 -4.31 -28.81 8.64
N LYS C 290 -5.46 -29.45 8.81
CA LYS C 290 -6.65 -28.71 9.23
C LYS C 290 -6.57 -28.24 10.69
N ARG C 291 -5.94 -29.04 11.57
CA ARG C 291 -5.75 -28.68 12.98
C ARG C 291 -4.42 -27.98 13.23
N PHE C 292 -3.87 -27.32 12.20
CA PHE C 292 -2.52 -26.77 12.25
C PHE C 292 -2.35 -25.75 13.38
N ASP C 293 -3.31 -24.83 13.54
CA ASP C 293 -3.17 -23.76 14.52
C ASP C 293 -2.91 -24.32 15.92
N GLU C 294 -3.72 -25.28 16.35
CA GLU C 294 -3.57 -25.87 17.67
C GLU C 294 -2.26 -26.64 17.79
N ILE C 295 -1.75 -27.18 16.68
CA ILE C 295 -0.47 -27.89 16.71
C ILE C 295 0.66 -26.88 16.86
N LEU C 296 0.65 -25.83 16.05
CA LEU C 296 1.69 -24.81 16.11
C LEU C 296 1.73 -24.14 17.48
N GLU C 297 0.56 -23.97 18.11
CA GLU C 297 0.52 -23.29 19.41
C GLU C 297 1.35 -24.02 20.46
N VAL C 298 1.40 -25.35 20.41
CA VAL C 298 2.08 -26.15 21.42
C VAL C 298 3.41 -26.70 20.92
N SER C 299 3.82 -26.41 19.69
CA SER C 299 5.09 -26.90 19.17
C SER C 299 6.11 -25.78 19.11
N ASP C 300 7.39 -26.16 19.10
CA ASP C 300 8.42 -25.18 18.83
C ASP C 300 8.53 -24.82 17.35
N GLY C 301 8.04 -25.67 16.47
CA GLY C 301 8.11 -25.41 15.05
C GLY C 301 7.40 -26.50 14.30
N ILE C 302 7.52 -26.44 12.97
CA ILE C 302 6.74 -27.27 12.06
C ILE C 302 7.65 -27.78 10.95
N MET C 303 7.42 -29.03 10.54
CA MET C 303 7.99 -29.57 9.30
C MET C 303 6.86 -29.89 8.34
N VAL C 304 6.92 -29.30 7.15
CA VAL C 304 6.02 -29.70 6.07
C VAL C 304 6.55 -30.99 5.44
N ALA C 305 6.03 -32.13 5.87
CA ALA C 305 6.50 -33.45 5.41
C ALA C 305 5.79 -33.80 4.12
N ARG C 306 6.31 -33.27 3.00
CA ARG C 306 5.56 -33.32 1.76
C ARG C 306 5.39 -34.74 1.22
N GLY C 307 6.27 -35.67 1.56
CA GLY C 307 6.11 -37.03 1.06
C GLY C 307 4.82 -37.72 1.45
N ASP C 308 4.70 -37.97 2.75
CA ASP C 308 3.47 -38.56 3.25
C ASP C 308 2.28 -37.66 3.00
N LEU C 309 2.48 -36.33 3.04
CA LEU C 309 1.38 -35.43 2.75
C LEU C 309 0.83 -35.66 1.35
N GLY C 310 1.71 -35.80 0.36
CA GLY C 310 1.32 -36.08 -1.01
C GLY C 310 0.77 -37.48 -1.19
N ILE C 311 0.98 -38.37 -0.23
CA ILE C 311 0.23 -39.62 -0.24
C ILE C 311 -1.17 -39.42 0.33
N GLU C 312 -1.30 -38.64 1.41
CA GLU C 312 -2.59 -38.52 2.10
C GLU C 312 -3.54 -37.55 1.40
N ILE C 313 -3.02 -36.46 0.84
CA ILE C 313 -3.84 -35.49 0.10
C ILE C 313 -3.38 -35.52 -1.36
N PRO C 314 -4.21 -35.00 -2.28
CA PRO C 314 -3.79 -34.93 -3.68
C PRO C 314 -2.46 -34.21 -3.86
N ALA C 315 -1.59 -34.76 -4.71
CA ALA C 315 -0.26 -34.19 -4.93
C ALA C 315 -0.34 -32.73 -5.39
N GLU C 316 -1.28 -32.42 -6.30
CA GLU C 316 -1.42 -31.07 -6.83
C GLU C 316 -1.89 -30.07 -5.78
N LYS C 317 -2.19 -30.49 -4.56
CA LYS C 317 -2.60 -29.60 -3.48
C LYS C 317 -1.50 -29.34 -2.47
N VAL C 318 -0.39 -30.09 -2.55
CA VAL C 318 0.64 -30.03 -1.52
C VAL C 318 1.15 -28.61 -1.35
N PHE C 319 1.42 -27.91 -2.46
CA PHE C 319 1.94 -26.54 -2.38
C PHE C 319 1.02 -25.62 -1.59
N LEU C 320 -0.30 -25.77 -1.76
CA LEU C 320 -1.23 -25.00 -0.93
C LEU C 320 -0.94 -25.21 0.55
N ALA C 321 -0.84 -26.48 0.96
CA ALA C 321 -0.47 -26.77 2.35
C ALA C 321 0.84 -26.08 2.73
N GLN C 322 1.87 -26.25 1.87
CA GLN C 322 3.19 -25.74 2.21
C GLN C 322 3.14 -24.24 2.47
N LYS C 323 2.68 -23.48 1.48
CA LYS C 323 2.67 -22.03 1.59
C LYS C 323 1.80 -21.58 2.76
N MET C 324 0.69 -22.28 3.01
CA MET C 324 -0.12 -21.91 4.18
C MET C 324 0.72 -22.04 5.46
N MET C 325 1.29 -23.23 5.66
CA MET C 325 1.94 -23.51 6.94
C MET C 325 3.13 -22.59 7.15
N ILE C 326 3.97 -22.46 6.12
CA ILE C 326 5.08 -21.53 6.16
C ILE C 326 4.57 -20.14 6.52
N GLY C 327 3.52 -19.70 5.82
CA GLY C 327 2.96 -18.39 6.10
C GLY C 327 2.62 -18.25 7.56
N ARG C 328 1.85 -19.20 8.09
CA ARG C 328 1.43 -19.07 9.48
C ARG C 328 2.62 -19.14 10.42
N CYS C 329 3.60 -19.99 10.09
CA CYS C 329 4.79 -20.06 10.93
C CYS C 329 5.52 -18.72 10.93
N ASN C 330 5.63 -18.10 9.74
CA ASN C 330 6.25 -16.80 9.68
C ASN C 330 5.52 -15.80 10.58
N LEU C 331 4.18 -15.86 10.61
CA LEU C 331 3.43 -14.93 11.46
C LEU C 331 3.74 -15.16 12.92
N ALA C 332 3.93 -16.42 13.31
CA ALA C 332 4.10 -16.73 14.71
C ALA C 332 5.53 -16.53 15.17
N GLY C 333 6.48 -16.39 14.25
CA GLY C 333 7.86 -16.32 14.69
C GLY C 333 8.41 -17.66 15.12
N LYS C 334 7.94 -18.76 14.52
CA LYS C 334 8.44 -20.09 14.84
C LYS C 334 9.02 -20.75 13.59
N PRO C 335 10.05 -21.57 13.73
CA PRO C 335 10.70 -22.16 12.56
C PRO C 335 9.80 -23.14 11.83
N VAL C 336 9.94 -23.17 10.50
CA VAL C 336 9.24 -24.11 9.65
C VAL C 336 10.24 -24.69 8.65
N VAL C 337 10.15 -26.00 8.43
CA VAL C 337 11.09 -26.73 7.59
C VAL C 337 10.33 -27.28 6.39
N CYS C 338 10.83 -26.97 5.20
CA CYS C 338 10.34 -27.60 3.99
C CYS C 338 11.21 -28.80 3.68
N ALA C 339 10.59 -29.94 3.39
CA ALA C 339 11.28 -31.21 3.38
C ALA C 339 10.81 -32.06 2.23
N THR C 340 11.71 -32.95 1.78
CA THR C 340 11.43 -34.15 1.00
C THR C 340 11.46 -33.89 -0.52
N GLN C 341 12.41 -34.55 -1.19
CA GLN C 341 12.52 -34.59 -2.64
C GLN C 341 12.83 -33.23 -3.26
N MET C 342 13.44 -32.32 -2.50
CA MET C 342 13.79 -31.01 -3.02
C MET C 342 14.79 -31.11 -4.16
N LEU C 343 15.79 -32.00 -4.03
CA LEU C 343 16.80 -32.24 -5.06
C LEU C 343 16.85 -33.71 -5.43
N GLU C 344 15.66 -34.33 -5.58
CA GLU C 344 15.55 -35.79 -5.67
C GLU C 344 16.46 -36.38 -6.75
N SER C 345 16.50 -35.76 -7.93
CA SER C 345 17.26 -36.33 -9.03
C SER C 345 18.75 -36.46 -8.72
N MET C 346 19.27 -35.65 -7.79
CA MET C 346 20.67 -35.73 -7.44
C MET C 346 21.00 -36.98 -6.64
N ILE C 347 20.03 -37.84 -6.35
CA ILE C 347 20.36 -39.14 -5.78
C ILE C 347 21.26 -39.90 -6.73
N THR C 348 21.07 -39.70 -8.03
CA THR C 348 21.84 -40.38 -9.06
C THR C 348 22.58 -39.45 -10.01
N LYS C 349 22.20 -38.18 -10.13
CA LYS C 349 22.94 -37.41 -11.11
C LYS C 349 23.63 -36.21 -10.44
N PRO C 350 24.77 -35.75 -10.98
CA PRO C 350 25.53 -34.70 -10.28
C PRO C 350 24.89 -33.32 -10.30
N ARG C 351 23.85 -33.10 -11.10
CA ARG C 351 23.23 -31.80 -11.19
C ARG C 351 21.72 -31.95 -11.09
N PRO C 352 21.04 -31.02 -10.44
CA PRO C 352 19.59 -31.13 -10.27
C PRO C 352 18.84 -30.69 -11.52
N THR C 353 17.55 -30.99 -11.51
CA THR C 353 16.68 -30.51 -12.57
C THR C 353 16.25 -29.07 -12.31
N ARG C 354 15.74 -28.42 -13.37
CA ARG C 354 15.27 -27.04 -13.24
C ARG C 354 14.14 -26.93 -12.22
N ALA C 355 13.27 -27.94 -12.15
CA ALA C 355 12.19 -27.93 -11.17
C ALA C 355 12.73 -28.01 -9.75
N GLU C 356 13.85 -28.71 -9.55
CA GLU C 356 14.39 -28.88 -8.20
C GLU C 356 15.03 -27.59 -7.70
N THR C 357 15.82 -26.93 -8.55
CA THR C 357 16.36 -25.61 -8.22
C THR C 357 15.24 -24.62 -7.93
N SER C 358 14.21 -24.63 -8.80
CA SER C 358 13.03 -23.80 -8.56
C SER C 358 12.38 -24.11 -7.21
N ASP C 359 12.27 -25.39 -6.84
CA ASP C 359 11.59 -25.76 -5.60
C ASP C 359 12.35 -25.24 -4.38
N VAL C 360 13.66 -25.41 -4.37
CA VAL C 360 14.47 -24.90 -3.25
C VAL C 360 14.35 -23.38 -3.15
N ALA C 361 14.47 -22.68 -4.30
CA ALA C 361 14.40 -21.22 -4.26
C ALA C 361 13.04 -20.77 -3.76
N ASN C 362 11.97 -21.44 -4.21
CA ASN C 362 10.62 -21.04 -3.83
C ASN C 362 10.28 -21.42 -2.41
N ALA C 363 10.89 -22.47 -1.87
CA ALA C 363 10.75 -22.74 -0.45
C ALA C 363 11.35 -21.60 0.36
N VAL C 364 12.52 -21.11 -0.07
CA VAL C 364 13.12 -19.99 0.63
C VAL C 364 12.24 -18.75 0.51
N LEU C 365 11.74 -18.49 -0.70
CA LEU C 365 10.90 -17.32 -0.91
C LEU C 365 9.58 -17.43 -0.16
N ASP C 366 9.02 -18.64 -0.06
CA ASP C 366 7.83 -18.85 0.76
C ASP C 366 8.07 -18.43 2.20
N GLY C 367 9.29 -18.62 2.70
CA GLY C 367 9.62 -18.17 4.03
C GLY C 367 10.14 -19.24 4.95
N ALA C 368 10.60 -20.35 4.38
CA ALA C 368 11.08 -21.46 5.18
C ALA C 368 12.35 -21.08 5.93
N ASP C 369 12.43 -21.47 7.20
CA ASP C 369 13.66 -21.26 7.95
C ASP C 369 14.72 -22.29 7.57
N CYS C 370 14.30 -23.53 7.29
CA CYS C 370 15.23 -24.60 6.94
C CYS C 370 14.71 -25.38 5.75
N ILE C 371 15.65 -25.86 4.94
CA ILE C 371 15.37 -26.80 3.86
C ILE C 371 16.08 -28.10 4.20
N MET C 372 15.65 -29.18 3.53
CA MET C 372 16.05 -30.52 3.94
C MET C 372 16.43 -31.37 2.73
N LEU C 373 17.36 -32.30 2.96
CA LEU C 373 17.72 -33.36 2.02
C LEU C 373 17.57 -34.70 2.73
N SER C 374 16.95 -35.68 2.03
CA SER C 374 16.68 -36.98 2.61
C SER C 374 17.55 -37.99 1.88
N GLY C 375 17.03 -38.73 0.89
CA GLY C 375 17.87 -39.67 0.16
C GLY C 375 19.06 -39.02 -0.51
N GLU C 376 18.93 -37.74 -0.87
CA GLU C 376 20.02 -37.00 -1.53
C GLU C 376 21.30 -37.05 -0.72
N THR C 377 21.20 -37.07 0.61
CA THR C 377 22.38 -37.18 1.46
C THR C 377 22.51 -38.51 2.16
N ALA C 378 21.41 -39.21 2.43
CA ALA C 378 21.53 -40.45 3.19
C ALA C 378 22.11 -41.58 2.35
N LYS C 379 21.64 -41.73 1.10
CA LYS C 379 22.03 -42.88 0.28
C LYS C 379 22.54 -42.53 -1.11
N GLY C 380 22.36 -41.30 -1.57
CA GLY C 380 22.68 -40.95 -2.92
C GLY C 380 24.17 -40.96 -3.22
N ASN C 381 24.47 -40.72 -4.49
CA ASN C 381 25.84 -40.70 -4.96
C ASN C 381 26.49 -39.33 -4.92
N PHE C 382 25.75 -38.29 -4.55
CA PHE C 382 26.29 -36.92 -4.53
C PHE C 382 25.77 -36.17 -3.31
N PRO C 383 26.07 -36.65 -2.08
CA PRO C 383 25.52 -35.97 -0.90
C PRO C 383 26.10 -34.57 -0.70
N VAL C 384 27.42 -34.47 -0.80
CA VAL C 384 28.11 -33.19 -0.63
C VAL C 384 27.67 -32.21 -1.72
N GLU C 385 27.56 -32.70 -2.96
CA GLU C 385 27.14 -31.84 -4.05
C GLU C 385 25.71 -31.35 -3.83
N ALA C 386 24.83 -32.20 -3.31
CA ALA C 386 23.48 -31.77 -3.03
C ALA C 386 23.45 -30.68 -1.97
N VAL C 387 24.27 -30.83 -0.91
CA VAL C 387 24.37 -29.78 0.10
C VAL C 387 24.86 -28.47 -0.52
N LYS C 388 25.89 -28.57 -1.36
CA LYS C 388 26.43 -27.38 -2.03
C LYS C 388 25.36 -26.71 -2.89
N MET C 389 24.53 -27.50 -3.57
CA MET C 389 23.50 -26.91 -4.40
C MET C 389 22.46 -26.18 -3.56
N GLN C 390 21.99 -26.81 -2.48
CA GLN C 390 21.01 -26.15 -1.61
C GLN C 390 21.59 -24.86 -1.04
N HIS C 391 22.88 -24.86 -0.68
CA HIS C 391 23.51 -23.65 -0.19
C HIS C 391 23.46 -22.53 -1.23
N ALA C 392 23.85 -22.86 -2.46
CA ALA C 392 23.89 -21.83 -3.50
C ALA C 392 22.49 -21.28 -3.78
N ILE C 393 21.52 -22.16 -4.02
CA ILE C 393 20.16 -21.73 -4.33
C ILE C 393 19.60 -20.87 -3.19
N ALA C 394 19.77 -21.32 -1.94
CA ALA C 394 19.24 -20.57 -0.80
C ALA C 394 19.84 -19.18 -0.72
N ARG C 395 21.15 -19.05 -0.94
CA ARG C 395 21.76 -17.73 -0.91
C ARG C 395 21.12 -16.80 -1.93
N GLU C 396 21.00 -17.28 -3.16
CA GLU C 396 20.38 -16.46 -4.22
C GLU C 396 18.95 -16.08 -3.86
N ALA C 397 18.17 -17.04 -3.37
CA ALA C 397 16.77 -16.78 -3.08
C ALA C 397 16.62 -15.81 -1.90
N GLU C 398 17.47 -15.94 -0.87
CA GLU C 398 17.40 -15.00 0.26
C GLU C 398 17.70 -13.59 -0.20
N ALA C 399 18.71 -13.43 -1.07
CA ALA C 399 18.95 -12.10 -1.64
C ALA C 399 17.73 -11.60 -2.43
N ALA C 400 16.97 -12.50 -3.03
CA ALA C 400 15.84 -12.02 -3.83
C ALA C 400 14.59 -11.71 -3.02
N VAL C 401 14.63 -11.84 -1.69
CA VAL C 401 13.45 -11.59 -0.86
C VAL C 401 13.06 -10.11 -0.94
N TYR C 402 11.75 -9.87 -1.01
CA TYR C 402 11.20 -8.52 -1.11
C TYR C 402 10.98 -7.99 0.31
N HIS C 403 12.08 -7.54 0.92
CA HIS C 403 12.01 -7.20 2.33
C HIS C 403 11.01 -6.07 2.59
N ARG C 404 10.75 -5.24 1.57
CA ARG C 404 9.93 -4.04 1.78
C ARG C 404 8.57 -4.51 2.33
N GLN C 405 7.87 -5.31 1.50
CA GLN C 405 6.52 -5.78 1.84
C GLN C 405 6.54 -6.84 2.93
N LEU C 406 7.55 -7.71 2.92
CA LEU C 406 7.60 -8.77 3.93
C LEU C 406 7.70 -8.17 5.32
N PHE C 407 8.63 -7.23 5.50
CA PHE C 407 8.77 -6.58 6.79
C PHE C 407 7.49 -5.82 7.15
N GLU C 408 6.88 -5.11 6.19
CA GLU C 408 5.66 -4.36 6.51
C GLU C 408 4.55 -5.29 6.99
N GLU C 409 4.38 -6.44 6.34
CA GLU C 409 3.31 -7.35 6.73
C GLU C 409 3.60 -8.04 8.06
N LEU C 410 4.86 -8.42 8.30
CA LEU C 410 5.22 -9.01 9.59
C LEU C 410 5.03 -8.00 10.71
N ARG C 411 5.31 -6.72 10.43
CA ARG C 411 5.07 -5.66 11.39
C ARG C 411 3.58 -5.54 11.71
N ARG C 412 2.74 -5.59 10.68
CA ARG C 412 1.31 -5.37 10.88
C ARG C 412 0.62 -6.54 11.55
N ALA C 413 1.15 -7.75 11.35
CA ALA C 413 0.49 -8.93 11.90
C ALA C 413 1.00 -9.32 13.28
N ALA C 414 2.25 -9.01 13.60
CA ALA C 414 2.75 -9.36 14.92
C ALA C 414 2.08 -8.45 15.94
N PRO C 415 1.51 -8.99 17.02
CA PRO C 415 0.80 -8.14 17.97
C PRO C 415 1.75 -7.23 18.74
N LEU C 416 1.20 -6.13 19.23
CA LEU C 416 1.97 -5.24 20.10
C LEU C 416 2.51 -6.01 21.30
N SER C 417 3.64 -5.56 21.83
CA SER C 417 4.34 -6.29 22.88
C SER C 417 5.01 -5.34 23.85
N ARG C 418 4.89 -5.61 25.14
CA ARG C 418 5.60 -4.86 26.17
C ARG C 418 6.85 -5.59 26.66
N ASP C 419 7.20 -6.72 26.03
CA ASP C 419 8.41 -7.45 26.41
C ASP C 419 9.65 -6.78 25.81
N PRO C 420 10.59 -6.31 26.63
CA PRO C 420 11.72 -5.54 26.08
C PRO C 420 12.57 -6.30 25.06
N THR C 421 12.67 -7.64 25.13
CA THR C 421 13.42 -8.36 24.10
C THR C 421 12.80 -8.16 22.71
N GLU C 422 11.48 -8.27 22.62
CA GLU C 422 10.83 -8.13 21.32
C GLU C 422 10.85 -6.67 20.84
N VAL C 423 10.67 -5.72 21.76
CA VAL C 423 10.76 -4.29 21.41
C VAL C 423 12.14 -3.97 20.86
N THR C 424 13.18 -4.40 21.58
CA THR C 424 14.56 -4.22 21.13
C THR C 424 14.80 -4.90 19.79
N ALA C 425 14.24 -6.10 19.60
CA ALA C 425 14.48 -6.85 18.37
C ALA C 425 13.94 -6.11 17.16
N ILE C 426 12.68 -5.62 17.25
CA ILE C 426 12.13 -4.93 16.09
C ILE C 426 12.85 -3.61 15.85
N GLY C 427 13.26 -2.91 16.93
CA GLY C 427 14.06 -1.69 16.75
C GLY C 427 15.40 -1.95 16.09
N ALA C 428 16.05 -3.07 16.46
CA ALA C 428 17.34 -3.43 15.88
C ALA C 428 17.19 -3.82 14.41
N VAL C 429 16.13 -4.56 14.07
CA VAL C 429 15.91 -4.89 12.66
C VAL C 429 15.62 -3.62 11.85
N GLU C 430 14.79 -2.71 12.39
CA GLU C 430 14.53 -1.46 11.69
C GLU C 430 15.82 -0.67 11.48
N ALA C 431 16.67 -0.61 12.50
CA ALA C 431 17.96 0.08 12.39
C ALA C 431 18.85 -0.56 11.32
N ALA C 432 18.94 -1.90 11.33
CA ALA C 432 19.77 -2.58 10.34
C ALA C 432 19.29 -2.29 8.93
N PHE C 433 17.97 -2.30 8.71
CA PHE C 433 17.46 -1.94 7.39
C PHE C 433 17.81 -0.50 7.05
N LYS C 434 17.80 0.39 8.06
CA LYS C 434 18.04 1.81 7.78
C LYS C 434 19.47 2.06 7.32
N CYS C 435 20.45 1.38 7.92
CA CYS C 435 21.85 1.65 7.61
C CYS C 435 22.47 0.55 6.77
N CYS C 436 21.67 -0.41 6.31
CA CYS C 436 22.14 -1.54 5.53
C CYS C 436 23.28 -2.24 6.27
N ALA C 437 23.05 -2.47 7.56
CA ALA C 437 24.06 -3.05 8.45
C ALA C 437 24.54 -4.40 7.93
N ALA C 438 25.84 -4.66 8.11
CA ALA C 438 26.38 -5.94 7.68
C ALA C 438 25.88 -7.08 8.58
N ALA C 439 25.57 -6.78 9.85
CA ALA C 439 25.12 -7.82 10.77
C ALA C 439 24.47 -7.20 12.00
N ILE C 440 23.67 -8.03 12.68
CA ILE C 440 23.21 -7.78 14.05
C ILE C 440 23.84 -8.83 14.96
N ILE C 441 24.70 -8.39 15.87
CA ILE C 441 25.37 -9.26 16.84
C ILE C 441 24.57 -9.20 18.15
N VAL C 442 24.10 -10.36 18.60
CA VAL C 442 23.22 -10.42 19.76
C VAL C 442 23.79 -11.42 20.75
N LEU C 443 23.76 -11.05 22.03
CA LEU C 443 24.13 -11.96 23.11
C LEU C 443 22.88 -12.69 23.59
N THR C 444 22.99 -14.02 23.69
CA THR C 444 21.84 -14.85 24.07
C THR C 444 22.31 -16.10 24.80
N THR C 445 21.55 -16.48 25.82
CA THR C 445 21.79 -17.69 26.59
C THR C 445 20.99 -18.86 26.06
N THR C 446 19.71 -18.64 25.76
CA THR C 446 18.81 -19.67 25.30
C THR C 446 18.54 -19.62 23.80
N GLY C 447 18.98 -18.56 23.12
CA GLY C 447 18.66 -18.33 21.73
C GLY C 447 17.48 -17.39 21.50
N ARG C 448 16.70 -17.11 22.53
CA ARG C 448 15.44 -16.40 22.31
C ARG C 448 15.65 -15.04 21.67
N SER C 449 16.66 -14.28 22.12
CA SER C 449 16.85 -12.94 21.55
C SER C 449 17.14 -13.02 20.05
N ALA C 450 17.99 -13.96 19.63
CA ALA C 450 18.26 -14.15 18.21
C ALA C 450 17.01 -14.57 17.45
N GLN C 451 16.19 -15.43 18.05
CA GLN C 451 14.98 -15.85 17.36
C GLN C 451 14.02 -14.68 17.18
N LEU C 452 13.88 -13.80 18.19
CA LEU C 452 13.00 -12.64 18.05
C LEU C 452 13.55 -11.68 17.01
N LEU C 453 14.88 -11.59 16.88
CA LEU C 453 15.43 -10.82 15.77
C LEU C 453 15.07 -11.45 14.42
N SER C 454 15.20 -12.78 14.33
CA SER C 454 14.97 -13.47 13.06
C SER C 454 13.51 -13.44 12.62
N ARG C 455 12.56 -13.42 13.57
CA ARG C 455 11.15 -13.48 13.22
C ARG C 455 10.73 -12.29 12.34
N TYR C 456 11.48 -11.19 12.39
CA TYR C 456 11.20 -10.07 11.52
C TYR C 456 12.00 -10.13 10.22
N ARG C 457 12.74 -11.21 9.98
CA ARG C 457 13.39 -11.49 8.72
C ARG C 457 14.30 -10.35 8.22
N PRO C 458 15.32 -9.98 8.99
CA PRO C 458 16.24 -8.95 8.52
C PRO C 458 17.12 -9.47 7.39
N ARG C 459 17.50 -8.54 6.50
CA ARG C 459 18.49 -8.85 5.48
C ARG C 459 19.86 -9.06 6.12
N ALA C 460 20.16 -8.32 7.18
CA ALA C 460 21.45 -8.46 7.85
C ALA C 460 21.52 -9.77 8.62
N ALA C 461 22.69 -10.40 8.57
CA ALA C 461 22.93 -11.60 9.37
C ALA C 461 22.78 -11.30 10.86
N VAL C 462 22.19 -12.23 11.58
CA VAL C 462 22.06 -12.16 13.05
C VAL C 462 23.13 -13.06 13.65
N ILE C 463 24.23 -12.46 14.10
CA ILE C 463 25.34 -13.21 14.67
C ILE C 463 25.07 -13.37 16.17
N ALA C 464 24.85 -14.61 16.61
CA ALA C 464 24.41 -14.87 17.98
C ALA C 464 25.57 -15.50 18.75
N VAL C 465 26.12 -14.76 19.73
CA VAL C 465 27.20 -15.26 20.58
C VAL C 465 26.61 -15.86 21.86
N THR C 466 26.98 -17.11 22.14
CA THR C 466 26.42 -17.82 23.27
C THR C 466 27.46 -18.78 23.86
N ARG C 467 27.31 -19.04 25.16
CA ARG C 467 28.10 -20.07 25.83
C ARG C 467 27.36 -21.40 25.84
N SER C 468 26.07 -21.42 25.52
CA SER C 468 25.32 -22.68 25.54
C SER C 468 25.55 -23.43 24.22
N ALA C 469 26.22 -24.59 24.30
CA ALA C 469 26.46 -25.40 23.10
C ALA C 469 25.13 -25.87 22.49
N GLN C 470 24.18 -26.26 23.34
CA GLN C 470 22.91 -26.75 22.81
C GLN C 470 22.12 -25.61 22.15
N ALA C 471 22.20 -24.40 22.71
CA ALA C 471 21.50 -23.27 22.08
C ALA C 471 22.18 -22.88 20.78
N ALA C 472 23.52 -22.92 20.74
CA ALA C 472 24.23 -22.66 19.50
C ALA C 472 23.83 -23.64 18.41
N ARG C 473 23.51 -24.89 18.78
CA ARG C 473 23.00 -25.86 17.81
C ARG C 473 21.53 -25.63 17.47
N GLN C 474 20.70 -25.28 18.44
CA GLN C 474 19.26 -25.21 18.23
C GLN C 474 18.84 -23.98 17.44
N VAL C 475 19.60 -22.88 17.52
CA VAL C 475 19.24 -21.66 16.79
C VAL C 475 19.41 -21.78 15.29
N HIS C 476 20.02 -22.87 14.80
CA HIS C 476 20.05 -23.13 13.36
C HIS C 476 18.64 -23.27 12.81
N LEU C 477 17.66 -23.54 13.66
CA LEU C 477 16.30 -23.67 13.19
C LEU C 477 15.70 -22.34 12.74
N CYS C 478 16.28 -21.21 13.15
CA CYS C 478 15.75 -19.88 12.89
C CYS C 478 16.54 -19.19 11.78
N ARG C 479 15.84 -18.76 10.73
CA ARG C 479 16.55 -18.19 9.58
C ARG C 479 17.39 -16.99 9.97
N GLY C 480 18.61 -16.93 9.42
CA GLY C 480 19.47 -15.78 9.60
C GLY C 480 20.25 -15.74 10.90
N VAL C 481 20.14 -16.76 11.75
CA VAL C 481 20.88 -16.81 13.01
C VAL C 481 22.17 -17.60 12.77
N PHE C 482 23.30 -16.94 12.96
CA PHE C 482 24.62 -17.52 12.80
C PHE C 482 25.25 -17.72 14.17
N PRO C 483 25.29 -18.96 14.68
CA PRO C 483 25.72 -19.20 16.06
C PRO C 483 27.24 -19.19 16.20
N LEU C 484 27.73 -18.52 17.24
CA LEU C 484 29.12 -18.56 17.65
C LEU C 484 29.17 -19.02 19.11
N LEU C 485 29.86 -20.13 19.37
CA LEU C 485 29.97 -20.67 20.71
C LEU C 485 31.19 -20.08 21.41
N TYR C 486 30.95 -19.26 22.42
CA TYR C 486 32.01 -18.67 23.23
C TYR C 486 32.43 -19.67 24.30
N ARG C 487 33.75 -19.83 24.47
CA ARG C 487 34.28 -20.82 25.39
C ARG C 487 35.07 -20.23 26.54
N GLU C 488 35.52 -18.99 26.42
CA GLU C 488 36.39 -18.41 27.43
C GLU C 488 35.63 -18.26 28.76
N PRO C 489 36.29 -18.54 29.88
CA PRO C 489 35.65 -18.40 31.20
C PRO C 489 35.18 -16.98 31.45
N PRO C 490 34.17 -16.81 32.32
CA PRO C 490 33.65 -15.46 32.60
C PRO C 490 34.72 -14.52 33.13
N GLU C 491 34.71 -13.29 32.62
CA GLU C 491 35.55 -12.25 33.17
C GLU C 491 35.05 -11.81 34.54
N ALA C 492 35.94 -11.19 35.30
CA ALA C 492 35.59 -10.75 36.65
C ALA C 492 34.48 -9.68 36.60
N ILE C 493 34.55 -8.76 35.64
CA ILE C 493 33.56 -7.70 35.52
C ILE C 493 32.64 -8.04 34.37
N TRP C 494 31.34 -8.18 34.67
CA TRP C 494 30.36 -8.61 33.67
C TRP C 494 30.40 -7.73 32.43
N ALA C 495 30.62 -6.42 32.59
CA ALA C 495 30.63 -5.55 31.42
C ALA C 495 31.77 -5.91 30.49
N ASP C 496 32.94 -6.24 31.06
CA ASP C 496 34.08 -6.70 30.28
C ASP C 496 33.75 -8.00 29.56
N ASP C 497 33.02 -8.88 30.22
CA ASP C 497 32.61 -10.15 29.62
C ASP C 497 31.66 -9.93 28.46
N VAL C 498 30.69 -9.02 28.62
CA VAL C 498 29.79 -8.67 27.53
C VAL C 498 30.59 -8.17 26.33
N ASP C 499 31.51 -7.21 26.58
CA ASP C 499 32.30 -6.65 25.49
C ASP C 499 33.20 -7.70 24.82
N ARG C 500 33.74 -8.63 25.60
CA ARG C 500 34.58 -9.67 25.01
C ARG C 500 33.76 -10.55 24.09
N ARG C 501 32.52 -10.86 24.49
CA ARG C 501 31.66 -11.66 23.61
C ARG C 501 31.30 -10.89 22.34
N VAL C 502 31.10 -9.57 22.47
CA VAL C 502 30.80 -8.75 21.29
C VAL C 502 31.97 -8.75 20.32
N GLN C 503 33.19 -8.61 20.84
CA GLN C 503 34.38 -8.63 19.98
C GLN C 503 34.60 -10.01 19.37
N PHE C 504 34.24 -11.09 20.09
CA PHE C 504 34.28 -12.44 19.52
C PHE C 504 33.35 -12.52 18.31
N GLY C 505 32.15 -11.95 18.43
CA GLY C 505 31.28 -11.87 17.27
C GLY C 505 31.92 -11.13 16.11
N ILE C 506 32.54 -9.98 16.41
CA ILE C 506 33.16 -9.18 15.36
C ILE C 506 34.30 -9.95 14.68
N GLU C 507 35.18 -10.56 15.48
CA GLU C 507 36.35 -11.20 14.91
C GLU C 507 35.98 -12.49 14.19
N SER C 508 34.98 -13.22 14.67
CA SER C 508 34.51 -14.39 13.93
C SER C 508 33.88 -13.97 12.60
N GLY C 509 33.09 -12.90 12.61
CA GLY C 509 32.54 -12.39 11.35
C GLY C 509 33.60 -11.88 10.40
N LYS C 510 34.63 -11.22 10.94
CA LYS C 510 35.75 -10.74 10.13
C LYS C 510 36.50 -11.90 9.49
N LEU C 511 36.85 -12.91 10.31
CA LEU C 511 37.58 -14.06 9.80
C LEU C 511 36.74 -14.83 8.80
N ARG C 512 35.44 -14.96 9.06
CA ARG C 512 34.58 -15.66 8.12
C ARG C 512 34.30 -14.84 6.87
N GLY C 513 34.78 -13.59 6.79
CA GLY C 513 34.67 -12.80 5.59
C GLY C 513 33.36 -12.06 5.41
N PHE C 514 32.45 -12.14 6.39
CA PHE C 514 31.14 -11.52 6.33
C PHE C 514 31.10 -10.15 6.99
N LEU C 515 32.17 -9.76 7.67
CA LEU C 515 32.28 -8.50 8.38
C LEU C 515 33.62 -7.88 8.01
N ARG C 516 33.62 -6.57 7.76
CA ARG C 516 34.84 -5.88 7.33
C ARG C 516 34.98 -4.53 8.04
N VAL C 517 36.20 -4.02 8.02
CA VAL C 517 36.49 -2.75 8.68
C VAL C 517 35.72 -1.64 7.98
N GLY C 518 35.08 -0.79 8.75
CA GLY C 518 34.26 0.28 8.25
C GLY C 518 32.78 -0.03 8.21
N ASP C 519 32.41 -1.31 8.27
CA ASP C 519 31.01 -1.71 8.31
C ASP C 519 30.31 -1.18 9.55
N LEU C 520 28.99 -1.06 9.44
CA LEU C 520 28.13 -0.80 10.58
C LEU C 520 27.49 -2.10 11.04
N VAL C 521 27.33 -2.25 12.34
CA VAL C 521 26.64 -3.40 12.90
C VAL C 521 25.67 -2.91 13.96
N ILE C 522 24.62 -3.69 14.19
CA ILE C 522 23.70 -3.47 15.29
C ILE C 522 24.00 -4.51 16.37
N VAL C 523 24.15 -4.07 17.61
CA VAL C 523 24.53 -4.97 18.71
C VAL C 523 23.44 -4.96 19.78
N VAL C 524 22.93 -6.14 20.12
CA VAL C 524 21.79 -6.31 21.01
C VAL C 524 22.26 -7.06 22.26
N THR C 525 22.07 -6.42 23.42
CA THR C 525 22.49 -6.93 24.72
C THR C 525 21.42 -6.63 25.77
N GLY C 526 21.73 -6.95 27.03
CA GLY C 526 20.80 -6.74 28.12
C GLY C 526 21.47 -6.07 29.32
N TRP C 527 20.62 -5.61 30.24
CA TRP C 527 21.09 -4.75 31.31
C TRP C 527 21.60 -5.51 32.53
N ARG C 528 21.44 -6.84 32.59
CA ARG C 528 21.88 -7.65 33.72
C ARG C 528 22.14 -9.08 33.23
N PRO C 529 22.87 -9.89 34.00
CA PRO C 529 23.10 -11.28 33.58
C PRO C 529 21.82 -12.11 33.66
N GLY C 530 21.84 -13.24 32.98
CA GLY C 530 20.71 -14.13 32.93
C GLY C 530 19.84 -13.93 31.70
N SER C 531 19.17 -14.99 31.29
CA SER C 531 18.28 -14.92 30.16
C SER C 531 17.04 -14.09 30.47
N GLY C 532 16.53 -13.41 29.46
CA GLY C 532 15.25 -12.74 29.52
C GLY C 532 15.28 -11.25 29.71
N TYR C 533 16.47 -10.64 29.75
CA TYR C 533 16.62 -9.22 30.06
C TYR C 533 17.23 -8.42 28.90
N THR C 534 17.13 -8.92 27.68
CA THR C 534 17.63 -8.16 26.55
C THR C 534 16.84 -6.86 26.40
N ASN C 535 17.54 -5.72 26.33
CA ASN C 535 16.83 -4.45 26.26
C ASN C 535 17.66 -3.31 25.68
N ILE C 536 18.79 -3.62 25.03
CA ILE C 536 19.73 -2.60 24.58
C ILE C 536 20.09 -2.84 23.13
N MET C 537 20.03 -1.78 22.32
CA MET C 537 20.44 -1.81 20.93
C MET C 537 21.47 -0.70 20.69
N ARG C 538 22.58 -1.05 20.05
CA ARG C 538 23.67 -0.13 19.81
C ARG C 538 24.06 -0.17 18.34
N VAL C 539 24.52 0.98 17.83
CA VAL C 539 25.04 1.09 16.47
C VAL C 539 26.54 1.29 16.55
N LEU C 540 27.32 0.33 16.01
CA LEU C 540 28.77 0.34 16.11
C LEU C 540 29.43 0.20 14.75
N SER C 541 30.56 0.88 14.59
CA SER C 541 31.42 0.77 13.41
C SER C 541 32.60 -0.16 13.68
N ILE C 542 33.05 -0.85 12.64
CA ILE C 542 34.18 -1.75 12.76
C ILE C 542 35.51 -1.01 12.64
N GLN D 26 -16.48 -21.88 1.32
CA GLN D 26 -16.35 -21.16 0.05
C GLN D 26 -15.23 -21.77 -0.80
N GLN D 27 -15.39 -21.70 -2.11
CA GLN D 27 -14.55 -22.41 -3.06
C GLN D 27 -13.62 -21.43 -3.76
N GLN D 28 -12.83 -21.96 -4.70
CA GLN D 28 -11.91 -21.18 -5.52
C GLN D 28 -10.93 -20.36 -4.70
N GLN D 29 -10.66 -20.79 -3.46
CA GLN D 29 -9.81 -20.05 -2.53
C GLN D 29 -10.31 -18.61 -2.32
N LEU D 30 -11.62 -18.40 -2.44
CA LEU D 30 -12.17 -17.06 -2.22
C LEU D 30 -11.94 -16.53 -0.81
N PRO D 31 -11.99 -17.34 0.26
CA PRO D 31 -11.59 -16.82 1.57
C PRO D 31 -10.19 -16.22 1.56
N ALA D 32 -9.25 -16.85 0.85
CA ALA D 32 -7.92 -16.29 0.72
C ALA D 32 -7.89 -15.13 -0.27
N ALA D 33 -8.88 -15.08 -1.17
CA ALA D 33 -8.98 -14.00 -2.13
C ALA D 33 -9.33 -12.69 -1.44
N MET D 34 -10.10 -12.75 -0.36
CA MET D 34 -10.52 -11.52 0.31
C MET D 34 -9.56 -11.10 1.42
N ALA D 35 -8.26 -11.39 1.31
CA ALA D 35 -7.30 -11.06 2.35
C ALA D 35 -6.73 -9.66 2.16
N ASP D 36 -6.32 -9.05 3.27
CA ASP D 36 -5.80 -7.68 3.28
C ASP D 36 -4.30 -7.59 3.03
N THR D 37 -3.55 -8.66 3.27
CA THR D 37 -2.12 -8.65 3.03
C THR D 37 -1.73 -9.95 2.32
N PHE D 38 -0.57 -9.92 1.66
CA PHE D 38 -0.07 -11.12 0.99
C PHE D 38 0.14 -12.26 1.97
N LEU D 39 0.74 -11.96 3.13
CA LEU D 39 0.95 -12.98 4.16
C LEU D 39 -0.37 -13.59 4.63
N GLU D 40 -1.37 -12.75 4.90
CA GLU D 40 -2.68 -13.26 5.31
C GLU D 40 -3.31 -14.12 4.22
N HIS D 41 -3.17 -13.69 2.95
CA HIS D 41 -3.63 -14.50 1.82
C HIS D 41 -2.99 -15.89 1.85
N LEU D 42 -1.67 -15.94 1.96
CA LEU D 42 -1.02 -17.25 2.02
C LEU D 42 -1.53 -18.06 3.19
N CYS D 43 -1.70 -17.42 4.35
CA CYS D 43 -2.14 -18.11 5.57
C CYS D 43 -3.55 -18.67 5.42
N LEU D 44 -4.36 -18.09 4.53
CA LEU D 44 -5.75 -18.49 4.40
C LEU D 44 -6.00 -19.52 3.31
N LEU D 45 -4.97 -19.94 2.58
CA LEU D 45 -5.16 -20.97 1.55
C LEU D 45 -5.64 -22.27 2.18
N ASP D 46 -6.54 -22.96 1.48
CA ASP D 46 -7.31 -24.07 2.02
C ASP D 46 -7.30 -25.22 1.02
N ILE D 47 -6.74 -26.36 1.44
CA ILE D 47 -6.71 -27.54 0.57
C ILE D 47 -8.07 -28.14 0.34
N ASP D 48 -9.10 -27.75 1.11
CA ASP D 48 -10.47 -28.20 0.88
C ASP D 48 -11.26 -27.26 -0.02
N SER D 49 -10.73 -26.08 -0.34
CA SER D 49 -11.38 -25.16 -1.26
C SER D 49 -11.16 -25.67 -2.68
N GLU D 50 -12.22 -26.15 -3.30
CA GLU D 50 -11.93 -26.76 -4.60
C GLU D 50 -12.03 -25.73 -5.71
N PRO D 51 -11.12 -25.81 -6.69
CA PRO D 51 -11.22 -24.92 -7.85
C PRO D 51 -12.48 -25.18 -8.67
N VAL D 52 -13.10 -24.10 -9.15
CA VAL D 52 -14.33 -24.20 -9.92
C VAL D 52 -14.15 -23.70 -11.34
N ALA D 53 -13.35 -22.65 -11.53
CA ALA D 53 -13.11 -22.09 -12.84
C ALA D 53 -12.32 -23.05 -13.71
N ALA D 54 -12.34 -22.75 -15.00
CA ALA D 54 -11.58 -23.49 -15.98
C ALA D 54 -10.10 -23.25 -15.81
N ARG D 55 -9.32 -24.25 -16.22
CA ARG D 55 -7.88 -24.10 -16.21
C ARG D 55 -7.52 -23.07 -17.27
N SER D 56 -6.83 -22.03 -16.81
CA SER D 56 -6.52 -20.86 -17.61
C SER D 56 -5.10 -20.89 -18.16
N THR D 57 -4.17 -21.59 -17.51
CA THR D 57 -2.81 -21.69 -18.02
C THR D 57 -2.78 -22.73 -19.14
N SER D 58 -2.37 -22.33 -20.34
CA SER D 58 -2.33 -23.27 -21.44
C SER D 58 -1.16 -24.23 -21.30
N ILE D 59 -1.34 -25.46 -21.80
CA ILE D 59 -0.35 -26.51 -21.70
C ILE D 59 0.20 -26.79 -23.09
N ILE D 60 1.53 -26.69 -23.23
CA ILE D 60 2.24 -27.00 -24.46
C ILE D 60 2.85 -28.38 -24.31
N ALA D 61 2.50 -29.29 -25.22
CA ALA D 61 3.01 -30.65 -25.19
C ALA D 61 3.88 -30.89 -26.41
N THR D 62 5.08 -31.44 -26.19
CA THR D 62 6.00 -31.71 -27.29
C THR D 62 5.65 -33.05 -27.92
N ILE D 63 5.52 -33.05 -29.24
CA ILE D 63 5.13 -34.24 -29.99
C ILE D 63 6.36 -35.10 -30.23
N GLY D 64 6.22 -36.41 -30.04
CA GLY D 64 7.30 -37.33 -30.29
C GLY D 64 6.78 -38.75 -30.42
N PRO D 65 7.69 -39.73 -30.42
CA PRO D 65 7.25 -41.13 -30.54
C PRO D 65 6.20 -41.54 -29.51
N ALA D 66 6.25 -40.98 -28.32
CA ALA D 66 5.27 -41.39 -27.32
C ALA D 66 3.92 -40.69 -27.50
N SER D 67 3.80 -39.73 -28.41
CA SER D 67 2.57 -38.94 -28.50
C SER D 67 2.33 -38.46 -29.93
N ARG D 68 2.51 -39.35 -30.90
CA ARG D 68 2.37 -39.04 -32.32
C ARG D 68 1.19 -39.70 -32.98
N SER D 69 0.68 -40.79 -32.42
CA SER D 69 -0.44 -41.47 -33.06
C SER D 69 -1.72 -40.68 -32.86
N VAL D 70 -2.64 -40.81 -33.81
CA VAL D 70 -3.91 -40.06 -33.77
C VAL D 70 -4.68 -40.37 -32.49
N GLU D 71 -4.78 -41.65 -32.10
CA GLU D 71 -5.55 -41.98 -30.91
C GLU D 71 -4.93 -41.37 -29.65
N ARG D 72 -3.60 -41.44 -29.55
CA ARG D 72 -2.91 -40.83 -28.41
C ARG D 72 -3.12 -39.32 -28.39
N LEU D 73 -3.09 -38.69 -29.56
CA LEU D 73 -3.31 -37.24 -29.61
C LEU D 73 -4.74 -36.89 -29.23
N LYS D 74 -5.72 -37.72 -29.59
CA LYS D 74 -7.08 -37.48 -29.10
C LYS D 74 -7.11 -37.53 -27.58
N GLU D 75 -6.46 -38.55 -27.00
CA GLU D 75 -6.37 -38.63 -25.53
C GLU D 75 -5.72 -37.39 -24.94
N MET D 76 -4.69 -36.86 -25.59
CA MET D 76 -4.00 -35.69 -25.02
C MET D 76 -4.82 -34.43 -25.17
N ILE D 77 -5.55 -34.30 -26.27
CA ILE D 77 -6.48 -33.18 -26.40
C ILE D 77 -7.50 -33.24 -25.28
N LYS D 78 -8.11 -34.41 -25.07
CA LYS D 78 -9.10 -34.52 -24.00
C LYS D 78 -8.48 -34.28 -22.63
N ALA D 79 -7.20 -34.64 -22.43
CA ALA D 79 -6.54 -34.40 -21.16
C ALA D 79 -6.24 -32.91 -20.95
N GLY D 80 -6.09 -32.13 -22.02
CA GLY D 80 -5.94 -30.70 -21.86
C GLY D 80 -4.83 -30.01 -22.62
N MET D 81 -4.13 -30.74 -23.50
CA MET D 81 -3.09 -30.09 -24.29
C MET D 81 -3.71 -29.05 -25.20
N ASN D 82 -3.17 -27.82 -25.17
CA ASN D 82 -3.66 -26.72 -25.98
C ASN D 82 -2.75 -26.37 -27.15
N ILE D 83 -1.46 -26.62 -27.04
CA ILE D 83 -0.49 -26.29 -28.07
C ILE D 83 0.39 -27.51 -28.30
N ALA D 84 0.46 -27.96 -29.56
CA ALA D 84 1.34 -29.06 -29.95
C ALA D 84 2.68 -28.50 -30.41
N ARG D 85 3.77 -28.92 -29.77
CA ARG D 85 5.08 -28.37 -30.04
C ARG D 85 5.93 -29.34 -30.87
N LEU D 86 6.47 -28.84 -31.97
CA LEU D 86 7.38 -29.58 -32.85
C LEU D 86 8.81 -29.10 -32.62
N ASN D 87 9.65 -30.00 -32.10
CA ASN D 87 11.05 -29.72 -31.85
C ASN D 87 11.80 -30.06 -33.13
N PHE D 88 12.23 -29.04 -33.87
CA PHE D 88 12.97 -29.25 -35.12
C PHE D 88 14.46 -29.47 -34.89
N SER D 89 14.87 -29.66 -33.63
CA SER D 89 16.22 -30.13 -33.36
C SER D 89 16.47 -31.50 -33.99
N HIS D 90 15.45 -32.32 -34.08
CA HIS D 90 15.57 -33.63 -34.70
C HIS D 90 14.34 -33.90 -35.52
N GLY D 91 14.46 -34.86 -36.44
CA GLY D 91 13.36 -35.27 -37.26
C GLY D 91 13.34 -34.56 -38.60
N SER D 92 13.06 -35.30 -39.66
CA SER D 92 13.00 -34.78 -41.01
C SER D 92 11.71 -34.00 -41.24
N HIS D 93 11.67 -33.28 -42.36
CA HIS D 93 10.47 -32.53 -42.72
C HIS D 93 9.28 -33.46 -42.88
N GLU D 94 9.46 -34.65 -43.50
CA GLU D 94 8.29 -35.51 -43.65
C GLU D 94 7.83 -36.10 -42.33
N TYR D 95 8.77 -36.36 -41.41
CA TYR D 95 8.39 -36.79 -40.07
C TYR D 95 7.52 -35.75 -39.37
N HIS D 96 7.95 -34.47 -39.43
CA HIS D 96 7.17 -33.43 -38.76
C HIS D 96 5.87 -33.15 -39.50
N ALA D 97 5.86 -33.30 -40.81
CA ALA D 97 4.62 -33.15 -41.58
C ALA D 97 3.63 -34.25 -41.22
N GLU D 98 4.10 -35.47 -41.03
CA GLU D 98 3.17 -36.50 -40.57
C GLU D 98 2.70 -36.21 -39.14
N SER D 99 3.58 -35.64 -38.31
CA SER D 99 3.18 -35.23 -36.97
C SER D 99 2.04 -34.21 -37.03
N ILE D 100 2.19 -33.20 -37.89
CA ILE D 100 1.15 -32.19 -38.07
C ILE D 100 -0.14 -32.84 -38.58
N ALA D 101 -0.04 -33.73 -39.58
CA ALA D 101 -1.26 -34.37 -40.10
C ALA D 101 -1.99 -35.13 -39.00
N ASN D 102 -1.24 -35.85 -38.16
CA ASN D 102 -1.88 -36.61 -37.08
C ASN D 102 -2.54 -35.69 -36.08
N VAL D 103 -1.85 -34.63 -35.68
CA VAL D 103 -2.43 -33.65 -34.76
C VAL D 103 -3.71 -33.07 -35.35
N ARG D 104 -3.70 -32.72 -36.63
CA ARG D 104 -4.89 -32.10 -37.23
C ARG D 104 -6.03 -33.10 -37.37
N GLU D 105 -5.73 -34.37 -37.67
CA GLU D 105 -6.76 -35.39 -37.69
C GLU D 105 -7.41 -35.56 -36.30
N ALA D 106 -6.59 -35.66 -35.25
CA ALA D 106 -7.13 -35.75 -33.89
C ALA D 106 -7.95 -34.50 -33.54
N VAL D 107 -7.45 -33.31 -33.89
CA VAL D 107 -8.17 -32.08 -33.55
C VAL D 107 -9.53 -32.05 -34.24
N GLU D 108 -9.55 -32.34 -35.54
CA GLU D 108 -10.78 -32.26 -36.30
C GLU D 108 -11.74 -33.40 -36.03
N SER D 109 -11.28 -34.46 -35.36
CA SER D 109 -12.22 -35.49 -34.92
C SER D 109 -13.29 -34.90 -34.00
N PHE D 110 -13.03 -33.77 -33.36
CA PHE D 110 -14.00 -33.12 -32.48
C PHE D 110 -14.77 -31.99 -33.17
N ALA D 111 -14.56 -31.78 -34.47
CA ALA D 111 -15.18 -30.66 -35.16
C ALA D 111 -16.67 -30.90 -35.45
N GLY D 112 -17.14 -32.15 -35.40
CA GLY D 112 -18.53 -32.46 -35.66
C GLY D 112 -19.49 -31.96 -34.60
N SER D 113 -18.99 -31.58 -33.42
CA SER D 113 -19.81 -31.01 -32.35
C SER D 113 -19.24 -29.62 -32.05
N PRO D 114 -19.71 -28.59 -32.76
CA PRO D 114 -19.09 -27.25 -32.64
C PRO D 114 -19.07 -26.69 -31.22
N LEU D 115 -20.04 -27.07 -30.38
CA LEU D 115 -20.13 -26.51 -29.03
C LEU D 115 -19.04 -27.00 -28.09
N SER D 116 -18.34 -28.09 -28.43
CA SER D 116 -17.28 -28.65 -27.59
C SER D 116 -15.91 -28.65 -28.25
N TYR D 117 -15.83 -28.30 -29.53
CA TYR D 117 -14.59 -28.29 -30.27
C TYR D 117 -13.57 -27.40 -29.58
N ARG D 118 -12.37 -27.93 -29.37
CA ARG D 118 -11.28 -27.21 -28.76
C ARG D 118 -10.22 -26.94 -29.81
N PRO D 119 -9.93 -25.69 -30.17
CA PRO D 119 -8.80 -25.43 -31.05
C PRO D 119 -7.48 -25.85 -30.40
N VAL D 120 -6.55 -26.30 -31.23
CA VAL D 120 -5.21 -26.68 -30.79
C VAL D 120 -4.20 -26.03 -31.72
N ALA D 121 -3.24 -25.31 -31.16
CA ALA D 121 -2.25 -24.64 -31.98
C ALA D 121 -1.10 -25.60 -32.31
N ILE D 122 -0.39 -25.29 -33.39
CA ILE D 122 0.84 -26.00 -33.75
C ILE D 122 1.96 -24.97 -33.74
N ALA D 123 2.99 -25.24 -32.93
CA ALA D 123 4.14 -24.38 -32.74
C ALA D 123 5.39 -25.10 -33.22
N LEU D 124 6.18 -24.40 -34.05
CA LEU D 124 7.46 -24.87 -34.56
C LEU D 124 8.58 -24.30 -33.70
N ASP D 125 9.31 -25.18 -33.01
CA ASP D 125 10.44 -24.83 -32.16
C ASP D 125 11.73 -25.06 -32.94
N THR D 126 12.41 -23.97 -33.28
CA THR D 126 13.51 -24.07 -34.24
C THR D 126 14.75 -24.68 -33.59
N LYS D 127 15.56 -25.30 -34.44
CA LYS D 127 16.86 -25.81 -34.00
C LYS D 127 17.75 -24.67 -33.49
N GLY D 128 17.83 -23.56 -34.23
CA GLY D 128 18.61 -22.44 -33.80
C GLY D 128 20.07 -22.57 -34.18
N PRO D 129 20.80 -21.46 -34.11
CA PRO D 129 22.26 -21.50 -34.38
C PRO D 129 22.97 -22.33 -33.33
N GLU D 130 23.98 -23.08 -33.75
CA GLU D 130 24.65 -24.00 -32.86
C GLU D 130 26.16 -23.87 -33.00
N ILE D 131 26.86 -24.20 -31.91
CA ILE D 131 28.30 -24.37 -31.90
C ILE D 131 28.58 -25.81 -31.48
N ARG D 132 29.35 -26.53 -32.30
CA ARG D 132 29.64 -27.94 -32.06
C ARG D 132 31.14 -28.22 -32.18
N THR D 133 31.61 -29.23 -31.43
CA THR D 133 32.98 -29.72 -31.52
C THR D 133 33.17 -30.55 -32.79
N GLY D 134 34.40 -31.03 -33.02
CA GLY D 134 34.71 -31.78 -34.21
C GLY D 134 34.42 -33.26 -34.06
N ILE D 135 34.58 -33.97 -35.17
CA ILE D 135 34.46 -35.43 -35.18
C ILE D 135 35.79 -36.02 -34.74
N LEU D 136 35.75 -36.93 -33.77
CA LEU D 136 36.96 -37.56 -33.26
C LEU D 136 37.47 -38.61 -34.25
N GLN D 137 38.79 -38.73 -34.31
CA GLN D 137 39.40 -39.70 -35.21
C GLN D 137 39.09 -41.12 -34.72
N GLY D 138 38.52 -41.94 -35.60
CA GLY D 138 38.18 -43.32 -35.32
C GLY D 138 36.79 -43.63 -35.81
N GLY D 139 36.23 -44.73 -35.31
CA GLY D 139 34.86 -45.09 -35.58
C GLY D 139 33.88 -44.06 -35.04
N PRO D 140 32.62 -44.14 -35.48
CA PRO D 140 31.62 -43.16 -35.00
C PRO D 140 31.54 -43.03 -33.50
N GLU D 141 31.77 -44.12 -32.75
CA GLU D 141 31.68 -44.10 -31.29
C GLU D 141 33.04 -43.92 -30.62
N SER D 142 33.94 -43.12 -31.20
CA SER D 142 35.20 -42.83 -30.54
C SER D 142 35.01 -41.75 -29.47
N GLU D 143 35.82 -41.84 -28.42
CA GLU D 143 35.71 -40.93 -27.29
C GLU D 143 37.08 -40.68 -26.72
N VAL D 144 37.27 -39.50 -26.13
CA VAL D 144 38.53 -39.14 -25.48
C VAL D 144 38.19 -38.45 -24.16
N GLU D 145 39.04 -38.65 -23.16
CA GLU D 145 38.83 -38.07 -21.83
C GLU D 145 39.62 -36.78 -21.69
N LEU D 146 38.94 -35.71 -21.30
CA LEU D 146 39.59 -34.45 -20.94
C LEU D 146 39.69 -34.40 -19.42
N VAL D 147 40.92 -34.48 -18.89
CA VAL D 147 41.18 -34.65 -17.47
C VAL D 147 41.29 -33.28 -16.79
N LYS D 148 40.64 -33.14 -15.64
CA LYS D 148 40.72 -31.92 -14.87
C LYS D 148 42.16 -31.56 -14.56
N GLY D 149 42.50 -30.27 -14.70
CA GLY D 149 43.82 -29.75 -14.41
C GLY D 149 44.80 -29.78 -15.56
N SER D 150 44.41 -30.25 -16.74
CA SER D 150 45.29 -30.30 -17.88
C SER D 150 45.06 -29.09 -18.78
N GLN D 151 45.96 -28.91 -19.74
CA GLN D 151 45.87 -27.82 -20.71
C GLN D 151 45.22 -28.37 -21.97
N VAL D 152 44.25 -27.63 -22.50
CA VAL D 152 43.48 -28.04 -23.67
C VAL D 152 43.42 -26.85 -24.63
N LEU D 153 43.73 -27.11 -25.90
CA LEU D 153 43.72 -26.07 -26.92
C LEU D 153 42.38 -26.11 -27.64
N VAL D 154 41.64 -25.01 -27.59
CA VAL D 154 40.47 -24.83 -28.42
C VAL D 154 40.92 -24.09 -29.66
N THR D 155 40.83 -24.74 -30.81
CA THR D 155 41.37 -24.19 -32.05
C THR D 155 40.29 -24.17 -33.11
N VAL D 156 40.40 -23.17 -33.97
CA VAL D 156 39.65 -22.92 -35.18
C VAL D 156 40.57 -22.79 -36.41
N ASP D 157 41.81 -23.29 -36.30
CA ASP D 157 42.62 -23.57 -37.48
C ASP D 157 41.90 -24.63 -38.30
N PRO D 158 41.56 -24.38 -39.57
CA PRO D 158 40.90 -25.41 -40.39
C PRO D 158 41.70 -26.68 -40.57
N ALA D 159 43.02 -26.64 -40.32
CA ALA D 159 43.85 -27.84 -40.39
C ALA D 159 43.61 -28.77 -39.20
N PHE D 160 43.06 -28.26 -38.10
CA PHE D 160 42.84 -29.05 -36.89
C PHE D 160 41.43 -29.62 -36.82
N ARG D 161 40.66 -29.54 -37.91
CA ARG D 161 39.27 -29.98 -37.92
C ARG D 161 39.10 -31.41 -37.41
N THR D 162 39.96 -32.32 -37.85
CA THR D 162 39.84 -33.74 -37.53
C THR D 162 40.84 -34.22 -36.48
N ARG D 163 41.53 -33.31 -35.80
CA ARG D 163 42.59 -33.70 -34.87
C ARG D 163 42.18 -33.52 -33.42
N GLY D 164 40.95 -33.87 -33.09
CA GLY D 164 40.52 -33.81 -31.70
C GLY D 164 41.15 -34.94 -30.90
N ASN D 165 41.61 -34.60 -29.69
CA ASN D 165 42.22 -35.56 -28.79
C ASN D 165 42.02 -35.08 -27.37
N ALA D 166 42.74 -35.69 -26.42
CA ALA D 166 42.59 -35.31 -25.02
C ALA D 166 43.04 -33.89 -24.75
N ASN D 167 43.87 -33.30 -25.61
CA ASN D 167 44.40 -31.97 -25.38
C ASN D 167 44.00 -30.97 -26.46
N THR D 168 43.14 -31.35 -27.40
CA THR D 168 42.78 -30.48 -28.51
C THR D 168 41.30 -30.62 -28.80
N VAL D 169 40.60 -29.49 -28.84
CA VAL D 169 39.18 -29.45 -29.21
C VAL D 169 39.03 -28.47 -30.36
N TRP D 170 38.48 -28.94 -31.47
CA TRP D 170 38.20 -28.07 -32.59
C TRP D 170 36.73 -27.64 -32.55
N VAL D 171 36.47 -26.41 -32.99
CA VAL D 171 35.13 -25.85 -32.95
C VAL D 171 34.81 -25.26 -34.32
N ASP D 172 33.55 -25.36 -34.74
CA ASP D 172 33.09 -24.87 -36.04
C ASP D 172 32.68 -23.39 -36.00
N TYR D 173 33.20 -22.63 -35.05
CA TYR D 173 32.81 -21.23 -34.85
C TYR D 173 34.09 -20.39 -34.73
N PRO D 174 34.63 -19.90 -35.84
CA PRO D 174 35.89 -19.14 -35.79
C PRO D 174 35.89 -17.99 -34.79
N ASN D 175 34.81 -17.20 -34.75
CA ASN D 175 34.80 -16.03 -33.89
C ASN D 175 34.85 -16.36 -32.42
N ILE D 176 34.90 -17.66 -32.05
CA ILE D 176 35.16 -18.03 -30.67
C ILE D 176 36.42 -17.33 -30.19
N VAL D 177 37.44 -17.27 -31.06
CA VAL D 177 38.72 -16.70 -30.67
C VAL D 177 38.63 -15.24 -30.28
N ARG D 178 37.49 -14.60 -30.48
CA ARG D 178 37.34 -13.18 -30.20
C ARG D 178 36.25 -12.89 -29.18
N VAL D 179 35.53 -13.90 -28.70
CA VAL D 179 34.37 -13.66 -27.83
C VAL D 179 34.56 -14.22 -26.44
N VAL D 180 35.60 -15.00 -26.20
CA VAL D 180 35.89 -15.50 -24.86
C VAL D 180 37.25 -14.94 -24.43
N PRO D 181 37.28 -13.99 -23.49
CA PRO D 181 38.54 -13.39 -23.05
C PRO D 181 39.28 -14.31 -22.09
N VAL D 182 40.44 -13.83 -21.63
CA VAL D 182 41.17 -14.54 -20.58
C VAL D 182 40.31 -14.54 -19.33
N GLY D 183 40.16 -15.73 -18.73
CA GLY D 183 39.26 -15.89 -17.61
C GLY D 183 37.85 -16.30 -18.02
N GLY D 184 37.53 -16.20 -19.31
CA GLY D 184 36.24 -16.65 -19.79
C GLY D 184 36.18 -18.16 -19.89
N ARG D 185 34.97 -18.69 -19.87
CA ARG D 185 34.77 -20.12 -19.83
C ARG D 185 34.13 -20.62 -21.12
N ILE D 186 34.43 -21.88 -21.44
CA ILE D 186 33.85 -22.58 -22.57
C ILE D 186 33.25 -23.88 -22.03
N TYR D 187 31.96 -24.08 -22.28
CA TYR D 187 31.25 -25.27 -21.83
C TYR D 187 31.04 -26.21 -23.02
N ILE D 188 31.29 -27.50 -22.82
CA ILE D 188 31.16 -28.51 -23.88
C ILE D 188 30.26 -29.64 -23.39
N ASP D 189 29.37 -30.11 -24.29
CA ASP D 189 28.47 -31.23 -24.03
C ASP D 189 27.52 -31.01 -22.85
N ASP D 190 26.42 -30.30 -23.09
CA ASP D 190 25.40 -30.06 -22.07
C ASP D 190 26.01 -29.50 -20.80
N GLY D 191 27.04 -28.69 -20.94
CA GLY D 191 27.68 -28.09 -19.78
C GLY D 191 28.51 -29.03 -18.92
N LEU D 192 28.72 -30.28 -19.38
CA LEU D 192 29.42 -31.25 -18.56
C LEU D 192 30.91 -30.95 -18.44
N ILE D 193 31.53 -30.40 -19.48
CA ILE D 193 32.95 -30.08 -19.48
C ILE D 193 33.10 -28.56 -19.46
N SER D 194 34.04 -28.08 -18.65
CA SER D 194 34.30 -26.65 -18.55
C SER D 194 35.78 -26.40 -18.74
N LEU D 195 36.10 -25.39 -19.55
CA LEU D 195 37.45 -24.95 -19.77
C LEU D 195 37.53 -23.46 -19.47
N VAL D 196 38.66 -23.02 -18.93
CA VAL D 196 38.90 -21.61 -18.64
C VAL D 196 40.04 -21.13 -19.51
N VAL D 197 39.78 -20.11 -20.32
CA VAL D 197 40.77 -19.59 -21.26
C VAL D 197 41.88 -18.88 -20.49
N GLN D 198 43.11 -19.37 -20.66
CA GLN D 198 44.29 -18.76 -20.07
C GLN D 198 44.99 -17.80 -21.02
N LYS D 199 45.07 -18.12 -22.32
CA LYS D 199 45.72 -17.23 -23.27
C LYS D 199 45.08 -17.37 -24.65
N ILE D 200 45.17 -16.30 -25.45
CA ILE D 200 44.59 -16.27 -26.80
C ILE D 200 45.77 -16.23 -27.78
N GLY D 201 46.20 -17.41 -28.23
CA GLY D 201 47.30 -17.52 -29.16
C GLY D 201 46.80 -17.53 -30.59
N PRO D 202 47.72 -17.52 -31.55
CA PRO D 202 47.30 -17.46 -32.96
C PRO D 202 46.51 -18.68 -33.41
N GLU D 203 46.79 -19.87 -32.86
CA GLU D 203 46.04 -21.06 -33.26
C GLU D 203 44.70 -21.17 -32.55
N GLY D 204 44.62 -20.69 -31.30
CA GLY D 204 43.35 -20.67 -30.61
C GLY D 204 43.51 -20.27 -29.16
N LEU D 205 42.56 -20.71 -28.36
CA LEU D 205 42.50 -20.41 -26.93
C LEU D 205 43.13 -21.55 -26.15
N VAL D 206 44.24 -21.25 -25.46
CA VAL D 206 44.84 -22.21 -24.54
C VAL D 206 44.06 -22.14 -23.22
N THR D 207 43.50 -23.27 -22.80
CA THR D 207 42.60 -23.32 -21.68
C THR D 207 43.09 -24.34 -20.66
N GLN D 208 42.54 -24.24 -19.46
CA GLN D 208 42.73 -25.24 -18.42
C GLN D 208 41.39 -25.89 -18.13
N VAL D 209 41.40 -27.21 -17.97
CA VAL D 209 40.19 -27.98 -17.72
C VAL D 209 39.77 -27.75 -16.27
N GLU D 210 38.64 -27.05 -16.09
CA GLU D 210 38.07 -26.84 -14.77
C GLU D 210 37.20 -28.01 -14.35
N ASN D 211 36.34 -28.47 -15.26
CA ASN D 211 35.50 -29.64 -15.09
C ASN D 211 35.78 -30.61 -16.22
N GLY D 212 36.32 -31.79 -15.89
CA GLY D 212 36.69 -32.77 -16.88
C GLY D 212 35.54 -33.71 -17.21
N GLY D 213 35.81 -34.63 -18.13
CA GLY D 213 34.83 -35.62 -18.51
C GLY D 213 35.18 -36.29 -19.82
N VAL D 214 34.30 -37.19 -20.24
CA VAL D 214 34.48 -37.94 -21.48
C VAL D 214 33.79 -37.17 -22.61
N LEU D 215 34.52 -36.96 -23.71
CA LEU D 215 34.06 -36.18 -24.84
C LEU D 215 33.92 -37.08 -26.07
N GLY D 216 32.77 -37.01 -26.71
CA GLY D 216 32.51 -37.67 -27.98
C GLY D 216 32.70 -36.73 -29.15
N SER D 217 32.02 -37.04 -30.25
CA SER D 217 32.13 -36.26 -31.47
C SER D 217 30.95 -35.31 -31.59
N ARG D 218 31.22 -34.09 -32.08
CA ARG D 218 30.19 -33.13 -32.44
C ARG D 218 29.26 -32.83 -31.26
N LYS D 219 29.85 -32.45 -30.13
CA LYS D 219 29.07 -32.12 -28.97
C LYS D 219 28.81 -30.62 -28.91
N GLY D 220 27.73 -30.24 -28.22
CA GLY D 220 27.33 -28.84 -28.20
C GLY D 220 28.24 -28.00 -27.32
N VAL D 221 28.48 -26.77 -27.74
CA VAL D 221 29.33 -25.83 -27.04
C VAL D 221 28.50 -24.61 -26.66
N ASN D 222 28.62 -24.17 -25.42
CA ASN D 222 27.99 -22.96 -24.92
C ASN D 222 29.06 -22.05 -24.34
N LEU D 223 28.90 -20.74 -24.57
CA LEU D 223 29.86 -19.72 -24.14
C LEU D 223 29.19 -18.80 -23.14
N PRO D 224 29.23 -19.14 -21.84
CA PRO D 224 28.54 -18.32 -20.84
C PRO D 224 29.07 -16.90 -20.82
N GLY D 225 28.15 -15.93 -20.89
CA GLY D 225 28.50 -14.52 -20.79
C GLY D 225 29.13 -13.91 -22.02
N ALA D 226 29.28 -14.67 -23.10
CA ALA D 226 29.95 -14.18 -24.29
C ALA D 226 28.93 -13.57 -25.26
N GLN D 227 29.37 -12.56 -26.00
CA GLN D 227 28.57 -11.98 -27.06
C GLN D 227 28.81 -12.79 -28.31
N VAL D 228 27.93 -13.75 -28.56
CA VAL D 228 28.09 -14.65 -29.70
C VAL D 228 27.53 -13.96 -30.94
N ASP D 229 28.33 -13.97 -32.01
CA ASP D 229 27.93 -13.25 -33.22
C ASP D 229 27.50 -14.23 -34.32
N LEU D 230 26.65 -15.16 -33.97
CA LEU D 230 26.10 -16.10 -34.92
C LEU D 230 24.90 -15.41 -35.56
N PRO D 231 24.48 -15.87 -36.75
CA PRO D 231 23.51 -15.08 -37.54
C PRO D 231 22.20 -14.79 -36.85
N GLY D 232 21.75 -15.62 -35.91
CA GLY D 232 20.46 -15.43 -35.27
C GLY D 232 19.41 -16.42 -35.71
N LEU D 233 19.54 -16.92 -36.94
CA LEU D 233 18.81 -18.08 -37.42
C LEU D 233 19.77 -18.77 -38.40
N SER D 234 19.86 -20.08 -38.31
CA SER D 234 20.74 -20.83 -39.19
C SER D 234 20.09 -21.01 -40.57
N GLU D 235 20.88 -21.55 -41.51
CA GLU D 235 20.37 -21.88 -42.84
C GLU D 235 19.31 -22.98 -42.76
N GLN D 236 19.57 -23.98 -41.90
CA GLN D 236 18.56 -24.98 -41.61
C GLN D 236 17.30 -24.34 -41.07
N ASP D 237 17.45 -23.33 -40.20
CA ASP D 237 16.29 -22.63 -39.66
C ASP D 237 15.52 -21.99 -40.81
N VAL D 238 16.22 -21.39 -41.76
CA VAL D 238 15.50 -20.80 -42.90
C VAL D 238 14.66 -21.86 -43.57
N ARG D 239 15.24 -23.05 -43.81
CA ARG D 239 14.48 -24.10 -44.50
C ARG D 239 13.29 -24.57 -43.66
N ASP D 240 13.49 -24.75 -42.35
CA ASP D 240 12.41 -25.24 -41.48
C ASP D 240 11.29 -24.22 -41.33
N LEU D 241 11.63 -22.92 -41.28
CA LEU D 241 10.62 -21.88 -41.23
C LEU D 241 9.83 -21.82 -42.54
N ARG D 242 10.50 -22.06 -43.68
CA ARG D 242 9.74 -22.17 -44.93
C ARG D 242 8.78 -23.35 -44.86
N PHE D 243 9.25 -24.49 -44.33
CA PHE D 243 8.35 -25.62 -44.09
C PHE D 243 7.18 -25.23 -43.20
N GLY D 244 7.46 -24.48 -42.12
CA GLY D 244 6.40 -24.08 -41.21
C GLY D 244 5.35 -23.23 -41.88
N VAL D 245 5.79 -22.25 -42.68
CA VAL D 245 4.85 -21.43 -43.41
C VAL D 245 4.02 -22.29 -44.35
N GLU D 246 4.67 -23.22 -45.07
CA GLU D 246 3.93 -24.01 -46.05
C GLU D 246 2.91 -24.93 -45.39
N HIS D 247 3.13 -25.31 -44.15
CA HIS D 247 2.21 -26.20 -43.44
C HIS D 247 1.31 -25.46 -42.46
N GLY D 248 1.29 -24.13 -42.50
CA GLY D 248 0.36 -23.34 -41.71
C GLY D 248 0.54 -23.41 -40.21
N VAL D 249 1.78 -23.47 -39.70
CA VAL D 249 1.94 -23.48 -38.25
C VAL D 249 1.48 -22.15 -37.67
N ASP D 250 1.10 -22.16 -36.39
CA ASP D 250 0.54 -20.96 -35.76
C ASP D 250 1.58 -20.13 -35.04
N ILE D 251 2.62 -20.78 -34.52
CA ILE D 251 3.58 -20.12 -33.63
C ILE D 251 4.98 -20.59 -33.96
N VAL D 252 5.94 -19.68 -33.84
CA VAL D 252 7.36 -20.03 -33.90
C VAL D 252 8.01 -19.72 -32.56
N PHE D 253 8.59 -20.75 -31.93
CA PHE D 253 9.47 -20.56 -30.77
C PHE D 253 10.88 -20.41 -31.32
N ALA D 254 11.39 -19.16 -31.35
CA ALA D 254 12.68 -18.84 -31.97
C ALA D 254 13.82 -19.10 -30.98
N SER D 255 14.73 -20.00 -31.33
CA SER D 255 15.80 -20.43 -30.44
C SER D 255 16.92 -19.41 -30.38
N PHE D 256 17.56 -19.34 -29.20
CA PHE D 256 18.84 -18.64 -29.03
C PHE D 256 18.76 -17.15 -29.40
N VAL D 257 17.60 -16.54 -29.12
CA VAL D 257 17.42 -15.12 -29.39
C VAL D 257 18.22 -14.30 -28.39
N ARG D 258 19.13 -13.45 -28.88
CA ARG D 258 19.99 -12.64 -28.04
C ARG D 258 19.75 -11.15 -28.15
N LYS D 259 19.04 -10.68 -29.18
CA LYS D 259 18.87 -9.26 -29.45
C LYS D 259 17.70 -9.10 -30.41
N ALA D 260 17.23 -7.85 -30.54
CA ALA D 260 16.10 -7.58 -31.43
C ALA D 260 16.38 -7.94 -32.88
N SER D 261 17.64 -7.79 -33.33
CA SER D 261 17.93 -8.11 -34.74
C SER D 261 17.73 -9.59 -35.03
N ASP D 262 17.91 -10.46 -34.03
CA ASP D 262 17.63 -11.89 -34.24
C ASP D 262 16.15 -12.12 -34.55
N VAL D 263 15.27 -11.48 -33.79
CA VAL D 263 13.85 -11.61 -34.05
C VAL D 263 13.50 -11.01 -35.40
N ALA D 264 14.18 -9.91 -35.78
CA ALA D 264 13.96 -9.32 -37.10
C ALA D 264 14.37 -10.30 -38.20
N ALA D 265 15.49 -11.00 -38.01
CA ALA D 265 15.91 -12.00 -38.98
C ALA D 265 14.89 -13.13 -39.10
N VAL D 266 14.37 -13.61 -37.97
CA VAL D 266 13.33 -14.64 -37.98
C VAL D 266 12.09 -14.15 -38.73
N ARG D 267 11.63 -12.94 -38.39
CA ARG D 267 10.44 -12.41 -39.04
C ARG D 267 10.64 -12.24 -40.56
N ALA D 268 11.84 -11.79 -40.97
CA ALA D 268 12.09 -11.63 -42.41
C ALA D 268 12.13 -12.98 -43.12
N ALA D 269 12.68 -14.01 -42.46
CA ALA D 269 12.67 -15.33 -43.07
C ALA D 269 11.24 -15.86 -43.20
N LEU D 270 10.38 -15.54 -42.23
CA LEU D 270 8.99 -15.96 -42.35
C LEU D 270 8.32 -15.24 -43.51
N GLY D 271 8.79 -14.03 -43.84
CA GLY D 271 8.38 -13.33 -45.03
C GLY D 271 6.98 -12.77 -44.97
N PRO D 272 6.55 -12.09 -46.05
CA PRO D 272 5.19 -11.54 -46.07
C PRO D 272 4.10 -12.57 -45.98
N GLU D 273 4.38 -13.81 -46.40
CA GLU D 273 3.40 -14.89 -46.37
C GLU D 273 3.19 -15.43 -44.96
N GLY D 274 4.17 -15.27 -44.07
CA GLY D 274 4.07 -15.76 -42.71
C GLY D 274 3.90 -14.62 -41.69
N HIS D 275 3.36 -13.48 -42.14
CA HIS D 275 3.22 -12.32 -41.27
C HIS D 275 2.32 -12.58 -40.07
N GLY D 276 1.35 -13.47 -40.21
CA GLY D 276 0.37 -13.77 -39.18
C GLY D 276 0.81 -14.74 -38.12
N ILE D 277 1.97 -15.36 -38.30
CA ILE D 277 2.51 -16.33 -37.36
C ILE D 277 3.11 -15.60 -36.17
N LYS D 278 2.79 -16.06 -34.96
CA LYS D 278 3.30 -15.46 -33.75
C LYS D 278 4.72 -15.91 -33.45
N ILE D 279 5.57 -14.96 -33.06
CA ILE D 279 6.98 -15.21 -32.80
C ILE D 279 7.21 -15.12 -31.31
N ILE D 280 7.51 -16.25 -30.69
CA ILE D 280 7.86 -16.35 -29.28
C ILE D 280 9.37 -16.53 -29.18
N SER D 281 10.07 -15.54 -28.61
CA SER D 281 11.53 -15.59 -28.54
C SER D 281 11.96 -16.45 -27.36
N LYS D 282 12.74 -17.51 -27.63
CA LYS D 282 13.28 -18.34 -26.54
C LYS D 282 14.53 -17.68 -25.98
N ILE D 283 14.51 -17.34 -24.69
CA ILE D 283 15.68 -16.74 -24.03
C ILE D 283 16.52 -17.85 -23.40
N GLU D 284 17.75 -17.99 -23.87
CA GLU D 284 18.58 -19.15 -23.57
C GLU D 284 19.97 -18.87 -23.02
N ASN D 285 20.39 -17.62 -22.92
CA ASN D 285 21.76 -17.35 -22.51
C ASN D 285 21.82 -16.00 -21.80
N HIS D 286 23.01 -15.65 -21.35
CA HIS D 286 23.16 -14.44 -20.54
C HIS D 286 22.76 -13.19 -21.32
N GLU D 287 23.32 -13.02 -22.52
CA GLU D 287 23.02 -11.83 -23.33
C GLU D 287 21.52 -11.68 -23.53
N GLY D 288 20.86 -12.76 -23.94
CA GLY D 288 19.41 -12.75 -24.12
C GLY D 288 18.67 -12.26 -22.90
N VAL D 289 19.11 -12.69 -21.70
CA VAL D 289 18.47 -12.21 -20.47
C VAL D 289 18.72 -10.71 -20.30
N LYS D 290 19.95 -10.27 -20.53
CA LYS D 290 20.30 -8.87 -20.27
C LYS D 290 19.67 -7.92 -21.27
N ARG D 291 19.53 -8.35 -22.53
CA ARG D 291 18.89 -7.54 -23.55
C ARG D 291 17.40 -7.83 -23.65
N PHE D 292 16.78 -8.29 -22.57
CA PHE D 292 15.41 -8.76 -22.61
C PHE D 292 14.44 -7.69 -23.11
N ASP D 293 14.56 -6.45 -22.63
CA ASP D 293 13.60 -5.41 -22.99
C ASP D 293 13.51 -5.21 -24.50
N GLU D 294 14.66 -5.05 -25.16
CA GLU D 294 14.66 -4.84 -26.60
C GLU D 294 14.16 -6.07 -27.35
N ILE D 295 14.34 -7.26 -26.77
CA ILE D 295 13.85 -8.48 -27.42
C ILE D 295 12.34 -8.58 -27.28
N LEU D 296 11.84 -8.34 -26.07
CA LEU D 296 10.40 -8.42 -25.84
C LEU D 296 9.65 -7.38 -26.69
N GLU D 297 10.25 -6.20 -26.88
CA GLU D 297 9.55 -5.16 -27.63
C GLU D 297 9.24 -5.60 -29.06
N VAL D 298 10.09 -6.45 -29.65
CA VAL D 298 9.92 -6.86 -31.05
C VAL D 298 9.36 -8.28 -31.21
N SER D 299 9.06 -8.97 -30.10
CA SER D 299 8.53 -10.32 -30.13
C SER D 299 7.04 -10.30 -29.79
N ASP D 300 6.34 -11.39 -30.15
CA ASP D 300 4.98 -11.57 -29.65
C ASP D 300 4.95 -12.11 -28.22
N GLY D 301 6.03 -12.73 -27.77
CA GLY D 301 6.10 -13.28 -26.44
C GLY D 301 7.46 -13.89 -26.18
N ILE D 302 7.57 -14.61 -25.06
CA ILE D 302 8.84 -15.08 -24.53
C ILE D 302 8.67 -16.52 -24.04
N MET D 303 9.67 -17.36 -24.28
CA MET D 303 9.83 -18.64 -23.59
C MET D 303 11.08 -18.54 -22.75
N VAL D 304 10.94 -18.77 -21.45
CA VAL D 304 12.12 -18.94 -20.62
C VAL D 304 12.59 -20.39 -20.81
N ALA D 305 13.56 -20.59 -21.70
CA ALA D 305 14.08 -21.92 -22.02
C ALA D 305 15.10 -22.30 -20.94
N ARG D 306 14.57 -22.85 -19.84
CA ARG D 306 15.40 -23.04 -18.65
C ARG D 306 16.53 -24.06 -18.85
N GLY D 307 16.39 -25.01 -19.76
CA GLY D 307 17.45 -26.00 -19.93
C GLY D 307 18.78 -25.41 -20.35
N ASP D 308 18.76 -24.83 -21.55
CA ASP D 308 19.95 -24.16 -22.05
C ASP D 308 20.31 -22.96 -21.19
N LEU D 309 19.31 -22.28 -20.63
CA LEU D 309 19.60 -21.15 -19.74
C LEU D 309 20.43 -21.60 -18.53
N GLY D 310 20.02 -22.71 -17.90
CA GLY D 310 20.77 -23.28 -16.79
C GLY D 310 22.09 -23.91 -17.20
N ILE D 311 22.29 -24.13 -18.48
CA ILE D 311 23.65 -24.45 -18.92
C ILE D 311 24.48 -23.16 -19.07
N GLU D 312 23.85 -22.08 -19.52
CA GLU D 312 24.58 -20.85 -19.84
C GLU D 312 24.88 -20.04 -18.60
N ILE D 313 23.97 -20.00 -17.65
CA ILE D 313 24.18 -19.29 -16.39
C ILE D 313 24.16 -20.32 -15.27
N PRO D 314 24.70 -19.98 -14.09
CA PRO D 314 24.66 -20.92 -12.96
C PRO D 314 23.23 -21.36 -12.68
N ALA D 315 23.08 -22.66 -12.40
CA ALA D 315 21.73 -23.23 -12.21
C ALA D 315 20.96 -22.52 -11.11
N GLU D 316 21.65 -22.18 -10.02
CA GLU D 316 21.02 -21.54 -8.87
C GLU D 316 20.50 -20.13 -9.16
N LYS D 317 20.73 -19.63 -10.37
CA LYS D 317 20.28 -18.30 -10.76
C LYS D 317 19.06 -18.32 -11.68
N VAL D 318 18.68 -19.50 -12.18
CA VAL D 318 17.65 -19.58 -13.22
C VAL D 318 16.35 -18.96 -12.72
N PHE D 319 15.96 -19.29 -11.49
CA PHE D 319 14.71 -18.76 -10.96
C PHE D 319 14.68 -17.25 -11.07
N LEU D 320 15.81 -16.61 -10.76
CA LEU D 320 15.91 -15.15 -10.88
C LEU D 320 15.53 -14.66 -12.28
N ALA D 321 16.17 -15.24 -13.31
CA ALA D 321 15.81 -14.94 -14.69
C ALA D 321 14.32 -15.19 -14.95
N GLN D 322 13.85 -16.37 -14.53
CA GLN D 322 12.48 -16.77 -14.85
C GLN D 322 11.49 -15.75 -14.33
N LYS D 323 11.51 -15.52 -13.02
CA LYS D 323 10.49 -14.64 -12.46
C LYS D 323 10.62 -13.25 -13.07
N MET D 324 11.87 -12.80 -13.31
CA MET D 324 12.07 -11.49 -13.92
C MET D 324 11.33 -11.46 -15.24
N MET D 325 11.63 -12.43 -16.09
CA MET D 325 11.08 -12.39 -17.43
C MET D 325 9.56 -12.47 -17.35
N ILE D 326 9.04 -13.40 -16.53
CA ILE D 326 7.60 -13.50 -16.39
C ILE D 326 7.04 -12.15 -15.93
N GLY D 327 7.64 -11.57 -14.89
CA GLY D 327 7.19 -10.28 -14.42
C GLY D 327 7.08 -9.27 -15.55
N ARG D 328 8.17 -9.14 -16.32
CA ARG D 328 8.18 -8.10 -17.36
C ARG D 328 7.13 -8.40 -18.41
N CYS D 329 6.98 -9.67 -18.77
CA CYS D 329 5.95 -10.02 -19.74
C CYS D 329 4.57 -9.66 -19.19
N ASN D 330 4.34 -9.96 -17.90
CA ASN D 330 3.10 -9.55 -17.27
C ASN D 330 2.93 -8.04 -17.36
N LEU D 331 4.01 -7.29 -17.16
CA LEU D 331 3.91 -5.84 -17.23
C LEU D 331 3.56 -5.37 -18.63
N ALA D 332 4.06 -6.08 -19.65
CA ALA D 332 3.88 -5.69 -21.04
C ALA D 332 2.60 -6.22 -21.65
N GLY D 333 1.95 -7.18 -21.00
CA GLY D 333 0.78 -7.79 -21.59
C GLY D 333 1.11 -8.75 -22.72
N LYS D 334 2.26 -9.41 -22.69
CA LYS D 334 2.59 -10.37 -23.75
C LYS D 334 2.79 -11.76 -23.16
N PRO D 335 2.46 -12.81 -23.92
CA PRO D 335 2.52 -14.16 -23.36
C PRO D 335 3.95 -14.62 -23.04
N VAL D 336 4.08 -15.38 -21.97
CA VAL D 336 5.38 -15.91 -21.56
C VAL D 336 5.19 -17.38 -21.21
N VAL D 337 6.16 -18.20 -21.65
CA VAL D 337 6.11 -19.65 -21.53
C VAL D 337 7.21 -20.07 -20.56
N CYS D 338 6.84 -20.81 -19.52
CA CYS D 338 7.82 -21.49 -18.68
C CYS D 338 8.01 -22.91 -19.18
N ALA D 339 9.26 -23.32 -19.32
CA ALA D 339 9.57 -24.54 -20.06
C ALA D 339 10.68 -25.33 -19.37
N THR D 340 10.61 -26.65 -19.55
CA THR D 340 11.72 -27.62 -19.44
C THR D 340 11.85 -28.22 -18.04
N GLN D 341 11.73 -29.55 -18.00
CA GLN D 341 11.94 -30.38 -16.80
C GLN D 341 10.94 -30.10 -15.70
N MET D 342 9.77 -29.55 -16.04
CA MET D 342 8.76 -29.22 -15.03
C MET D 342 8.25 -30.47 -14.33
N LEU D 343 8.03 -31.55 -15.08
CA LEU D 343 7.58 -32.83 -14.56
C LEU D 343 8.55 -33.92 -15.02
N GLU D 344 9.85 -33.62 -14.94
CA GLU D 344 10.86 -34.45 -15.61
C GLU D 344 10.75 -35.91 -15.22
N SER D 345 10.60 -36.18 -13.91
CA SER D 345 10.61 -37.55 -13.43
C SER D 345 9.50 -38.39 -14.05
N MET D 346 8.44 -37.75 -14.56
CA MET D 346 7.37 -38.51 -15.18
C MET D 346 7.75 -39.09 -16.53
N ILE D 347 8.97 -38.80 -17.02
CA ILE D 347 9.43 -39.51 -18.20
C ILE D 347 9.43 -41.00 -17.94
N THR D 348 9.67 -41.41 -16.69
CA THR D 348 9.70 -42.81 -16.32
C THR D 348 8.75 -43.19 -15.20
N LYS D 349 8.25 -42.23 -14.43
CA LYS D 349 7.43 -42.62 -13.28
C LYS D 349 6.00 -42.10 -13.44
N PRO D 350 5.01 -42.85 -12.94
CA PRO D 350 3.61 -42.43 -13.14
C PRO D 350 3.20 -41.22 -12.32
N ARG D 351 3.99 -40.79 -11.33
CA ARG D 351 3.68 -39.67 -10.46
C ARG D 351 4.90 -38.75 -10.36
N PRO D 352 4.70 -37.45 -10.30
CA PRO D 352 5.84 -36.52 -10.22
C PRO D 352 6.34 -36.40 -8.79
N THR D 353 7.51 -35.79 -8.65
CA THR D 353 8.04 -35.52 -7.32
C THR D 353 7.37 -34.28 -6.72
N ARG D 354 7.56 -34.11 -5.40
CA ARG D 354 7.00 -32.92 -4.72
C ARG D 354 7.59 -31.64 -5.30
N ALA D 355 8.87 -31.67 -5.70
CA ALA D 355 9.51 -30.51 -6.30
C ALA D 355 8.92 -30.18 -7.66
N GLU D 356 8.49 -31.19 -8.41
CA GLU D 356 7.94 -30.97 -9.75
C GLU D 356 6.55 -30.34 -9.68
N THR D 357 5.69 -30.86 -8.79
CA THR D 357 4.39 -30.20 -8.54
C THR D 357 4.60 -28.77 -8.08
N SER D 358 5.53 -28.57 -7.15
CA SER D 358 5.85 -27.22 -6.71
C SER D 358 6.25 -26.32 -7.88
N ASP D 359 7.08 -26.84 -8.78
CA ASP D 359 7.60 -26.04 -9.88
C ASP D 359 6.48 -25.60 -10.81
N VAL D 360 5.56 -26.50 -11.12
CA VAL D 360 4.43 -26.13 -11.98
C VAL D 360 3.55 -25.08 -11.30
N ALA D 361 3.23 -25.31 -10.01
CA ALA D 361 2.36 -24.39 -9.28
C ALA D 361 2.97 -23.00 -9.18
N ASN D 362 4.28 -22.94 -8.96
CA ASN D 362 4.97 -21.66 -8.87
C ASN D 362 5.20 -21.03 -10.23
N ALA D 363 5.26 -21.82 -11.31
CA ALA D 363 5.28 -21.18 -12.62
C ALA D 363 3.96 -20.46 -12.87
N VAL D 364 2.85 -21.10 -12.51
CA VAL D 364 1.55 -20.44 -12.65
C VAL D 364 1.48 -19.20 -11.76
N LEU D 365 1.89 -19.33 -10.50
CA LEU D 365 1.84 -18.20 -9.58
C LEU D 365 2.76 -17.06 -10.00
N ASP D 366 3.90 -17.38 -10.60
CA ASP D 366 4.79 -16.37 -11.16
C ASP D 366 4.08 -15.47 -12.16
N GLY D 367 3.14 -16.01 -12.93
CA GLY D 367 2.41 -15.24 -13.91
C GLY D 367 2.56 -15.82 -15.30
N ALA D 368 2.97 -17.08 -15.38
CA ALA D 368 3.16 -17.72 -16.68
C ALA D 368 1.84 -17.85 -17.40
N ASP D 369 1.86 -17.53 -18.70
CA ASP D 369 0.68 -17.78 -19.52
C ASP D 369 0.55 -19.24 -19.93
N CYS D 370 1.68 -19.92 -20.17
CA CYS D 370 1.71 -21.31 -20.60
C CYS D 370 2.77 -22.07 -19.84
N ILE D 371 2.51 -23.36 -19.61
CA ILE D 371 3.52 -24.30 -19.12
C ILE D 371 3.76 -25.33 -20.21
N MET D 372 4.90 -26.04 -20.13
CA MET D 372 5.38 -26.88 -21.23
C MET D 372 5.86 -28.23 -20.72
N LEU D 373 5.70 -29.24 -21.58
CA LEU D 373 6.26 -30.57 -21.39
C LEU D 373 7.10 -30.92 -22.62
N SER D 374 8.27 -31.55 -22.40
CA SER D 374 9.16 -31.89 -23.49
C SER D 374 9.27 -33.42 -23.54
N GLY D 375 10.33 -34.01 -22.98
CA GLY D 375 10.43 -35.47 -23.00
C GLY D 375 9.25 -36.14 -22.35
N GLU D 376 8.62 -35.47 -21.36
CA GLU D 376 7.49 -36.04 -20.63
C GLU D 376 6.36 -36.46 -21.55
N THR D 377 6.18 -35.76 -22.68
CA THR D 377 5.20 -36.16 -23.68
C THR D 377 5.84 -36.64 -24.98
N ALA D 378 7.04 -36.16 -25.32
CA ALA D 378 7.68 -36.55 -26.56
C ALA D 378 8.17 -37.99 -26.51
N LYS D 379 8.81 -38.37 -25.41
CA LYS D 379 9.47 -39.66 -25.30
C LYS D 379 9.06 -40.52 -24.11
N GLY D 380 8.46 -39.95 -23.06
CA GLY D 380 8.22 -40.68 -21.83
C GLY D 380 7.15 -41.76 -21.95
N ASN D 381 6.98 -42.51 -20.86
CA ASN D 381 5.99 -43.57 -20.82
C ASN D 381 4.64 -43.12 -20.29
N PHE D 382 4.52 -41.85 -19.89
CA PHE D 382 3.27 -41.34 -19.30
C PHE D 382 2.97 -39.93 -19.83
N PRO D 383 2.83 -39.77 -21.16
CA PRO D 383 2.57 -38.42 -21.72
C PRO D 383 1.19 -37.88 -21.35
N VAL D 384 0.16 -38.73 -21.47
CA VAL D 384 -1.19 -38.31 -21.11
C VAL D 384 -1.28 -37.97 -19.62
N GLU D 385 -0.62 -38.78 -18.78
CA GLU D 385 -0.63 -38.54 -17.36
C GLU D 385 0.11 -37.25 -17.01
N ALA D 386 1.19 -36.95 -17.72
CA ALA D 386 1.89 -35.70 -17.51
C ALA D 386 0.99 -34.50 -17.85
N VAL D 387 0.27 -34.58 -18.97
CA VAL D 387 -0.69 -33.50 -19.31
C VAL D 387 -1.72 -33.35 -18.20
N LYS D 388 -2.31 -34.48 -17.77
CA LYS D 388 -3.35 -34.44 -16.73
C LYS D 388 -2.82 -33.84 -15.44
N MET D 389 -1.57 -34.14 -15.10
CA MET D 389 -0.99 -33.60 -13.88
C MET D 389 -0.78 -32.10 -13.98
N GLN D 390 -0.24 -31.61 -15.11
CA GLN D 390 -0.09 -30.18 -15.28
C GLN D 390 -1.45 -29.49 -15.23
N HIS D 391 -2.47 -30.12 -15.80
CA HIS D 391 -3.83 -29.57 -15.72
C HIS D 391 -4.28 -29.42 -14.27
N ALA D 392 -4.12 -30.48 -13.48
CA ALA D 392 -4.59 -30.42 -12.08
C ALA D 392 -3.84 -29.35 -11.28
N ILE D 393 -2.51 -29.35 -11.36
CA ILE D 393 -1.73 -28.36 -10.63
C ILE D 393 -2.13 -26.96 -11.05
N ALA D 394 -2.24 -26.73 -12.37
CA ALA D 394 -2.51 -25.38 -12.85
C ALA D 394 -3.84 -24.87 -12.32
N ARG D 395 -4.86 -25.73 -12.30
CA ARG D 395 -6.17 -25.33 -11.74
C ARG D 395 -6.04 -24.87 -10.29
N GLU D 396 -5.38 -25.68 -9.46
CA GLU D 396 -5.22 -25.30 -8.06
C GLU D 396 -4.46 -23.98 -7.92
N ALA D 397 -3.38 -23.81 -8.68
CA ALA D 397 -2.54 -22.62 -8.54
C ALA D 397 -3.26 -21.39 -9.04
N GLU D 398 -3.99 -21.50 -10.14
CA GLU D 398 -4.77 -20.36 -10.62
C GLU D 398 -5.79 -19.92 -9.58
N ALA D 399 -6.44 -20.90 -8.93
CA ALA D 399 -7.37 -20.53 -7.86
C ALA D 399 -6.65 -19.81 -6.72
N ALA D 400 -5.39 -20.16 -6.48
CA ALA D 400 -4.59 -19.57 -5.41
C ALA D 400 -3.97 -18.21 -5.77
N VAL D 401 -4.25 -17.65 -6.95
CA VAL D 401 -3.70 -16.34 -7.30
C VAL D 401 -4.27 -15.26 -6.39
N TYR D 402 -3.42 -14.30 -5.98
CA TYR D 402 -3.85 -13.19 -5.12
C TYR D 402 -4.33 -12.03 -5.99
N HIS D 403 -5.55 -12.17 -6.50
CA HIS D 403 -6.03 -11.23 -7.52
C HIS D 403 -6.07 -9.79 -7.03
N ARG D 404 -6.31 -9.57 -5.73
CA ARG D 404 -6.40 -8.22 -5.19
C ARG D 404 -5.11 -7.43 -5.49
N GLN D 405 -3.97 -7.93 -5.01
CA GLN D 405 -2.72 -7.21 -5.23
C GLN D 405 -2.29 -7.27 -6.69
N LEU D 406 -2.51 -8.41 -7.35
CA LEU D 406 -2.07 -8.55 -8.74
C LEU D 406 -2.76 -7.53 -9.62
N PHE D 407 -4.08 -7.44 -9.53
CA PHE D 407 -4.83 -6.46 -10.30
C PHE D 407 -4.42 -5.04 -9.94
N GLU D 408 -4.26 -4.75 -8.64
CA GLU D 408 -3.89 -3.38 -8.27
C GLU D 408 -2.54 -3.00 -8.86
N GLU D 409 -1.56 -3.89 -8.79
CA GLU D 409 -0.22 -3.56 -9.28
C GLU D 409 -0.20 -3.52 -10.81
N LEU D 410 -0.93 -4.42 -11.46
CA LEU D 410 -0.97 -4.41 -12.92
C LEU D 410 -1.66 -3.15 -13.45
N ARG D 411 -2.74 -2.73 -12.81
CA ARG D 411 -3.39 -1.49 -13.23
C ARG D 411 -2.50 -0.29 -12.93
N ARG D 412 -1.80 -0.30 -11.80
CA ARG D 412 -0.97 0.85 -11.45
C ARG D 412 0.28 0.94 -12.32
N ALA D 413 0.73 -0.18 -12.86
CA ALA D 413 1.95 -0.20 -13.68
C ALA D 413 1.67 -0.03 -15.16
N ALA D 414 0.49 -0.41 -15.62
CA ALA D 414 0.14 -0.25 -17.03
C ALA D 414 -0.10 1.23 -17.34
N PRO D 415 0.45 1.75 -18.42
CA PRO D 415 0.30 3.18 -18.70
C PRO D 415 -1.13 3.53 -19.09
N LEU D 416 -1.46 4.80 -18.90
CA LEU D 416 -2.72 5.31 -19.42
C LEU D 416 -2.80 5.00 -20.90
N SER D 417 -4.04 4.83 -21.38
CA SER D 417 -4.29 4.43 -22.75
C SER D 417 -5.55 5.11 -23.27
N ARG D 418 -5.50 5.55 -24.52
CA ARG D 418 -6.67 6.08 -25.23
C ARG D 418 -7.27 5.09 -26.21
N ASP D 419 -6.75 3.87 -26.25
CA ASP D 419 -7.27 2.85 -27.16
C ASP D 419 -8.58 2.32 -26.59
N PRO D 420 -9.70 2.43 -27.32
CA PRO D 420 -10.97 1.99 -26.74
C PRO D 420 -11.01 0.50 -26.40
N THR D 421 -10.28 -0.35 -27.12
CA THR D 421 -10.28 -1.77 -26.76
C THR D 421 -9.71 -1.99 -25.35
N GLU D 422 -8.60 -1.33 -25.01
CA GLU D 422 -8.00 -1.52 -23.68
C GLU D 422 -8.81 -0.85 -22.58
N VAL D 423 -9.39 0.32 -22.87
CA VAL D 423 -10.29 0.98 -21.91
C VAL D 423 -11.46 0.06 -21.58
N THR D 424 -12.12 -0.47 -22.62
CA THR D 424 -13.21 -1.44 -22.40
C THR D 424 -12.73 -2.65 -21.63
N ALA D 425 -11.53 -3.15 -21.95
CA ALA D 425 -10.98 -4.34 -21.32
C ALA D 425 -10.80 -4.16 -19.82
N ILE D 426 -10.18 -3.04 -19.41
CA ILE D 426 -9.98 -2.86 -17.98
C ILE D 426 -11.33 -2.69 -17.28
N GLY D 427 -12.27 -1.97 -17.91
CA GLY D 427 -13.60 -1.84 -17.32
C GLY D 427 -14.31 -3.16 -17.18
N ALA D 428 -14.18 -4.02 -18.19
CA ALA D 428 -14.85 -5.31 -18.12
C ALA D 428 -14.21 -6.20 -17.03
N VAL D 429 -12.88 -6.14 -16.85
CA VAL D 429 -12.26 -6.93 -15.78
C VAL D 429 -12.73 -6.42 -14.41
N GLU D 430 -12.76 -5.11 -14.23
CA GLU D 430 -13.24 -4.52 -12.99
C GLU D 430 -14.68 -4.95 -12.70
N ALA D 431 -15.54 -4.91 -13.72
CA ALA D 431 -16.94 -5.35 -13.55
C ALA D 431 -17.02 -6.82 -13.17
N ALA D 432 -16.27 -7.67 -13.88
CA ALA D 432 -16.28 -9.10 -13.58
C ALA D 432 -15.85 -9.36 -12.15
N PHE D 433 -14.84 -8.63 -11.68
CA PHE D 433 -14.44 -8.77 -10.28
C PHE D 433 -15.53 -8.28 -9.35
N LYS D 434 -16.25 -7.24 -9.76
CA LYS D 434 -17.27 -6.68 -8.90
C LYS D 434 -18.41 -7.67 -8.64
N CYS D 435 -18.79 -8.47 -9.65
CA CYS D 435 -19.95 -9.35 -9.48
C CYS D 435 -19.60 -10.84 -9.40
N CYS D 436 -18.31 -11.19 -9.33
CA CYS D 436 -17.88 -12.59 -9.39
C CYS D 436 -18.45 -13.25 -10.64
N ALA D 437 -18.31 -12.55 -11.76
CA ALA D 437 -18.81 -13.04 -13.03
C ALA D 437 -18.19 -14.40 -13.37
N ALA D 438 -19.00 -15.30 -13.93
CA ALA D 438 -18.49 -16.61 -14.29
C ALA D 438 -17.57 -16.55 -15.50
N ALA D 439 -17.75 -15.55 -16.38
CA ALA D 439 -16.94 -15.42 -17.58
C ALA D 439 -17.07 -13.99 -18.09
N ILE D 440 -16.10 -13.60 -18.92
CA ILE D 440 -16.17 -12.43 -19.79
C ILE D 440 -16.18 -12.96 -21.22
N ILE D 441 -17.26 -12.71 -21.96
CA ILE D 441 -17.44 -13.18 -23.33
C ILE D 441 -17.10 -12.05 -24.28
N VAL D 442 -16.16 -12.27 -25.20
CA VAL D 442 -15.64 -11.23 -26.09
C VAL D 442 -15.63 -11.73 -27.54
N LEU D 443 -16.04 -10.87 -28.48
CA LEU D 443 -15.89 -11.16 -29.90
C LEU D 443 -14.54 -10.63 -30.37
N THR D 444 -13.81 -11.46 -31.12
CA THR D 444 -12.49 -11.03 -31.54
C THR D 444 -12.17 -11.65 -32.88
N THR D 445 -11.53 -10.87 -33.75
CA THR D 445 -11.10 -11.32 -35.07
C THR D 445 -9.67 -11.82 -35.04
N THR D 446 -8.79 -11.07 -34.38
CA THR D 446 -7.38 -11.40 -34.33
C THR D 446 -6.98 -12.00 -32.99
N GLY D 447 -7.87 -12.00 -32.01
CA GLY D 447 -7.50 -12.34 -30.65
C GLY D 447 -7.20 -11.13 -29.80
N ARG D 448 -7.02 -9.95 -30.42
CA ARG D 448 -6.46 -8.83 -29.67
C ARG D 448 -7.32 -8.43 -28.47
N SER D 449 -8.64 -8.32 -28.66
CA SER D 449 -9.50 -7.89 -27.53
C SER D 449 -9.43 -8.89 -26.37
N ALA D 450 -9.37 -10.18 -26.69
CA ALA D 450 -9.22 -11.18 -25.62
C ALA D 450 -7.88 -11.06 -24.92
N GLN D 451 -6.81 -10.74 -25.66
CA GLN D 451 -5.52 -10.59 -25.02
C GLN D 451 -5.51 -9.41 -24.08
N LEU D 452 -6.15 -8.31 -24.49
CA LEU D 452 -6.20 -7.15 -23.61
C LEU D 452 -7.03 -7.45 -22.36
N LEU D 453 -8.03 -8.33 -22.47
CA LEU D 453 -8.68 -8.81 -21.25
C LEU D 453 -7.73 -9.67 -20.40
N SER D 454 -6.99 -10.57 -21.03
CA SER D 454 -6.13 -11.48 -20.27
C SER D 454 -5.04 -10.73 -19.53
N ARG D 455 -4.61 -9.60 -20.09
CA ARG D 455 -3.49 -8.84 -19.53
C ARG D 455 -3.76 -8.38 -18.10
N TYR D 456 -5.03 -8.21 -17.73
CA TYR D 456 -5.39 -7.78 -16.38
C TYR D 456 -5.71 -8.95 -15.45
N ARG D 457 -5.54 -10.19 -15.93
CA ARG D 457 -5.64 -11.38 -15.09
C ARG D 457 -6.95 -11.47 -14.34
N PRO D 458 -8.09 -11.56 -15.03
CA PRO D 458 -9.36 -11.75 -14.33
C PRO D 458 -9.48 -13.15 -13.78
N ARG D 459 -10.21 -13.27 -12.66
CA ARG D 459 -10.59 -14.59 -12.20
C ARG D 459 -11.60 -15.23 -13.15
N ALA D 460 -12.48 -14.42 -13.72
CA ALA D 460 -13.48 -14.92 -14.64
C ALA D 460 -12.80 -15.38 -15.93
N ALA D 461 -13.29 -16.50 -16.48
CA ALA D 461 -12.84 -17.00 -17.77
C ALA D 461 -13.13 -16.00 -18.89
N VAL D 462 -12.20 -15.87 -19.83
CA VAL D 462 -12.41 -15.01 -20.99
C VAL D 462 -12.77 -15.92 -22.16
N ILE D 463 -14.06 -16.01 -22.46
CA ILE D 463 -14.57 -16.86 -23.53
C ILE D 463 -14.50 -16.03 -24.81
N ALA D 464 -13.62 -16.42 -25.73
CA ALA D 464 -13.36 -15.62 -26.91
C ALA D 464 -13.98 -16.32 -28.13
N VAL D 465 -15.03 -15.71 -28.69
CA VAL D 465 -15.72 -16.22 -29.87
C VAL D 465 -15.12 -15.58 -31.11
N THR D 466 -14.69 -16.42 -32.06
CA THR D 466 -14.01 -15.95 -33.27
C THR D 466 -14.36 -16.87 -34.44
N ARG D 467 -14.35 -16.30 -35.65
CA ARG D 467 -14.45 -17.08 -36.89
C ARG D 467 -13.08 -17.44 -37.44
N SER D 468 -12.01 -16.82 -36.94
CA SER D 468 -10.67 -17.09 -37.45
C SER D 468 -10.13 -18.33 -36.75
N ALA D 469 -9.96 -19.42 -37.51
CA ALA D 469 -9.41 -20.63 -36.91
C ALA D 469 -8.00 -20.39 -36.36
N GLN D 470 -7.16 -19.65 -37.10
CA GLN D 470 -5.81 -19.41 -36.62
C GLN D 470 -5.80 -18.54 -35.37
N ALA D 471 -6.70 -17.55 -35.30
CA ALA D 471 -6.76 -16.74 -34.08
C ALA D 471 -7.25 -17.58 -32.92
N ALA D 472 -8.22 -18.48 -33.18
CA ALA D 472 -8.68 -19.40 -32.15
C ALA D 472 -7.56 -20.32 -31.66
N ARG D 473 -6.65 -20.71 -32.55
CA ARG D 473 -5.52 -21.53 -32.10
C ARG D 473 -4.48 -20.67 -31.35
N GLN D 474 -4.19 -19.46 -31.86
CA GLN D 474 -3.09 -18.66 -31.33
C GLN D 474 -3.41 -18.03 -29.99
N VAL D 475 -4.69 -17.76 -29.73
CA VAL D 475 -5.08 -17.14 -28.47
C VAL D 475 -4.86 -18.06 -27.27
N HIS D 476 -4.52 -19.32 -27.52
CA HIS D 476 -4.12 -20.20 -26.43
C HIS D 476 -2.86 -19.69 -25.73
N LEU D 477 -2.13 -18.76 -26.36
CA LEU D 477 -0.93 -18.22 -25.73
C LEU D 477 -1.24 -17.33 -24.52
N CYS D 478 -2.46 -16.82 -24.39
CA CYS D 478 -2.84 -15.85 -23.36
C CYS D 478 -3.64 -16.51 -22.25
N ARG D 479 -3.18 -16.33 -21.01
CA ARG D 479 -3.82 -16.99 -19.88
C ARG D 479 -5.29 -16.59 -19.79
N GLY D 480 -6.13 -17.60 -19.56
CA GLY D 480 -7.52 -17.35 -19.29
C GLY D 480 -8.40 -17.18 -20.50
N VAL D 481 -7.86 -17.28 -21.70
CA VAL D 481 -8.65 -17.14 -22.92
C VAL D 481 -9.01 -18.53 -23.45
N PHE D 482 -10.31 -18.78 -23.53
CA PHE D 482 -10.87 -20.03 -24.03
C PHE D 482 -11.47 -19.78 -25.40
N PRO D 483 -10.82 -20.23 -26.47
CA PRO D 483 -11.29 -19.92 -27.82
C PRO D 483 -12.42 -20.83 -28.30
N LEU D 484 -13.42 -20.21 -28.91
CA LEU D 484 -14.50 -20.94 -29.57
C LEU D 484 -14.51 -20.50 -31.03
N LEU D 485 -14.48 -21.49 -31.93
CA LEU D 485 -14.53 -21.23 -33.37
C LEU D 485 -15.98 -21.24 -33.85
N TYR D 486 -16.48 -20.08 -34.25
CA TYR D 486 -17.81 -19.97 -34.80
C TYR D 486 -17.75 -20.31 -36.28
N ARG D 487 -18.71 -21.11 -36.75
CA ARG D 487 -18.71 -21.60 -38.14
C ARG D 487 -19.89 -21.15 -38.98
N GLU D 488 -20.98 -20.70 -38.36
CA GLU D 488 -22.21 -20.38 -39.10
C GLU D 488 -22.01 -19.17 -40.03
N PRO D 489 -22.61 -19.19 -41.23
CA PRO D 489 -22.45 -18.07 -42.14
C PRO D 489 -23.00 -16.77 -41.51
N PRO D 490 -22.44 -15.63 -41.89
CA PRO D 490 -22.92 -14.35 -41.32
C PRO D 490 -24.40 -14.10 -41.54
N GLU D 491 -25.07 -13.62 -40.48
CA GLU D 491 -26.46 -13.23 -40.59
C GLU D 491 -26.59 -12.02 -41.53
N ALA D 492 -27.81 -11.84 -42.05
CA ALA D 492 -28.05 -10.71 -42.96
C ALA D 492 -27.84 -9.37 -42.24
N ILE D 493 -28.28 -9.25 -40.99
CA ILE D 493 -28.12 -8.03 -40.21
C ILE D 493 -26.98 -8.25 -39.22
N TRP D 494 -25.96 -7.38 -39.29
CA TRP D 494 -24.75 -7.54 -38.48
C TRP D 494 -25.08 -7.69 -37.01
N ALA D 495 -26.07 -6.94 -36.51
CA ALA D 495 -26.43 -7.00 -35.09
C ALA D 495 -26.96 -8.38 -34.72
N ASP D 496 -27.76 -8.98 -35.61
CA ASP D 496 -28.18 -10.36 -35.38
C ASP D 496 -26.99 -11.30 -35.35
N ASP D 497 -25.97 -11.07 -36.19
CA ASP D 497 -24.80 -11.93 -36.22
C ASP D 497 -23.98 -11.80 -34.92
N VAL D 498 -23.81 -10.58 -34.43
CA VAL D 498 -23.14 -10.35 -33.14
C VAL D 498 -23.88 -11.08 -32.02
N ASP D 499 -25.21 -10.89 -31.94
CA ASP D 499 -25.99 -11.53 -30.89
C ASP D 499 -25.90 -13.06 -31.00
N ARG D 500 -25.89 -13.60 -32.22
CA ARG D 500 -25.80 -15.04 -32.39
C ARG D 500 -24.45 -15.56 -31.93
N ARG D 501 -23.38 -14.80 -32.17
CA ARG D 501 -22.08 -15.22 -31.66
C ARG D 501 -22.02 -15.14 -30.14
N VAL D 502 -22.72 -14.16 -29.56
CA VAL D 502 -22.77 -14.10 -28.10
C VAL D 502 -23.51 -15.30 -27.54
N GLN D 503 -24.63 -15.65 -28.16
CA GLN D 503 -25.38 -16.82 -27.70
C GLN D 503 -24.58 -18.10 -27.91
N PHE D 504 -23.76 -18.15 -28.96
CA PHE D 504 -22.89 -19.30 -29.19
C PHE D 504 -21.90 -19.46 -28.05
N GLY D 505 -21.27 -18.35 -27.65
CA GLY D 505 -20.41 -18.41 -26.47
C GLY D 505 -21.15 -18.86 -25.22
N ILE D 506 -22.36 -18.35 -25.03
CA ILE D 506 -23.15 -18.71 -23.86
C ILE D 506 -23.41 -20.21 -23.82
N GLU D 507 -23.85 -20.76 -24.96
CA GLU D 507 -24.22 -22.16 -25.02
C GLU D 507 -23.00 -23.07 -24.94
N SER D 508 -21.87 -22.67 -25.52
CA SER D 508 -20.63 -23.43 -25.36
C SER D 508 -20.21 -23.45 -23.90
N GLY D 509 -20.29 -22.30 -23.21
CA GLY D 509 -19.97 -22.28 -21.79
C GLY D 509 -20.91 -23.14 -20.97
N LYS D 510 -22.19 -23.14 -21.33
CA LYS D 510 -23.16 -23.97 -20.62
C LYS D 510 -22.85 -25.45 -20.80
N LEU D 511 -22.61 -25.88 -22.04
CA LEU D 511 -22.32 -27.29 -22.30
C LEU D 511 -21.00 -27.71 -21.65
N ARG D 512 -19.99 -26.85 -21.69
CA ARG D 512 -18.71 -27.20 -21.10
C ARG D 512 -18.73 -27.11 -19.57
N GLY D 513 -19.84 -26.68 -18.99
CA GLY D 513 -20.04 -26.69 -17.56
C GLY D 513 -19.57 -25.46 -16.79
N PHE D 514 -19.05 -24.42 -17.45
CA PHE D 514 -18.65 -23.25 -16.67
C PHE D 514 -19.68 -22.13 -16.67
N LEU D 515 -20.80 -22.30 -17.35
CA LEU D 515 -21.88 -21.33 -17.36
C LEU D 515 -23.17 -22.06 -17.00
N ARG D 516 -23.97 -21.44 -16.15
CA ARG D 516 -25.24 -22.02 -15.69
C ARG D 516 -26.30 -20.93 -15.73
N VAL D 517 -27.58 -21.32 -15.78
CA VAL D 517 -28.62 -20.28 -15.84
C VAL D 517 -28.63 -19.55 -14.51
N GLY D 518 -28.72 -18.22 -14.57
CA GLY D 518 -28.64 -17.37 -13.39
C GLY D 518 -27.29 -16.72 -13.19
N ASP D 519 -26.26 -17.21 -13.89
CA ASP D 519 -24.95 -16.59 -13.80
C ASP D 519 -24.95 -15.16 -14.31
N LEU D 520 -23.97 -14.39 -13.84
CA LEU D 520 -23.68 -13.10 -14.43
C LEU D 520 -22.49 -13.23 -15.37
N VAL D 521 -22.54 -12.54 -16.50
CA VAL D 521 -21.44 -12.52 -17.46
C VAL D 521 -21.20 -11.09 -17.93
N ILE D 522 -19.95 -10.82 -18.32
CA ILE D 522 -19.58 -9.58 -18.96
C ILE D 522 -19.37 -9.86 -20.45
N VAL D 523 -20.00 -9.06 -21.31
CA VAL D 523 -19.95 -9.27 -22.76
C VAL D 523 -19.34 -8.05 -23.40
N VAL D 524 -18.28 -8.27 -24.19
CA VAL D 524 -17.46 -7.21 -24.77
C VAL D 524 -17.59 -7.27 -26.27
N THR D 525 -18.06 -6.19 -26.89
CA THR D 525 -18.26 -6.16 -28.34
C THR D 525 -17.79 -4.81 -28.90
N GLY D 526 -18.06 -4.62 -30.20
CA GLY D 526 -17.63 -3.43 -30.90
C GLY D 526 -18.77 -2.80 -31.67
N TRP D 527 -18.53 -1.57 -32.14
CA TRP D 527 -19.59 -0.78 -32.74
C TRP D 527 -19.72 -0.96 -34.24
N ARG D 528 -18.77 -1.64 -34.88
CA ARG D 528 -18.80 -1.88 -36.32
C ARG D 528 -17.98 -3.13 -36.61
N PRO D 529 -18.18 -3.77 -37.77
CA PRO D 529 -17.40 -4.98 -38.09
C PRO D 529 -15.93 -4.64 -38.31
N GLY D 530 -15.10 -5.69 -38.31
CA GLY D 530 -13.68 -5.49 -38.48
C GLY D 530 -12.94 -5.38 -37.16
N SER D 531 -11.67 -5.76 -37.18
CA SER D 531 -10.84 -5.69 -35.98
C SER D 531 -10.58 -4.25 -35.58
N GLY D 532 -10.49 -4.02 -34.27
CA GLY D 532 -10.03 -2.74 -33.75
C GLY D 532 -11.11 -1.79 -33.23
N TYR D 533 -12.36 -2.21 -33.22
CA TYR D 533 -13.47 -1.33 -32.87
C TYR D 533 -14.20 -1.81 -31.61
N THR D 534 -13.52 -2.58 -30.76
CA THR D 534 -14.11 -2.98 -29.49
C THR D 534 -14.31 -1.76 -28.59
N ASN D 535 -15.53 -1.57 -28.09
CA ASN D 535 -15.74 -0.39 -27.25
C ASN D 535 -16.98 -0.48 -26.36
N ILE D 536 -17.54 -1.67 -26.20
CA ILE D 536 -18.80 -1.88 -25.49
C ILE D 536 -18.62 -2.97 -24.45
N MET D 537 -19.09 -2.70 -23.24
CA MET D 537 -19.15 -3.69 -22.16
C MET D 537 -20.56 -3.76 -21.62
N ARG D 538 -21.13 -4.97 -21.54
CA ARG D 538 -22.49 -5.12 -21.07
C ARG D 538 -22.55 -6.14 -19.94
N VAL D 539 -23.48 -5.93 -19.02
CA VAL D 539 -23.72 -6.83 -17.90
C VAL D 539 -24.98 -7.63 -18.22
N LEU D 540 -24.84 -8.95 -18.35
CA LEU D 540 -25.93 -9.83 -18.77
C LEU D 540 -26.14 -10.96 -17.78
N SER D 541 -27.42 -11.37 -17.64
CA SER D 541 -27.77 -12.55 -16.88
C SER D 541 -28.02 -13.71 -17.83
N ILE D 542 -27.66 -14.91 -17.39
CA ILE D 542 -27.86 -16.14 -18.16
C ILE D 542 -29.25 -16.74 -17.87
#